data_5H53
#
_entry.id   5H53
#
loop_
_entity.id
_entity.type
_entity.pdbx_description
1 polymer 'Skeletal muscle myosin heavy chain MyHC-EO/IIL'
2 polymer 'Myosin regulatory light chain 2, skeletal muscle isoform type 1'
3 polymer 'Myosin light chain 1/3, skeletal muscle isoform'
4 polymer 'Actin, alpha skeletal muscle'
5 non-polymer "ADENOSINE-5'-DIPHOSPHATE"
#
loop_
_entity_poly.entity_id
_entity_poly.type
_entity_poly.pdbx_seq_one_letter_code
_entity_poly.pdbx_strand_id
1 'polypeptide(L)'
;MSSDAEMAIFGEAAPYLRKPEKERIEAQNRPFDSKKACFAVDDKEMYVKGMIQSRENDKVTVKTLDDRTLTLNSDQVFPM
NPPKFDKIEDMAMMTHLHEPAVLYNLKERYAAWMIYTYSGLFCVTVNPYKWLPVYNPEVVTAYRGKKRQEAPPHIFSISD
NAYQFMLTDRDNQSILITGESGAGKTVNTKRVIQYFATIAVTGDKKKEQQPGKMQGTLEDQIIQANPLLEAFGNAKTVRN
DNSSRFGKFIRIHFGATGKLASADIETYLLEKSRVTFQLSSERSYHIFYQIMSNKKPELIDLLLISTNPFDFPFVSQGEV
TVASIDDSEELLATDNAIDILGFSSEEKVGIYKLTGAVMHYGNMKFKQKQREEQAEPDGTEVADKAGYLMGLNSAEMLKG
LCCPRVKVGNEYVTKGQNVQQVTNSVGALAKAVYEKMFLWMVTRINQQLDTKQPRQYFIGVLDIAGFEIFDFNSLEQLCI
NFTNEKLQQFFNHHMFVLEQEEYKKEGIEWEFIDFGMDLAACIELIEKPMGIFSILEEECMFPKATDTSFKNKLYDQHLG
KSNNFQKPKPAKGKAEAHFSLVHYAGTVDYNIAGWLDKNKDPLNETVVGLYQKSALKLLSFLFSNYAGAEAGDSGGSKKG
GKKKGSSFQTVSAVFRENLNKLMTNLRSTHPHFVRCLIPNETKTPGVMDHYLVMHQLRCNGVLEGIRICRKGFPSRILYA
DFKQRYRILNASAIPEGQFIDSKNASEKLLNSIDVDREQYRFGHTKVFFKAGLLGLLEEMRDEKLVTLMTRTQALCRGYL
MRVEFKKMMERRDSIFCIQYNIRAFMNVKHWPWMNLFFKIKPLLK
;
A
2 'polypeptide(L)'
;QTQIQEFKEAFTVIDQNRDGIIDKEDLRDTFAAMGRLNVKNEELDAMMKEASGPINFTVFLTMFGEKLKGADPEDVITGA
FKVLDPEGKGTIKKQFLEELLITQCDRFSQEEIKNMWAAFSPDVGGNVDYKNICYVITHGDAKDQE
;
B
3 'polypeptide(L)'
;IKIEFSKEQQDEFKEAFLLYDRTGDSKITLSQVGDVLRALGTNPTNAEVKKVLGNPSNEEMNAKKIEFEQFLPMLQAISN
NKDQGTYEDFVEGLRVFDKEGNGTVMGAELRHVLATLGEKMKEEEVEALMAGQEDSNGCINYEAFVKHIMSID
;
C
4 'polypeptide(L)'
;DEDETTALVCDNGSGLVKAGFAGDDAPRAVFPSIVGRPRHQGVMVGMGQKDSYVGDEAQSKRGILTLKYPIE(HIC)GII
TNWDDMEKIWHHTFYNELRVAPEEHPTLLTEAPLNPKANREKMTQIMFETFNVPAMYVAIQAVLSLYASGRTTGIVLDSG
DGVTHNVPIYEGYALPHAIMRLDLAGRDLTDYLMKILTERGYSFVTTAEREIVRDIKEKLCYVALDFENEMATAASSSSL
EKSYELPDGQVITIGNERFRCPETLFQPSFIGMESAGIHETTYNSIMKCDIDIRKDLYANNVMSGGTTMYPGIADRMQKE
ITALAPSTMKIKIIAPPERKYSVWIGGSILASLSTFQQMWITKQEYDEAGPSIVHRKCF
;
D,E
#
loop_
_chem_comp.id
_chem_comp.type
_chem_comp.name
_chem_comp.formula
ADP non-polymer ADENOSINE-5'-DIPHOSPHATE 'C10 H15 N5 O10 P2'
#
# COMPACT_ATOMS: atom_id res chain seq x y z
N MET A 1 10.22 23.09 42.83
CA MET A 1 11.06 24.21 42.38
C MET A 1 11.42 24.02 40.93
N SER A 2 11.90 25.05 40.25
CA SER A 2 12.27 24.95 38.88
C SER A 2 12.35 23.52 38.56
N SER A 3 11.95 23.21 37.30
CA SER A 3 11.98 21.93 36.67
C SER A 3 10.61 21.79 36.08
N ASP A 4 10.41 20.93 35.08
CA ASP A 4 9.09 20.96 34.53
C ASP A 4 8.32 19.87 35.19
N ALA A 5 7.73 20.22 36.35
CA ALA A 5 7.36 19.20 37.28
C ALA A 5 6.54 19.86 38.35
N GLU A 6 5.60 19.13 39.00
CA GLU A 6 4.83 19.89 39.94
C GLU A 6 4.51 19.04 41.15
N MET A 7 4.05 19.77 42.19
CA MET A 7 3.63 19.10 43.37
C MET A 7 4.84 18.55 44.00
N ALA A 8 4.89 17.20 43.84
CA ALA A 8 5.89 16.46 44.58
C ALA A 8 6.51 15.51 43.61
N ILE A 9 7.83 15.58 43.43
CA ILE A 9 8.45 14.77 42.45
C ILE A 9 8.35 13.36 42.89
N PHE A 10 8.72 13.17 44.17
CA PHE A 10 9.03 11.94 44.80
C PHE A 10 7.80 11.11 44.93
N GLY A 11 6.66 11.76 45.25
CA GLY A 11 5.49 11.02 45.63
C GLY A 11 5.12 10.11 44.51
N GLU A 12 4.63 8.90 44.89
CA GLU A 12 4.55 7.73 44.06
C GLU A 12 3.57 7.91 42.95
N ALA A 13 2.54 8.75 43.13
CA ALA A 13 1.57 8.93 42.09
C ALA A 13 2.34 9.43 40.91
N ALA A 14 3.33 10.28 41.20
CA ALA A 14 4.10 10.97 40.19
C ALA A 14 4.76 10.00 39.25
N PRO A 15 5.44 8.97 39.67
CA PRO A 15 6.48 8.43 38.85
C PRO A 15 6.09 7.96 37.48
N TYR A 16 4.85 7.54 37.24
CA TYR A 16 4.65 7.16 35.89
C TYR A 16 4.60 8.41 35.10
N LEU A 17 3.86 9.38 35.65
CA LEU A 17 3.61 10.65 35.04
C LEU A 17 4.84 11.52 34.97
N ARG A 18 5.50 11.76 36.13
CA ARG A 18 6.33 12.94 36.35
C ARG A 18 7.67 12.98 35.65
N LYS A 19 8.48 11.94 35.90
CA LYS A 19 9.91 12.04 36.08
C LYS A 19 10.25 12.99 37.18
N PRO A 20 11.18 12.48 37.95
CA PRO A 20 11.80 13.17 39.06
C PRO A 20 12.63 14.31 38.56
N GLU A 21 12.78 15.37 39.36
CA GLU A 21 13.43 16.54 38.85
C GLU A 21 14.82 16.17 38.45
N LYS A 22 15.49 15.33 39.27
CA LYS A 22 16.85 15.01 39.01
C LYS A 22 16.94 14.27 37.71
N GLU A 23 16.02 13.33 37.47
CA GLU A 23 16.16 12.54 36.28
C GLU A 23 16.04 13.43 35.09
N ARG A 24 15.10 14.40 35.13
CA ARG A 24 14.92 15.27 34.01
C ARG A 24 16.19 16.01 33.80
N ILE A 25 16.78 16.55 34.89
CA ILE A 25 17.86 17.47 34.75
C ILE A 25 19.03 16.76 34.12
N GLU A 26 19.30 15.52 34.54
CA GLU A 26 20.39 14.81 33.94
C GLU A 26 20.08 14.63 32.50
N ALA A 27 18.80 14.36 32.19
CA ALA A 27 18.41 13.98 30.86
C ALA A 27 18.72 15.10 29.90
N GLN A 28 18.35 16.35 30.24
CA GLN A 28 18.30 17.34 29.20
C GLN A 28 19.66 17.71 28.68
N ASN A 29 20.73 17.73 29.50
CA ASN A 29 21.96 18.05 28.83
C ASN A 29 22.88 16.87 28.80
N ARG A 30 22.52 15.84 28.00
CA ARG A 30 23.50 14.85 27.63
C ARG A 30 24.13 15.36 26.37
N PRO A 31 25.25 14.82 25.95
CA PRO A 31 26.02 15.40 24.90
C PRO A 31 25.18 15.35 23.66
N PHE A 32 25.42 16.24 22.69
CA PHE A 32 24.74 15.99 21.47
C PHE A 32 25.23 16.96 20.43
N ASP A 33 25.66 16.44 19.27
CA ASP A 33 25.77 17.28 18.11
C ASP A 33 25.08 16.57 17.00
N SER A 34 24.23 17.33 16.28
CA SER A 34 23.37 16.81 15.27
C SER A 34 24.22 16.24 14.18
N LYS A 35 25.36 16.89 13.92
CA LYS A 35 26.05 16.73 12.67
C LYS A 35 26.43 15.29 12.47
N LYS A 36 27.26 14.72 13.36
CA LYS A 36 27.60 13.33 13.23
C LYS A 36 26.45 12.48 13.64
N ALA A 37 25.94 12.73 14.86
CA ALA A 37 25.21 11.69 15.51
C ALA A 37 23.97 11.48 14.74
N CYS A 38 23.65 10.21 14.46
CA CYS A 38 22.55 10.01 13.59
C CYS A 38 22.06 8.64 13.77
N PHE A 39 21.31 8.22 12.73
CA PHE A 39 20.68 6.94 12.68
C PHE A 39 21.09 6.35 11.38
N ALA A 40 21.35 5.03 11.39
CA ALA A 40 21.64 4.36 10.16
C ALA A 40 20.73 3.17 10.13
N VAL A 41 20.41 2.71 8.90
CA VAL A 41 19.54 1.58 8.77
C VAL A 41 20.35 0.36 9.05
N ASP A 42 19.77 -0.55 9.85
CA ASP A 42 20.40 -1.77 10.30
C ASP A 42 19.53 -2.87 9.80
N ASP A 43 20.12 -3.92 9.18
CA ASP A 43 19.27 -4.91 8.59
C ASP A 43 18.42 -5.51 9.65
N LYS A 44 19.07 -6.05 10.70
CA LYS A 44 18.32 -6.72 11.73
C LYS A 44 17.50 -5.77 12.54
N GLU A 45 18.16 -4.83 13.24
CA GLU A 45 17.56 -4.27 14.41
C GLU A 45 16.39 -3.47 14.01
N MET A 46 16.55 -2.71 12.91
CA MET A 46 15.59 -1.84 12.32
C MET A 46 16.41 -0.66 11.94
N TYR A 47 16.57 0.27 12.90
CA TYR A 47 17.60 1.24 12.72
C TYR A 47 18.48 1.18 13.92
N VAL A 48 19.64 1.86 13.81
CA VAL A 48 20.59 1.94 14.88
C VAL A 48 21.11 3.35 14.84
N LYS A 49 21.42 3.97 15.99
CA LYS A 49 22.07 5.24 15.91
C LYS A 49 23.52 4.99 15.69
N GLY A 50 24.21 5.96 15.06
CA GLY A 50 25.61 5.83 14.79
C GLY A 50 26.09 7.19 14.38
N MET A 51 27.39 7.31 14.02
CA MET A 51 27.95 8.60 13.75
C MET A 51 28.75 8.53 12.49
N ILE A 52 29.00 9.70 11.86
CA ILE A 52 29.53 9.79 10.53
C ILE A 52 30.99 10.11 10.61
N GLN A 53 31.84 9.26 10.00
CA GLN A 53 33.22 9.62 9.77
C GLN A 53 33.34 10.63 8.67
N SER A 54 32.75 10.33 7.49
CA SER A 54 33.30 10.94 6.31
C SER A 54 32.26 11.04 5.24
N ARG A 55 32.50 11.94 4.26
CA ARG A 55 31.56 12.12 3.20
C ARG A 55 32.32 12.34 1.92
N GLU A 56 31.76 11.78 0.83
CA GLU A 56 32.01 12.25 -0.50
C GLU A 56 30.93 11.63 -1.30
N ASN A 57 30.34 12.37 -2.26
CA ASN A 57 29.46 11.76 -3.21
C ASN A 57 28.36 11.05 -2.48
N ASP A 58 27.69 10.12 -3.18
CA ASP A 58 26.57 9.41 -2.65
C ASP A 58 26.97 8.55 -1.48
N LYS A 59 28.22 8.03 -1.45
CA LYS A 59 28.53 7.11 -0.40
C LYS A 59 29.06 7.86 0.79
N VAL A 60 28.61 7.46 2.00
CA VAL A 60 29.08 8.07 3.21
C VAL A 60 29.65 7.00 4.07
N THR A 61 30.69 7.35 4.86
CA THR A 61 31.42 6.39 5.64
C THR A 61 31.07 6.66 7.07
N VAL A 62 30.87 5.58 7.87
CA VAL A 62 30.14 5.79 9.08
C VAL A 62 30.63 4.84 10.14
N LYS A 63 30.37 5.17 11.42
CA LYS A 63 30.74 4.29 12.50
C LYS A 63 29.56 4.19 13.43
N THR A 64 29.30 3.00 13.99
CA THR A 64 28.02 2.78 14.62
C THR A 64 28.22 2.55 16.09
N LEU A 65 27.13 2.36 16.86
CA LEU A 65 27.37 1.99 18.22
C LEU A 65 27.52 0.50 18.26
N ASP A 66 27.97 -0.08 17.13
CA ASP A 66 28.62 -1.35 17.18
C ASP A 66 29.95 -1.16 16.52
N ASP A 67 30.22 0.11 16.16
CA ASP A 67 31.51 0.64 15.85
C ASP A 67 32.25 -0.19 14.85
N ARG A 68 31.56 -0.69 13.81
CA ARG A 68 32.28 -1.13 12.66
C ARG A 68 32.03 -0.09 11.63
N THR A 69 32.84 -0.07 10.55
CA THR A 69 32.59 0.93 9.56
C THR A 69 31.82 0.27 8.47
N LEU A 70 30.59 0.74 8.25
CA LEU A 70 29.89 0.42 7.05
C LEU A 70 29.89 1.67 6.25
N THR A 71 29.70 1.54 4.93
CA THR A 71 29.48 2.73 4.17
C THR A 71 28.08 2.63 3.66
N LEU A 72 27.18 3.47 4.23
CA LEU A 72 25.78 3.35 3.96
C LEU A 72 25.49 4.17 2.75
N ASN A 73 24.25 4.69 2.65
CA ASN A 73 23.99 5.58 1.56
C ASN A 73 23.60 6.91 2.12
N SER A 74 23.73 7.96 1.28
CA SER A 74 23.60 9.33 1.68
C SER A 74 22.21 9.58 2.22
N ASP A 75 21.18 9.15 1.48
CA ASP A 75 19.79 9.27 1.86
C ASP A 75 19.57 8.37 3.05
N GLN A 76 20.22 7.20 3.00
CA GLN A 76 19.98 6.07 3.85
C GLN A 76 20.39 6.42 5.26
N VAL A 77 21.22 7.46 5.44
CA VAL A 77 21.54 7.95 6.76
C VAL A 77 20.39 8.75 7.30
N PHE A 78 20.15 8.69 8.63
CA PHE A 78 19.04 9.42 9.18
C PHE A 78 19.53 10.39 10.23
N PRO A 79 19.24 11.64 10.01
CA PRO A 79 19.56 12.71 10.92
C PRO A 79 18.78 12.55 12.19
N MET A 80 19.43 12.73 13.36
CA MET A 80 18.71 12.55 14.59
C MET A 80 18.20 13.87 15.05
N ASN A 81 17.32 13.82 16.06
CA ASN A 81 16.82 14.95 16.76
C ASN A 81 17.83 15.45 17.73
N PRO A 82 17.78 16.74 17.90
CA PRO A 82 18.69 17.51 18.68
C PRO A 82 18.54 17.13 20.12
N PRO A 83 19.47 17.47 20.96
CA PRO A 83 19.47 17.07 22.35
C PRO A 83 18.29 17.66 23.04
N LYS A 84 17.80 18.81 22.56
CA LYS A 84 16.83 19.54 23.31
C LYS A 84 15.66 18.64 23.47
N PHE A 85 15.45 17.81 22.44
CA PHE A 85 14.29 16.99 22.25
C PHE A 85 14.14 15.88 23.24
N ASP A 86 15.24 15.24 23.73
CA ASP A 86 15.12 13.93 24.33
C ASP A 86 14.17 13.98 25.48
N LYS A 87 13.72 12.79 25.92
CA LYS A 87 12.82 12.64 27.03
C LYS A 87 11.56 13.37 26.74
N ILE A 88 11.13 13.38 25.46
CA ILE A 88 10.09 14.28 25.07
C ILE A 88 8.76 13.60 25.15
N GLU A 89 7.74 14.33 25.63
CA GLU A 89 6.42 13.80 25.80
C GLU A 89 5.84 13.43 24.46
N ASP A 90 5.73 14.44 23.57
CA ASP A 90 4.88 14.30 22.43
C ASP A 90 5.78 14.24 21.25
N MET A 91 5.75 13.09 20.55
CA MET A 91 6.77 12.78 19.60
C MET A 91 6.72 13.81 18.53
N ALA A 92 5.51 14.34 18.28
CA ALA A 92 5.30 15.27 17.22
C ALA A 92 6.24 16.40 17.43
N MET A 93 6.55 16.71 18.70
CA MET A 93 7.39 17.84 18.99
C MET A 93 8.71 17.61 18.32
N MET A 94 9.15 16.34 18.23
CA MET A 94 10.44 16.02 17.69
C MET A 94 10.58 16.68 16.35
N THR A 95 11.72 17.37 16.14
CA THR A 95 12.04 18.07 14.92
C THR A 95 12.41 17.08 13.84
N HIS A 96 13.02 15.94 14.23
CA HIS A 96 13.41 14.93 13.29
C HIS A 96 12.66 13.69 13.67
N LEU A 97 11.75 13.31 12.78
CA LEU A 97 10.74 12.33 13.00
C LEU A 97 11.27 10.94 13.01
N HIS A 98 12.46 10.74 12.42
CA HIS A 98 12.97 9.49 11.94
C HIS A 98 12.68 8.40 12.91
N GLU A 99 12.53 7.20 12.34
CA GLU A 99 12.14 6.04 13.10
C GLU A 99 13.13 5.81 14.20
N PRO A 100 14.42 5.80 14.06
CA PRO A 100 15.23 5.48 15.18
C PRO A 100 15.09 6.55 16.20
N ALA A 101 14.67 7.75 15.77
CA ALA A 101 14.27 8.76 16.71
C ALA A 101 13.06 8.26 17.43
N VAL A 102 12.16 7.64 16.66
CA VAL A 102 10.93 7.17 17.23
C VAL A 102 11.26 6.13 18.27
N LEU A 103 12.22 5.24 17.97
CA LEU A 103 12.51 4.20 18.93
C LEU A 103 13.01 4.87 20.17
N TYR A 104 13.91 5.85 19.99
CA TYR A 104 14.72 6.31 21.06
C TYR A 104 13.83 6.86 22.13
N ASN A 105 12.87 7.71 21.74
CA ASN A 105 12.15 8.44 22.73
C ASN A 105 11.34 7.52 23.59
N LEU A 106 10.39 6.78 22.98
CA LEU A 106 9.46 6.02 23.74
C LEU A 106 10.21 4.94 24.42
N LYS A 107 11.24 4.41 23.74
CA LYS A 107 12.04 3.38 24.34
C LYS A 107 12.58 3.94 25.61
N GLU A 108 13.14 5.17 25.53
CA GLU A 108 13.86 5.70 26.65
C GLU A 108 12.92 5.88 27.79
N ARG A 109 11.71 6.41 27.53
CA ARG A 109 10.79 6.70 28.61
C ARG A 109 10.41 5.42 29.28
N TYR A 110 10.12 4.37 28.49
CA TYR A 110 9.47 3.21 29.03
C TYR A 110 10.35 2.53 30.03
N ALA A 111 11.66 2.40 29.75
CA ALA A 111 12.57 1.72 30.65
C ALA A 111 12.55 2.48 31.94
N ALA A 112 12.34 3.81 31.80
CA ALA A 112 12.32 4.79 32.83
C ALA A 112 11.24 4.43 33.80
N TRP A 113 10.29 3.58 33.37
CA TRP A 113 9.05 3.33 34.03
C TRP A 113 8.07 4.41 33.68
N MET A 114 8.31 5.08 32.53
CA MET A 114 7.33 6.01 32.03
C MET A 114 6.54 5.32 30.95
N ILE A 115 5.29 4.93 31.27
CA ILE A 115 4.48 4.29 30.30
C ILE A 115 3.86 5.20 29.27
N TYR A 116 3.46 6.44 29.63
CA TYR A 116 2.53 7.16 28.80
C TYR A 116 3.27 8.18 27.99
N THR A 117 2.80 8.43 26.75
CA THR A 117 3.27 9.49 25.92
C THR A 117 2.08 10.11 25.25
N TYR A 118 2.19 11.39 24.82
CA TYR A 118 1.09 12.07 24.20
C TYR A 118 1.47 12.32 22.77
N SER A 119 0.67 11.84 21.80
CA SER A 119 1.06 12.15 20.46
C SER A 119 -0.04 12.96 19.85
N GLY A 120 0.12 14.30 19.87
CA GLY A 120 -0.93 15.14 19.35
C GLY A 120 -2.12 14.92 20.22
N LEU A 121 -3.26 14.56 19.58
CA LEU A 121 -4.45 14.21 20.30
C LEU A 121 -4.16 12.96 21.07
N PHE A 122 -3.41 12.04 20.44
CA PHE A 122 -3.32 10.67 20.87
C PHE A 122 -2.67 10.59 22.21
N CYS A 123 -3.05 9.57 22.99
CA CYS A 123 -2.46 9.33 24.28
C CYS A 123 -1.97 7.92 24.29
N VAL A 124 -0.65 7.71 24.08
CA VAL A 124 -0.19 6.35 23.96
C VAL A 124 0.30 5.91 25.31
N THR A 125 -0.02 4.67 25.68
CA THR A 125 0.56 4.12 26.87
C THR A 125 1.09 2.77 26.55
N VAL A 126 2.33 2.49 26.99
CA VAL A 126 2.99 1.24 26.73
C VAL A 126 2.72 0.32 27.88
N ASN A 127 3.04 -0.97 27.69
CA ASN A 127 2.82 -1.96 28.70
C ASN A 127 4.09 -2.16 29.44
N PRO A 128 4.19 -1.59 30.61
CA PRO A 128 5.11 -2.07 31.63
C PRO A 128 4.65 -3.44 31.97
N TYR A 129 5.55 -4.43 31.87
CA TYR A 129 5.16 -5.74 32.26
C TYR A 129 4.96 -5.81 33.76
N LYS A 130 5.82 -5.07 34.49
CA LYS A 130 5.87 -5.10 35.93
C LYS A 130 4.76 -4.26 36.51
N TRP A 131 4.47 -4.46 37.82
CA TRP A 131 3.42 -3.74 38.50
C TRP A 131 3.93 -2.39 38.88
N LEU A 132 3.03 -1.39 38.76
CA LEU A 132 3.42 -0.02 38.89
C LEU A 132 2.39 0.67 39.75
N PRO A 133 2.85 1.53 40.63
CA PRO A 133 2.02 2.01 41.70
C PRO A 133 0.90 2.87 41.20
N VAL A 134 0.85 3.15 39.89
CA VAL A 134 0.17 4.26 39.30
C VAL A 134 -1.26 4.24 39.75
N TYR A 135 -1.81 3.03 39.92
CA TYR A 135 -3.20 2.75 40.04
C TYR A 135 -3.77 3.35 41.31
N ASN A 136 -2.91 3.57 42.32
CA ASN A 136 -3.27 4.02 43.64
C ASN A 136 -4.33 5.08 43.61
N PRO A 137 -5.15 4.94 44.62
CA PRO A 137 -6.16 5.88 45.03
C PRO A 137 -5.59 7.18 45.51
N GLU A 138 -4.32 7.22 45.97
CA GLU A 138 -3.75 8.49 46.35
C GLU A 138 -3.55 9.29 45.11
N VAL A 139 -3.15 8.61 44.01
CA VAL A 139 -2.93 9.27 42.76
C VAL A 139 -4.23 9.83 42.30
N VAL A 140 -5.32 9.08 42.55
CA VAL A 140 -6.61 9.45 42.07
C VAL A 140 -6.94 10.80 42.61
N THR A 141 -6.61 11.02 43.89
CA THR A 141 -6.93 12.25 44.53
C THR A 141 -6.27 13.32 43.74
N ALA A 142 -5.04 13.03 43.29
CA ALA A 142 -4.31 14.01 42.56
C ALA A 142 -5.11 14.33 41.34
N TYR A 143 -5.69 13.31 40.67
CA TYR A 143 -6.35 13.57 39.44
C TYR A 143 -7.64 14.33 39.56
N ARG A 144 -8.58 13.84 40.39
CA ARG A 144 -9.93 14.11 39.98
C ARG A 144 -10.27 15.54 40.21
N GLY A 145 -11.06 16.12 39.29
CA GLY A 145 -11.43 17.51 39.39
C GLY A 145 -10.33 18.35 38.84
N LYS A 146 -9.50 17.79 37.93
CA LYS A 146 -8.45 18.56 37.33
C LYS A 146 -8.63 18.52 35.85
N LYS A 147 -7.98 19.48 35.14
CA LYS A 147 -7.99 19.46 33.72
C LYS A 147 -6.88 18.56 33.25
N ARG A 148 -7.02 18.02 32.02
CA ARG A 148 -6.12 17.05 31.50
C ARG A 148 -4.76 17.65 31.27
N GLN A 149 -4.69 18.93 30.90
CA GLN A 149 -3.40 19.51 30.64
C GLN A 149 -2.62 19.40 31.90
N GLU A 150 -3.34 19.55 33.03
CA GLU A 150 -2.78 19.74 34.34
C GLU A 150 -1.96 18.55 34.72
N ALA A 151 -2.32 17.34 34.23
CA ALA A 151 -1.51 16.21 34.60
C ALA A 151 -1.17 15.43 33.36
N PRO A 152 -0.17 14.59 33.49
CA PRO A 152 0.30 13.71 32.45
C PRO A 152 -0.69 12.60 32.25
N PRO A 153 -0.56 11.83 31.19
CA PRO A 153 -1.62 11.00 30.66
C PRO A 153 -2.12 9.96 31.63
N HIS A 154 -3.46 9.85 31.81
CA HIS A 154 -4.02 8.87 32.70
C HIS A 154 -5.49 8.72 32.36
N ILE A 155 -6.11 7.56 32.73
CA ILE A 155 -7.48 7.29 32.35
C ILE A 155 -8.40 8.24 33.02
N PHE A 156 -8.16 8.47 34.32
CA PHE A 156 -9.13 9.09 35.18
C PHE A 156 -9.36 10.43 34.55
N SER A 157 -8.29 10.99 33.96
CA SER A 157 -8.41 12.17 33.17
C SER A 157 -9.49 11.97 32.17
N ILE A 158 -9.26 11.07 31.19
CA ILE A 158 -10.09 11.01 30.03
C ILE A 158 -11.48 10.76 30.49
N SER A 159 -11.63 9.93 31.53
CA SER A 159 -12.94 9.64 31.98
C SER A 159 -13.56 10.92 32.47
N ASP A 160 -12.83 11.69 33.31
CA ASP A 160 -13.37 12.85 33.98
C ASP A 160 -13.72 13.93 32.99
N ASN A 161 -12.73 14.33 32.15
CA ASN A 161 -12.88 15.57 31.47
C ASN A 161 -14.06 15.44 30.59
N ALA A 162 -14.18 14.26 29.96
CA ALA A 162 -15.27 13.93 29.10
C ALA A 162 -16.54 14.03 29.89
N TYR A 163 -16.51 13.58 31.17
CA TYR A 163 -17.71 13.61 31.94
C TYR A 163 -18.11 15.04 32.04
N GLN A 164 -17.14 15.94 32.32
CA GLN A 164 -17.45 17.33 32.43
C GLN A 164 -17.97 17.80 31.12
N PHE A 165 -17.32 17.35 30.03
CA PHE A 165 -17.57 17.89 28.73
C PHE A 165 -19.01 17.62 28.41
N MET A 166 -19.48 16.41 28.76
CA MET A 166 -20.79 16.01 28.36
C MET A 166 -21.72 17.00 28.99
N LEU A 167 -21.43 17.43 30.21
CA LEU A 167 -22.35 18.32 30.85
C LEU A 167 -22.32 19.66 30.20
N THR A 168 -21.10 20.23 30.09
CA THR A 168 -20.98 21.59 29.64
C THR A 168 -21.40 21.66 28.21
N ASP A 169 -20.75 20.82 27.36
CA ASP A 169 -20.96 20.78 25.95
C ASP A 169 -22.30 20.17 25.69
N ARG A 170 -22.78 19.34 26.64
CA ARG A 170 -24.05 18.71 26.46
C ARG A 170 -24.04 17.98 25.16
N ASP A 171 -23.12 16.99 25.02
CA ASP A 171 -23.14 16.15 23.87
C ASP A 171 -22.68 14.77 24.27
N ASN A 172 -23.06 13.76 23.47
CA ASN A 172 -22.50 12.45 23.64
C ASN A 172 -21.05 12.61 23.34
N GLN A 173 -20.21 11.69 23.83
CA GLN A 173 -18.84 11.71 23.41
C GLN A 173 -18.48 10.31 23.05
N SER A 174 -17.28 10.11 22.50
CA SER A 174 -16.91 8.76 22.21
C SER A 174 -15.47 8.60 22.55
N ILE A 175 -15.11 7.37 22.93
CA ILE A 175 -13.73 7.00 23.00
C ILE A 175 -13.64 5.74 22.25
N LEU A 176 -12.49 5.50 21.62
CA LEU A 176 -12.31 4.23 21.01
C LEU A 176 -11.23 3.59 21.82
N ILE A 177 -11.10 2.25 21.72
CA ILE A 177 -10.01 1.68 22.44
C ILE A 177 -9.42 0.60 21.61
N THR A 178 -8.07 0.57 21.53
CA THR A 178 -7.45 -0.55 20.89
C THR A 178 -6.60 -1.18 21.91
N GLY A 179 -6.28 -2.47 21.69
CA GLY A 179 -5.33 -3.13 22.52
C GLY A 179 -5.47 -4.58 22.25
N GLU A 180 -4.33 -5.24 22.04
CA GLU A 180 -4.31 -6.66 21.91
C GLU A 180 -4.09 -7.17 23.29
N SER A 181 -3.96 -8.50 23.47
CA SER A 181 -3.72 -8.97 24.80
C SER A 181 -2.45 -8.35 25.25
N GLY A 182 -2.34 -8.05 26.54
CA GLY A 182 -1.15 -7.44 27.03
C GLY A 182 -1.20 -6.00 26.68
N ALA A 183 -2.36 -5.50 26.23
CA ALA A 183 -2.57 -4.08 26.30
C ALA A 183 -2.71 -3.70 27.73
N GLY A 184 -3.53 -4.48 28.48
CA GLY A 184 -4.15 -3.95 29.67
C GLY A 184 -5.44 -3.30 29.25
N LYS A 185 -5.95 -3.69 28.07
CA LYS A 185 -7.13 -3.11 27.51
C LYS A 185 -8.28 -3.38 28.45
N THR A 186 -8.35 -4.59 29.02
CA THR A 186 -9.49 -4.95 29.82
C THR A 186 -9.54 -4.09 31.04
N VAL A 187 -8.40 -3.87 31.73
CA VAL A 187 -8.45 -3.24 33.02
C VAL A 187 -9.02 -1.88 32.83
N ASN A 188 -8.58 -1.18 31.78
CA ASN A 188 -8.95 0.18 31.62
C ASN A 188 -10.43 0.22 31.50
N THR A 189 -11.05 -0.81 30.89
CA THR A 189 -12.48 -0.84 30.79
C THR A 189 -13.04 -0.92 32.18
N LYS A 190 -12.43 -1.72 33.06
CA LYS A 190 -12.91 -1.77 34.42
C LYS A 190 -12.79 -0.39 34.94
N ARG A 191 -11.60 0.21 34.71
CA ARG A 191 -11.23 1.44 35.35
C ARG A 191 -12.20 2.50 34.94
N VAL A 192 -12.51 2.57 33.63
CA VAL A 192 -13.41 3.58 33.13
C VAL A 192 -14.79 3.33 33.62
N ILE A 193 -15.20 2.04 33.74
CA ILE A 193 -16.56 1.77 34.07
C ILE A 193 -16.84 2.38 35.40
N GLN A 194 -15.91 2.18 36.36
CA GLN A 194 -16.02 2.67 37.70
C GLN A 194 -16.05 4.15 37.60
N TYR A 195 -15.30 4.66 36.64
CA TYR A 195 -15.18 6.07 36.52
C TYR A 195 -16.53 6.62 36.30
N PHE A 196 -17.31 5.95 35.44
CA PHE A 196 -18.64 6.38 35.15
C PHE A 196 -19.34 6.38 36.48
N ALA A 197 -19.06 5.32 37.25
CA ALA A 197 -19.73 5.09 38.50
C ALA A 197 -19.47 6.27 39.37
N THR A 198 -18.22 6.77 39.36
CA THR A 198 -17.82 7.76 40.30
C THR A 198 -18.60 9.03 40.13
N ILE A 199 -18.61 9.61 38.91
CA ILE A 199 -19.31 10.83 38.56
C ILE A 199 -20.76 10.63 38.37
N ALA A 200 -21.16 9.43 37.90
CA ALA A 200 -22.53 9.24 37.51
C ALA A 200 -23.34 9.54 38.72
N VAL A 201 -22.84 9.10 39.89
CA VAL A 201 -23.41 9.50 41.14
C VAL A 201 -23.20 10.98 41.41
N THR A 202 -22.00 11.53 41.10
CA THR A 202 -21.58 12.80 41.66
C THR A 202 -22.60 13.86 41.43
N GLY A 203 -22.75 14.29 40.16
CA GLY A 203 -23.86 15.10 39.73
C GLY A 203 -23.47 16.55 39.60
N ASP A 204 -23.68 17.32 40.69
CA ASP A 204 -24.16 18.67 40.51
C ASP A 204 -25.10 18.69 39.34
N LYS A 205 -26.31 18.18 39.63
CA LYS A 205 -27.53 18.39 38.92
C LYS A 205 -28.36 17.27 39.38
N LYS A 206 -29.69 17.41 39.29
CA LYS A 206 -30.46 16.45 39.98
C LYS A 206 -31.18 15.66 38.98
N LYS A 207 -31.14 14.33 39.16
CA LYS A 207 -31.77 13.59 38.14
C LYS A 207 -32.49 12.51 38.86
N GLU A 208 -33.56 11.95 38.27
CA GLU A 208 -34.61 11.43 39.08
C GLU A 208 -34.10 10.33 39.96
N GLN A 209 -34.26 10.53 41.28
CA GLN A 209 -33.72 9.63 42.26
C GLN A 209 -34.79 8.69 42.68
N GLN A 210 -34.41 7.44 42.99
CA GLN A 210 -35.30 6.53 43.67
C GLN A 210 -34.46 5.74 44.62
N PRO A 211 -35.07 5.28 45.68
CA PRO A 211 -34.45 4.37 46.59
C PRO A 211 -33.94 3.18 45.83
N GLY A 212 -34.81 2.54 45.01
CA GLY A 212 -34.31 1.61 44.04
C GLY A 212 -34.80 0.20 44.24
N LYS A 213 -34.95 -0.46 43.06
CA LYS A 213 -34.86 -1.88 42.87
C LYS A 213 -33.55 -2.05 42.20
N MET A 214 -32.97 -3.26 42.26
CA MET A 214 -31.67 -3.40 41.67
C MET A 214 -31.66 -4.68 40.90
N GLN A 215 -30.46 -5.08 40.46
CA GLN A 215 -30.32 -6.35 39.82
C GLN A 215 -28.87 -6.48 39.51
N GLY A 216 -28.02 -5.92 40.38
CA GLY A 216 -26.64 -5.81 40.03
C GLY A 216 -26.43 -4.44 39.48
N THR A 217 -25.22 -3.92 39.67
CA THR A 217 -24.86 -2.62 39.18
C THR A 217 -24.59 -2.78 37.71
N LEU A 218 -24.74 -1.70 36.92
CA LEU A 218 -23.74 -1.54 35.91
C LEU A 218 -22.62 -1.34 36.84
N GLU A 219 -21.39 -1.88 36.65
CA GLU A 219 -20.59 -2.50 35.66
C GLU A 219 -20.94 -3.93 35.41
N ASP A 220 -21.39 -4.66 36.46
CA ASP A 220 -21.46 -6.10 36.40
C ASP A 220 -22.43 -6.51 35.35
N GLN A 221 -23.41 -5.62 35.05
CA GLN A 221 -24.51 -5.95 34.21
C GLN A 221 -23.93 -6.42 32.91
N ILE A 222 -22.93 -5.70 32.40
CA ILE A 222 -22.27 -6.05 31.18
C ILE A 222 -21.50 -7.32 31.34
N ILE A 223 -20.72 -7.42 32.43
CA ILE A 223 -19.72 -8.45 32.55
C ILE A 223 -20.37 -9.79 32.56
N GLN A 224 -21.55 -9.90 33.20
CA GLN A 224 -22.19 -11.17 33.37
C GLN A 224 -22.39 -11.74 32.00
N ALA A 225 -22.76 -10.88 31.05
CA ALA A 225 -23.11 -11.30 29.72
C ALA A 225 -21.93 -11.95 29.07
N ASN A 226 -20.71 -11.43 29.32
CA ASN A 226 -19.61 -11.62 28.41
C ASN A 226 -19.37 -13.07 28.11
N PRO A 227 -19.18 -13.93 29.08
CA PRO A 227 -18.53 -15.18 28.82
C PRO A 227 -19.27 -16.01 27.82
N LEU A 228 -20.60 -16.02 27.91
CA LEU A 228 -21.39 -16.84 27.03
C LEU A 228 -21.28 -16.30 25.64
N LEU A 229 -21.46 -14.98 25.50
CA LEU A 229 -21.61 -14.43 24.19
C LEU A 229 -20.33 -14.62 23.45
N GLU A 230 -19.20 -14.42 24.14
CA GLU A 230 -17.91 -14.71 23.60
C GLU A 230 -17.71 -16.19 23.54
N ALA A 231 -18.49 -17.02 24.26
CA ALA A 231 -18.27 -18.41 23.96
C ALA A 231 -18.66 -18.64 22.54
N PHE A 232 -19.89 -18.24 22.20
CA PHE A 232 -20.55 -18.55 20.97
C PHE A 232 -19.94 -17.78 19.84
N GLY A 233 -19.77 -16.45 20.04
CA GLY A 233 -18.94 -15.69 19.16
C GLY A 233 -17.57 -16.00 19.66
N ASN A 234 -16.54 -15.25 19.18
CA ASN A 234 -15.18 -15.57 19.54
C ASN A 234 -14.81 -16.81 18.82
N ALA A 235 -13.51 -16.98 18.60
CA ALA A 235 -13.07 -18.17 17.95
C ALA A 235 -11.60 -18.04 17.74
N LYS A 236 -11.05 -19.00 17.00
CA LYS A 236 -9.64 -18.99 16.74
C LYS A 236 -9.49 -18.88 15.25
N THR A 237 -8.89 -17.78 14.77
CA THR A 237 -8.58 -17.70 13.37
C THR A 237 -7.24 -18.32 13.24
N VAL A 238 -6.79 -18.57 11.99
CA VAL A 238 -5.56 -19.28 11.80
C VAL A 238 -4.52 -18.48 12.50
N ARG A 239 -4.56 -17.14 12.32
CA ARG A 239 -3.71 -16.29 13.10
C ARG A 239 -4.02 -16.40 14.56
N ASN A 240 -5.26 -16.02 14.92
CA ASN A 240 -5.47 -15.46 16.23
C ASN A 240 -6.30 -16.42 17.01
N ASP A 241 -5.72 -16.95 18.11
CA ASP A 241 -6.36 -18.03 18.80
C ASP A 241 -7.67 -17.57 19.32
N ASN A 242 -7.70 -16.38 19.97
CA ASN A 242 -8.97 -15.93 20.45
C ASN A 242 -9.18 -14.56 19.92
N SER A 243 -9.94 -14.44 18.82
CA SER A 243 -10.16 -13.15 18.26
C SER A 243 -11.63 -12.97 18.15
N SER A 244 -12.16 -11.85 18.66
CA SER A 244 -13.57 -11.78 18.69
C SER A 244 -14.02 -11.54 17.30
N ARG A 245 -15.06 -12.31 16.97
CA ARG A 245 -15.70 -12.33 15.71
C ARG A 245 -16.38 -11.02 15.55
N PHE A 246 -16.71 -10.42 16.73
CA PHE A 246 -17.58 -9.35 16.47
C PHE A 246 -17.12 -8.05 17.05
N GLY A 247 -17.89 -6.99 16.71
CA GLY A 247 -17.53 -5.65 17.00
C GLY A 247 -18.57 -5.11 17.89
N LYS A 248 -18.11 -4.53 19.01
CA LYS A 248 -18.97 -4.26 20.11
C LYS A 248 -18.97 -2.78 20.27
N PHE A 249 -20.17 -2.16 20.20
CA PHE A 249 -20.27 -0.80 20.63
C PHE A 249 -21.02 -0.87 21.91
N ILE A 250 -20.38 -0.46 23.01
CA ILE A 250 -21.01 -0.65 24.27
C ILE A 250 -21.43 0.68 24.74
N ARG A 251 -22.75 0.88 24.88
CA ARG A 251 -23.21 2.22 25.01
C ARG A 251 -23.67 2.45 26.41
N ILE A 252 -23.02 3.43 27.05
CA ILE A 252 -23.36 3.85 28.37
C ILE A 252 -23.93 5.21 28.18
N HIS A 253 -25.24 5.41 28.42
CA HIS A 253 -25.55 6.78 28.17
C HIS A 253 -25.89 7.45 29.47
N PHE A 254 -25.95 8.80 29.37
CA PHE A 254 -26.06 9.62 30.52
C PHE A 254 -27.10 10.55 30.09
N GLY A 255 -27.67 11.34 31.05
CA GLY A 255 -28.58 12.48 30.92
C GLY A 255 -27.76 13.70 30.69
N ALA A 256 -28.52 14.80 30.43
CA ALA A 256 -28.15 15.92 29.63
C ALA A 256 -26.91 16.39 30.21
N THR A 257 -26.97 16.26 31.53
CA THR A 257 -26.37 17.05 32.50
C THR A 257 -25.50 16.11 33.30
N GLY A 258 -25.44 14.84 32.80
CA GLY A 258 -24.48 13.85 33.21
C GLY A 258 -25.00 12.85 34.22
N LYS A 259 -26.36 12.73 34.38
CA LYS A 259 -26.87 11.61 35.10
C LYS A 259 -26.58 10.39 34.24
N LEU A 260 -26.65 9.13 34.77
CA LEU A 260 -26.39 7.99 33.90
C LEU A 260 -27.76 7.45 33.46
N ALA A 261 -28.26 7.58 32.18
CA ALA A 261 -29.52 6.92 32.31
C ALA A 261 -29.43 5.46 32.30
N SER A 262 -28.58 4.80 31.49
CA SER A 262 -28.58 3.38 31.43
C SER A 262 -27.86 3.04 30.15
N ALA A 263 -27.91 1.74 29.79
CA ALA A 263 -26.97 1.19 28.84
C ALA A 263 -27.70 0.33 27.85
N ASP A 264 -27.10 0.15 26.67
CA ASP A 264 -27.65 -0.75 25.70
C ASP A 264 -26.56 -1.22 24.79
N ILE A 265 -26.77 -2.36 24.11
CA ILE A 265 -25.76 -2.95 23.28
C ILE A 265 -26.28 -3.07 21.88
N GLU A 266 -25.41 -2.78 20.89
CA GLU A 266 -25.73 -2.99 19.51
C GLU A 266 -24.63 -3.81 18.93
N THR A 267 -24.96 -4.82 18.09
CA THR A 267 -23.89 -5.59 17.52
C THR A 267 -24.00 -5.54 16.03
N TYR A 268 -22.79 -5.55 15.41
CA TYR A 268 -22.60 -5.62 13.99
C TYR A 268 -21.35 -6.37 13.85
N LEU A 269 -21.34 -7.45 12.98
CA LEU A 269 -20.36 -8.01 12.05
C LEU A 269 -20.29 -9.53 12.22
N LEU A 270 -20.99 -10.26 11.36
CA LEU A 270 -20.93 -11.66 11.69
C LEU A 270 -20.51 -12.38 10.44
N GLU A 271 -19.24 -12.86 10.39
CA GLU A 271 -18.99 -13.57 9.17
C GLU A 271 -19.37 -14.98 9.41
N LYS A 272 -20.56 -15.28 8.87
CA LYS A 272 -21.31 -16.48 8.92
C LYS A 272 -20.57 -17.50 8.11
N SER A 273 -19.71 -17.02 7.20
CA SER A 273 -19.01 -17.84 6.26
C SER A 273 -18.18 -18.83 7.02
N ARG A 274 -17.82 -18.51 8.28
CA ARG A 274 -17.05 -19.43 9.07
C ARG A 274 -17.87 -20.66 9.17
N VAL A 275 -19.19 -20.46 9.34
CA VAL A 275 -20.07 -21.45 9.88
C VAL A 275 -19.91 -22.69 9.09
N THR A 276 -20.09 -22.59 7.77
CA THR A 276 -19.82 -23.76 7.00
C THR A 276 -18.34 -24.06 7.03
N PHE A 277 -17.50 -23.05 6.77
CA PHE A 277 -16.19 -23.42 6.30
C PHE A 277 -15.11 -22.85 7.17
N GLN A 278 -13.99 -23.60 7.27
CA GLN A 278 -12.85 -23.20 8.05
C GLN A 278 -11.64 -23.60 7.26
N LEU A 279 -10.57 -22.79 7.35
CA LEU A 279 -9.42 -23.10 6.54
C LEU A 279 -8.24 -23.32 7.42
N SER A 280 -7.70 -24.55 7.43
CA SER A 280 -6.38 -24.73 7.97
C SER A 280 -6.46 -24.75 9.45
N SER A 281 -5.39 -24.29 10.12
CA SER A 281 -5.33 -24.31 11.54
C SER A 281 -6.26 -23.22 12.01
N GLU A 282 -7.55 -23.57 12.07
CA GLU A 282 -8.59 -22.64 12.40
C GLU A 282 -9.76 -23.50 12.72
N ARG A 283 -10.85 -22.90 13.23
CA ARG A 283 -12.04 -23.67 13.31
C ARG A 283 -13.17 -22.72 13.53
N SER A 284 -14.37 -23.28 13.73
CA SER A 284 -15.54 -22.47 13.79
C SER A 284 -15.58 -21.80 15.12
N TYR A 285 -16.70 -21.12 15.38
CA TYR A 285 -17.02 -20.57 16.67
C TYR A 285 -16.91 -21.69 17.66
N HIS A 286 -16.65 -21.35 18.92
CA HIS A 286 -16.28 -22.31 19.93
C HIS A 286 -17.40 -23.28 20.12
N ILE A 287 -18.66 -22.81 20.04
CA ILE A 287 -19.79 -23.53 20.54
C ILE A 287 -19.96 -24.84 19.85
N PHE A 288 -19.74 -24.91 18.52
CA PHE A 288 -20.09 -26.07 17.76
C PHE A 288 -19.37 -27.21 18.35
N TYR A 289 -18.06 -26.99 18.58
CA TYR A 289 -17.21 -27.97 19.16
C TYR A 289 -17.73 -28.27 20.52
N GLN A 290 -18.18 -27.23 21.25
CA GLN A 290 -18.57 -27.38 22.62
C GLN A 290 -19.73 -28.32 22.73
N ILE A 291 -20.74 -28.14 21.87
CA ILE A 291 -21.99 -28.83 22.04
C ILE A 291 -21.68 -30.28 21.99
N MET A 292 -20.81 -30.62 21.04
CA MET A 292 -20.54 -31.96 20.65
C MET A 292 -19.88 -32.69 21.78
N SER A 293 -19.15 -31.97 22.67
CA SER A 293 -18.45 -32.57 23.77
C SER A 293 -19.41 -33.06 24.81
N ASN A 294 -18.88 -33.80 25.82
CA ASN A 294 -19.72 -34.47 26.79
C ASN A 294 -19.72 -33.74 28.11
N LYS A 295 -19.96 -32.41 28.11
CA LYS A 295 -20.52 -31.80 29.28
C LYS A 295 -21.98 -32.16 29.36
N LYS A 296 -22.63 -31.89 28.21
CA LYS A 296 -24.02 -31.60 27.97
C LYS A 296 -25.01 -32.73 27.81
N PRO A 297 -24.77 -34.03 27.91
CA PRO A 297 -25.36 -35.01 27.03
C PRO A 297 -26.86 -34.99 26.95
N GLU A 298 -27.59 -34.45 27.94
CA GLU A 298 -29.01 -34.36 27.77
C GLU A 298 -29.27 -33.55 26.53
N LEU A 299 -28.51 -32.44 26.35
CA LEU A 299 -28.72 -31.54 25.25
C LEU A 299 -28.43 -32.25 23.96
N ILE A 300 -27.35 -33.07 23.94
CA ILE A 300 -26.96 -33.69 22.70
C ILE A 300 -28.09 -34.55 22.24
N ASP A 301 -28.75 -35.26 23.18
CA ASP A 301 -29.83 -36.14 22.86
C ASP A 301 -31.02 -35.36 22.36
N LEU A 302 -31.26 -34.15 22.89
CA LEU A 302 -32.42 -33.42 22.43
C LEU A 302 -32.19 -33.16 20.98
N LEU A 303 -30.91 -32.95 20.65
CA LEU A 303 -30.35 -32.76 19.34
C LEU A 303 -30.55 -34.03 18.55
N LEU A 304 -30.63 -35.18 19.27
CA LEU A 304 -30.58 -36.51 18.71
C LEU A 304 -29.28 -36.76 18.01
N ILE A 305 -28.15 -36.51 18.71
CA ILE A 305 -26.87 -36.74 18.09
C ILE A 305 -25.91 -37.46 19.02
N SER A 306 -24.97 -38.21 18.40
CA SER A 306 -24.05 -39.17 18.96
C SER A 306 -22.78 -38.59 19.52
N THR A 307 -22.72 -37.28 19.85
CA THR A 307 -21.52 -36.56 20.22
C THR A 307 -20.29 -37.08 19.51
N ASN A 308 -19.91 -36.38 18.41
CA ASN A 308 -18.66 -36.64 17.76
C ASN A 308 -18.58 -35.67 16.62
N PRO A 309 -17.76 -34.65 16.71
CA PRO A 309 -17.87 -33.56 15.77
C PRO A 309 -17.55 -34.01 14.39
N PHE A 310 -16.89 -35.18 14.26
CA PHE A 310 -16.44 -35.72 13.02
C PHE A 310 -17.61 -36.06 12.16
N ASP A 311 -18.68 -36.58 12.80
CA ASP A 311 -19.64 -37.42 12.15
C ASP A 311 -20.37 -36.69 11.05
N PHE A 312 -20.49 -35.35 11.12
CA PHE A 312 -21.37 -34.68 10.19
C PHE A 312 -20.58 -33.72 9.35
N PRO A 313 -20.97 -33.59 8.09
CA PRO A 313 -20.33 -32.73 7.15
C PRO A 313 -20.42 -31.28 7.52
N PHE A 314 -21.53 -30.87 8.16
CA PHE A 314 -21.71 -29.47 8.36
C PHE A 314 -20.58 -29.03 9.22
N VAL A 315 -20.33 -29.81 10.29
CA VAL A 315 -19.23 -29.63 11.19
C VAL A 315 -17.92 -29.97 10.52
N SER A 316 -17.88 -31.09 9.77
CA SER A 316 -16.66 -31.83 9.58
C SER A 316 -15.70 -31.10 8.68
N GLN A 317 -16.09 -29.94 8.13
CA GLN A 317 -15.40 -29.40 6.99
C GLN A 317 -13.95 -29.21 7.30
N GLY A 318 -13.65 -28.65 8.50
CA GLY A 318 -12.28 -28.41 8.86
C GLY A 318 -11.84 -29.44 9.85
N GLU A 319 -11.03 -29.00 10.83
CA GLU A 319 -10.54 -29.83 11.89
C GLU A 319 -11.55 -29.87 13.00
N VAL A 320 -11.53 -30.99 13.75
CA VAL A 320 -12.36 -31.26 14.89
C VAL A 320 -12.02 -30.35 16.04
N THR A 321 -10.71 -30.15 16.37
CA THR A 321 -10.53 -29.45 17.60
C THR A 321 -9.26 -28.67 17.57
N VAL A 322 -9.01 -27.90 18.64
CA VAL A 322 -7.89 -27.00 18.72
C VAL A 322 -7.28 -27.16 20.08
N ALA A 323 -5.97 -26.88 20.20
CA ALA A 323 -5.41 -26.65 21.50
C ALA A 323 -5.17 -25.17 21.52
N SER A 324 -5.61 -24.44 22.59
CA SER A 324 -5.75 -24.93 23.94
C SER A 324 -7.19 -24.84 24.34
N ILE A 325 -7.96 -25.94 24.21
CA ILE A 325 -9.35 -25.83 24.54
C ILE A 325 -9.76 -27.09 25.24
N ASP A 326 -10.96 -27.04 25.87
CA ASP A 326 -11.63 -28.21 26.31
C ASP A 326 -13.08 -27.98 26.04
N ASP A 327 -13.65 -28.63 25.01
CA ASP A 327 -14.96 -28.25 24.57
C ASP A 327 -15.93 -28.50 25.68
N SER A 328 -15.75 -29.63 26.39
CA SER A 328 -16.70 -30.05 27.38
C SER A 328 -16.78 -29.04 28.48
N GLU A 329 -15.61 -28.65 29.01
CA GLU A 329 -15.59 -27.80 30.15
C GLU A 329 -16.24 -26.52 29.74
N GLU A 330 -15.89 -26.04 28.55
CA GLU A 330 -16.41 -24.78 28.10
C GLU A 330 -17.88 -24.94 27.97
N LEU A 331 -18.34 -26.17 27.65
CA LEU A 331 -19.74 -26.47 27.62
C LEU A 331 -20.29 -26.26 29.00
N LEU A 332 -19.62 -26.78 30.04
CA LEU A 332 -20.18 -26.67 31.34
C LEU A 332 -20.25 -25.22 31.66
N ALA A 333 -19.20 -24.48 31.28
CA ALA A 333 -19.14 -23.11 31.66
C ALA A 333 -20.29 -22.42 31.02
N THR A 334 -20.50 -22.65 29.71
CA THR A 334 -21.41 -21.84 28.94
C THR A 334 -22.80 -22.05 29.44
N ASP A 335 -23.13 -23.30 29.81
CA ASP A 335 -24.43 -23.58 30.34
C ASP A 335 -24.55 -22.77 31.60
N ASN A 336 -23.44 -22.65 32.35
CA ASN A 336 -23.43 -21.83 33.53
C ASN A 336 -23.62 -20.41 33.12
N ALA A 337 -22.96 -19.99 32.02
CA ALA A 337 -22.98 -18.63 31.60
C ALA A 337 -24.39 -18.30 31.33
N ILE A 338 -25.09 -19.24 30.66
CA ILE A 338 -26.41 -18.96 30.20
C ILE A 338 -27.24 -18.67 31.41
N ASP A 339 -26.99 -19.41 32.50
CA ASP A 339 -27.74 -19.24 33.71
C ASP A 339 -27.53 -17.85 34.26
N ILE A 340 -26.27 -17.38 34.32
CA ILE A 340 -25.97 -16.25 35.15
C ILE A 340 -26.71 -15.05 34.65
N LEU A 341 -26.72 -14.86 33.33
CA LEU A 341 -27.36 -13.73 32.71
C LEU A 341 -28.82 -13.85 33.03
N GLY A 342 -29.26 -15.10 33.28
CA GLY A 342 -30.45 -15.26 34.07
C GLY A 342 -31.66 -15.33 33.21
N PHE A 343 -31.62 -16.15 32.16
CA PHE A 343 -32.89 -16.54 31.61
C PHE A 343 -33.06 -18.01 31.84
N SER A 344 -34.10 -18.34 32.62
CA SER A 344 -35.31 -18.87 32.07
C SER A 344 -34.99 -19.88 31.02
N SER A 345 -34.79 -21.13 31.48
CA SER A 345 -34.19 -22.22 30.76
C SER A 345 -35.01 -22.64 29.56
N GLU A 346 -36.34 -22.42 29.55
CA GLU A 346 -37.12 -22.93 28.46
C GLU A 346 -36.60 -22.29 27.21
N GLU A 347 -36.32 -20.99 27.31
CA GLU A 347 -35.79 -20.24 26.22
C GLU A 347 -34.49 -20.86 25.89
N LYS A 348 -33.77 -21.31 26.92
CA LYS A 348 -32.50 -21.95 26.73
C LYS A 348 -32.75 -23.17 25.89
N VAL A 349 -33.87 -23.89 26.14
CA VAL A 349 -33.93 -25.18 25.52
C VAL A 349 -33.94 -25.11 24.01
N GLY A 350 -34.96 -24.54 23.32
CA GLY A 350 -35.14 -23.15 23.11
C GLY A 350 -34.16 -22.74 22.04
N ILE A 351 -33.19 -21.96 22.52
CA ILE A 351 -32.07 -21.37 21.87
C ILE A 351 -31.15 -22.48 21.47
N TYR A 352 -31.03 -23.51 22.32
CA TYR A 352 -30.23 -24.64 21.94
C TYR A 352 -30.84 -25.24 20.72
N LYS A 353 -32.13 -25.59 20.83
CA LYS A 353 -32.67 -26.63 20.00
C LYS A 353 -32.57 -26.16 18.60
N LEU A 354 -32.94 -24.88 18.40
CA LEU A 354 -33.05 -24.26 17.11
C LEU A 354 -31.70 -24.08 16.48
N THR A 355 -30.67 -23.80 17.27
CA THR A 355 -29.37 -23.84 16.68
C THR A 355 -29.20 -25.25 16.23
N GLY A 356 -29.74 -26.18 17.04
CA GLY A 356 -29.70 -27.59 16.75
C GLY A 356 -30.42 -27.85 15.47
N ALA A 357 -31.54 -27.14 15.22
CA ALA A 357 -32.40 -27.42 14.11
C ALA A 357 -31.54 -27.27 12.93
N VAL A 358 -30.63 -26.28 13.01
CA VAL A 358 -29.73 -25.94 11.95
C VAL A 358 -29.03 -27.19 11.56
N MET A 359 -28.56 -27.96 12.56
CA MET A 359 -27.70 -29.07 12.29
C MET A 359 -28.44 -30.10 11.46
N HIS A 360 -29.73 -30.34 11.78
CA HIS A 360 -30.53 -31.36 11.13
C HIS A 360 -30.70 -31.04 9.69
N TYR A 361 -30.92 -29.75 9.40
CA TYR A 361 -31.10 -29.26 8.07
C TYR A 361 -29.80 -29.55 7.40
N GLY A 362 -28.73 -29.64 8.22
CA GLY A 362 -27.44 -30.03 7.74
C GLY A 362 -27.51 -31.42 7.17
N ASN A 363 -28.32 -32.32 7.77
CA ASN A 363 -28.30 -33.70 7.37
C ASN A 363 -28.76 -33.85 5.94
N MET A 364 -29.92 -33.28 5.57
CA MET A 364 -30.64 -33.87 4.46
C MET A 364 -29.91 -33.67 3.18
N LYS A 365 -30.04 -34.71 2.33
CA LYS A 365 -29.41 -34.82 1.04
C LYS A 365 -30.20 -34.01 0.07
N PHE A 366 -29.62 -33.80 -1.12
CA PHE A 366 -30.34 -33.18 -2.18
C PHE A 366 -30.27 -34.11 -3.35
N LYS A 367 -31.44 -34.54 -3.87
CA LYS A 367 -31.44 -35.28 -5.10
C LYS A 367 -32.85 -35.52 -5.55
N GLN A 368 -33.33 -36.77 -5.45
CA GLN A 368 -34.21 -37.24 -6.47
C GLN A 368 -33.46 -37.01 -7.72
N LYS A 369 -32.26 -37.62 -7.75
CA LYS A 369 -31.08 -37.27 -8.50
C LYS A 369 -31.39 -36.33 -9.60
N GLN A 370 -31.71 -35.07 -9.23
CA GLN A 370 -32.08 -34.01 -10.12
C GLN A 370 -32.96 -34.60 -11.19
N ARG A 371 -34.21 -34.96 -10.86
CA ARG A 371 -35.09 -35.19 -11.97
C ARG A 371 -35.33 -33.81 -12.47
N GLU A 372 -35.55 -33.66 -13.78
CA GLU A 372 -34.42 -33.62 -14.64
C GLU A 372 -33.52 -32.52 -14.16
N GLU A 373 -34.02 -31.28 -14.14
CA GLU A 373 -33.23 -30.22 -13.59
C GLU A 373 -33.44 -30.03 -12.12
N GLN A 374 -34.65 -30.30 -11.60
CA GLN A 374 -35.02 -29.83 -10.29
C GLN A 374 -34.45 -30.72 -9.22
N ALA A 375 -34.13 -30.13 -8.06
CA ALA A 375 -33.65 -30.89 -6.95
C ALA A 375 -34.73 -30.96 -5.93
N GLU A 376 -34.94 -32.17 -5.37
CA GLU A 376 -35.97 -32.41 -4.40
C GLU A 376 -35.32 -33.18 -3.28
N PRO A 377 -35.87 -33.07 -2.09
CA PRO A 377 -35.20 -33.49 -0.89
C PRO A 377 -35.12 -34.98 -0.84
N ASP A 378 -34.17 -35.51 -0.06
CA ASP A 378 -33.95 -36.92 -0.04
C ASP A 378 -33.93 -37.37 1.40
N GLY A 379 -34.93 -38.20 1.82
CA GLY A 379 -34.90 -38.77 3.13
C GLY A 379 -36.10 -38.41 3.97
N THR A 380 -36.80 -37.29 3.68
CA THR A 380 -37.52 -36.43 4.61
C THR A 380 -37.38 -36.84 6.05
N GLU A 381 -36.14 -37.16 6.49
CA GLU A 381 -35.86 -37.44 7.87
C GLU A 381 -35.90 -36.16 8.62
N VAL A 382 -35.06 -35.23 8.13
CA VAL A 382 -34.79 -34.03 8.82
C VAL A 382 -35.99 -33.17 8.70
N ALA A 383 -36.67 -33.19 7.54
CA ALA A 383 -37.73 -32.25 7.33
C ALA A 383 -38.78 -32.49 8.37
N ASP A 384 -39.08 -33.76 8.71
CA ASP A 384 -40.09 -33.96 9.71
C ASP A 384 -39.61 -33.47 11.04
N LYS A 385 -38.34 -33.77 11.40
CA LYS A 385 -37.83 -33.41 12.69
C LYS A 385 -37.85 -31.93 12.77
N ALA A 386 -37.51 -31.33 11.61
CA ALA A 386 -37.43 -29.93 11.34
C ALA A 386 -38.77 -29.42 11.62
N GLY A 387 -39.73 -30.14 11.01
CA GLY A 387 -41.07 -29.72 10.97
C GLY A 387 -41.46 -29.68 12.38
N TYR A 388 -41.06 -30.70 13.14
CA TYR A 388 -41.53 -30.85 14.48
C TYR A 388 -41.02 -29.73 15.34
N LEU A 389 -39.70 -29.41 15.28
CA LEU A 389 -39.14 -28.58 16.30
C LEU A 389 -39.83 -27.26 16.19
N MET A 390 -40.00 -26.80 14.94
CA MET A 390 -40.75 -25.62 14.63
C MET A 390 -42.22 -25.87 14.87
N GLY A 391 -42.68 -27.13 14.68
CA GLY A 391 -44.08 -27.41 14.73
C GLY A 391 -44.74 -27.12 13.40
N LEU A 392 -43.95 -26.94 12.32
CA LEU A 392 -44.52 -26.66 11.04
C LEU A 392 -44.67 -27.95 10.29
N ASN A 393 -45.47 -27.91 9.20
CA ASN A 393 -45.90 -29.10 8.53
C ASN A 393 -44.85 -29.51 7.55
N SER A 394 -44.40 -30.78 7.66
CA SER A 394 -43.32 -31.32 6.88
C SER A 394 -43.75 -31.51 5.46
N ALA A 395 -45.04 -31.83 5.24
CA ALA A 395 -45.48 -31.95 3.88
C ALA A 395 -45.24 -30.61 3.30
N GLU A 396 -45.60 -29.56 4.06
CA GLU A 396 -45.45 -28.22 3.60
C GLU A 396 -44.00 -27.90 3.44
N MET A 397 -43.18 -28.13 4.48
CA MET A 397 -41.86 -27.59 4.52
C MET A 397 -41.12 -28.14 3.37
N LEU A 398 -41.28 -29.47 3.18
CA LEU A 398 -40.53 -30.16 2.19
C LEU A 398 -40.86 -29.49 0.92
N LYS A 399 -42.17 -29.25 0.73
CA LYS A 399 -42.66 -28.64 -0.47
C LYS A 399 -42.03 -27.29 -0.58
N GLY A 400 -41.99 -26.54 0.54
CA GLY A 400 -41.57 -25.17 0.51
C GLY A 400 -40.15 -25.13 0.08
N LEU A 401 -39.34 -26.08 0.58
CA LEU A 401 -37.98 -26.16 0.14
C LEU A 401 -37.99 -26.55 -1.31
N CYS A 402 -38.80 -27.58 -1.66
CA CYS A 402 -38.72 -28.18 -2.97
C CYS A 402 -39.00 -27.12 -3.97
N CYS A 403 -40.15 -26.44 -3.79
CA CYS A 403 -40.47 -25.37 -4.66
C CYS A 403 -41.24 -24.37 -3.87
N PRO A 404 -40.51 -23.36 -3.58
CA PRO A 404 -41.01 -22.20 -2.93
C PRO A 404 -42.03 -21.57 -3.83
N ARG A 405 -43.12 -20.97 -3.28
CA ARG A 405 -44.00 -20.12 -4.05
C ARG A 405 -44.05 -18.76 -3.38
N VAL A 406 -44.16 -17.70 -4.21
CA VAL A 406 -43.78 -16.37 -3.79
C VAL A 406 -44.88 -15.43 -4.19
N LYS A 407 -44.65 -14.09 -4.17
CA LYS A 407 -45.75 -13.26 -4.56
C LYS A 407 -45.26 -12.08 -5.36
N VAL A 408 -46.24 -11.39 -5.99
CA VAL A 408 -46.15 -10.19 -6.77
C VAL A 408 -47.59 -9.69 -6.75
N GLY A 409 -48.06 -8.84 -7.68
CA GLY A 409 -49.48 -8.65 -7.81
C GLY A 409 -50.06 -10.02 -8.00
N ASN A 410 -49.32 -10.92 -8.70
CA ASN A 410 -49.71 -12.30 -8.68
C ASN A 410 -48.59 -13.06 -8.05
N GLU A 411 -48.89 -14.28 -7.55
CA GLU A 411 -47.87 -15.03 -6.89
C GLU A 411 -47.25 -15.98 -7.86
N TYR A 412 -45.91 -16.14 -7.79
CA TYR A 412 -45.23 -16.92 -8.78
C TYR A 412 -44.57 -18.02 -8.03
N VAL A 413 -44.14 -19.03 -8.80
CA VAL A 413 -43.50 -20.15 -8.22
C VAL A 413 -42.03 -19.97 -8.46
N THR A 414 -41.22 -20.10 -7.39
CA THR A 414 -39.84 -19.73 -7.51
C THR A 414 -39.08 -20.96 -7.88
N LYS A 415 -38.97 -21.15 -9.20
CA LYS A 415 -38.51 -22.36 -9.82
C LYS A 415 -37.06 -22.62 -9.59
N GLY A 416 -36.18 -21.60 -9.69
CA GLY A 416 -35.68 -20.81 -8.59
C GLY A 416 -34.65 -21.66 -7.90
N GLN A 417 -35.11 -22.86 -7.51
CA GLN A 417 -34.40 -23.82 -6.73
C GLN A 417 -33.70 -24.74 -7.68
N ASN A 418 -32.53 -25.24 -7.26
CA ASN A 418 -31.69 -26.06 -8.09
C ASN A 418 -31.01 -27.02 -7.15
N VAL A 419 -30.20 -27.94 -7.72
CA VAL A 419 -29.36 -28.73 -6.87
C VAL A 419 -28.34 -27.84 -6.23
N GLN A 420 -27.66 -26.97 -7.02
CA GLN A 420 -26.59 -26.18 -6.48
C GLN A 420 -27.11 -25.17 -5.51
N GLN A 421 -28.29 -24.58 -5.77
CA GLN A 421 -28.71 -23.46 -4.97
C GLN A 421 -28.92 -23.88 -3.55
N VAL A 422 -29.61 -25.02 -3.36
CA VAL A 422 -30.42 -25.21 -2.19
C VAL A 422 -29.58 -25.12 -0.97
N THR A 423 -28.39 -25.72 -1.03
CA THR A 423 -27.56 -25.83 0.12
C THR A 423 -27.20 -24.45 0.52
N ASN A 424 -27.01 -23.55 -0.46
CA ASN A 424 -26.79 -22.19 -0.10
C ASN A 424 -28.14 -21.64 0.23
N SER A 425 -28.67 -22.12 1.37
CA SER A 425 -29.89 -21.66 1.97
C SER A 425 -29.93 -22.36 3.29
N VAL A 426 -29.55 -23.65 3.32
CA VAL A 426 -29.54 -24.34 4.57
C VAL A 426 -28.56 -23.64 5.46
N GLY A 427 -27.35 -23.34 4.93
CA GLY A 427 -26.34 -22.70 5.72
C GLY A 427 -26.81 -21.33 6.10
N ALA A 428 -27.42 -20.62 5.15
CA ALA A 428 -27.87 -19.28 5.36
C ALA A 428 -28.90 -19.34 6.45
N LEU A 429 -29.70 -20.41 6.42
CA LEU A 429 -30.76 -20.64 7.38
C LEU A 429 -30.09 -20.66 8.71
N ALA A 430 -29.01 -21.45 8.80
CA ALA A 430 -28.40 -21.68 10.07
C ALA A 430 -27.93 -20.36 10.56
N LYS A 431 -27.30 -19.59 9.67
CA LYS A 431 -26.67 -18.37 10.08
C LYS A 431 -27.73 -17.42 10.54
N ALA A 432 -28.88 -17.42 9.87
CA ALA A 432 -29.93 -16.50 10.22
C ALA A 432 -30.42 -16.78 11.61
N VAL A 433 -30.69 -18.07 11.92
CA VAL A 433 -31.39 -18.38 13.14
C VAL A 433 -30.53 -17.91 14.24
N TYR A 434 -29.23 -18.17 14.09
CA TYR A 434 -28.31 -17.95 15.12
C TYR A 434 -28.30 -16.49 15.43
N GLU A 435 -28.21 -15.67 14.36
CA GLU A 435 -28.10 -14.25 14.47
C GLU A 435 -29.36 -13.65 15.02
N LYS A 436 -30.52 -14.18 14.60
CA LYS A 436 -31.75 -13.64 15.12
C LYS A 436 -31.78 -13.91 16.59
N MET A 437 -31.30 -15.10 17.00
CA MET A 437 -31.28 -15.44 18.39
C MET A 437 -30.41 -14.45 19.09
N PHE A 438 -29.24 -14.15 18.49
CA PHE A 438 -28.28 -13.33 19.17
C PHE A 438 -28.94 -12.01 19.40
N LEU A 439 -29.59 -11.49 18.34
CA LEU A 439 -30.17 -10.18 18.39
C LEU A 439 -31.26 -10.15 19.40
N TRP A 440 -32.13 -11.19 19.43
CA TRP A 440 -33.23 -11.14 20.34
C TRP A 440 -32.67 -11.15 21.72
N MET A 441 -31.56 -11.87 21.92
CA MET A 441 -31.04 -11.96 23.26
C MET A 441 -30.70 -10.57 23.70
N VAL A 442 -30.05 -9.80 22.81
CA VAL A 442 -29.42 -8.58 23.19
C VAL A 442 -30.45 -7.68 23.78
N THR A 443 -31.61 -7.60 23.12
CA THR A 443 -32.60 -6.62 23.47
C THR A 443 -32.99 -6.89 24.89
N ARG A 444 -32.99 -8.18 25.27
CA ARG A 444 -33.37 -8.58 26.59
C ARG A 444 -32.44 -7.96 27.58
N ILE A 445 -31.13 -7.90 27.26
CA ILE A 445 -30.23 -7.35 28.23
C ILE A 445 -30.65 -5.93 28.45
N ASN A 446 -31.09 -5.25 27.38
CA ASN A 446 -31.47 -3.87 27.49
C ASN A 446 -32.64 -3.74 28.42
N GLN A 447 -33.58 -4.70 28.38
CA GLN A 447 -34.73 -4.56 29.22
C GLN A 447 -34.25 -4.54 30.64
N GLN A 448 -33.31 -5.45 30.95
CA GLN A 448 -32.71 -5.62 32.26
C GLN A 448 -31.87 -4.41 32.59
N LEU A 449 -31.06 -3.96 31.60
CA LEU A 449 -30.05 -2.96 31.68
C LEU A 449 -30.75 -1.67 31.93
N ASP A 450 -32.01 -1.58 31.48
CA ASP A 450 -32.80 -0.40 31.67
C ASP A 450 -32.69 -0.08 33.12
N THR A 451 -32.11 1.09 33.41
CA THR A 451 -32.08 1.35 34.82
C THR A 451 -33.18 2.32 35.06
N LYS A 452 -33.01 3.13 36.12
CA LYS A 452 -33.88 4.12 36.60
C LYS A 452 -33.51 5.39 35.92
N GLN A 453 -32.58 6.13 36.53
CA GLN A 453 -31.75 7.21 36.04
C GLN A 453 -32.03 7.57 34.56
N PRO A 454 -32.37 8.84 34.20
CA PRO A 454 -32.48 9.31 32.82
C PRO A 454 -31.21 9.53 32.02
N ARG A 455 -31.20 9.60 30.66
CA ARG A 455 -30.05 9.82 29.81
C ARG A 455 -30.39 10.73 28.60
N GLN A 456 -29.49 11.76 28.42
CA GLN A 456 -29.22 12.58 27.27
C GLN A 456 -27.61 12.60 27.32
N TYR A 457 -26.99 12.23 26.16
CA TYR A 457 -25.56 12.16 25.93
C TYR A 457 -24.95 10.97 26.63
N PHE A 458 -24.15 10.17 25.86
CA PHE A 458 -23.43 9.02 26.33
C PHE A 458 -22.01 9.14 25.79
N ILE A 459 -21.07 8.41 26.41
CA ILE A 459 -19.76 8.36 25.85
C ILE A 459 -19.42 6.93 25.59
N GLY A 460 -18.70 6.63 24.49
CA GLY A 460 -18.09 5.34 24.54
C GLY A 460 -18.11 4.68 23.20
N VAL A 461 -17.89 3.36 23.23
CA VAL A 461 -16.57 2.84 23.07
C VAL A 461 -16.62 1.97 21.86
N LEU A 462 -15.58 2.00 21.02
CA LEU A 462 -15.63 1.15 19.88
C LEU A 462 -14.48 0.21 19.93
N ASP A 463 -14.73 -1.06 19.56
CA ASP A 463 -13.75 -2.10 19.58
C ASP A 463 -13.85 -2.82 18.25
N ILE A 464 -12.89 -2.63 17.33
CA ILE A 464 -12.71 -3.64 16.32
C ILE A 464 -11.33 -3.55 15.74
N ALA A 465 -10.83 -4.69 15.24
CA ALA A 465 -9.41 -4.97 15.16
C ALA A 465 -8.72 -4.10 14.16
N GLY A 466 -7.38 -4.01 14.30
CA GLY A 466 -6.58 -3.09 13.56
C GLY A 466 -6.24 -3.65 12.21
N PHE A 467 -5.68 -2.77 11.36
CA PHE A 467 -5.41 -3.00 9.97
C PHE A 467 -4.52 -4.19 9.88
N GLU A 468 -4.77 -5.06 8.88
CA GLU A 468 -4.06 -6.31 8.85
C GLU A 468 -3.51 -6.50 7.48
N ILE A 469 -2.39 -7.23 7.40
CA ILE A 469 -1.83 -7.58 6.14
C ILE A 469 -1.45 -9.03 6.26
N PHE A 470 -1.71 -9.83 5.21
CA PHE A 470 -1.49 -11.23 5.37
C PHE A 470 -0.65 -11.72 4.25
N ASP A 471 -0.12 -12.95 4.40
CA ASP A 471 0.49 -13.57 3.28
C ASP A 471 -0.58 -13.68 2.26
N PHE A 472 -1.78 -14.10 2.73
CA PHE A 472 -2.85 -14.25 1.80
C PHE A 472 -3.98 -13.35 2.22
N ASN A 473 -4.16 -12.21 1.52
CA ASN A 473 -5.22 -11.30 1.86
C ASN A 473 -6.43 -11.71 1.08
N SER A 474 -7.63 -11.34 1.60
CA SER A 474 -8.84 -11.73 0.91
C SER A 474 -9.96 -10.86 1.41
N LEU A 475 -11.21 -11.31 1.15
CA LEU A 475 -12.38 -10.48 1.15
C LEU A 475 -12.45 -9.87 2.50
N GLU A 476 -12.05 -10.64 3.51
CA GLU A 476 -12.09 -10.14 4.85
C GLU A 476 -11.19 -8.93 4.95
N GLN A 477 -9.94 -9.05 4.45
CA GLN A 477 -8.93 -8.03 4.66
C GLN A 477 -9.32 -6.76 3.97
N LEU A 478 -9.77 -6.87 2.70
CA LEU A 478 -9.93 -5.74 1.85
C LEU A 478 -10.96 -4.85 2.46
N CYS A 479 -12.00 -5.46 3.04
CA CYS A 479 -13.06 -4.73 3.68
C CYS A 479 -12.48 -3.95 4.81
N ILE A 480 -11.62 -4.60 5.61
CA ILE A 480 -11.09 -3.98 6.80
C ILE A 480 -10.28 -2.79 6.37
N ASN A 481 -9.49 -2.96 5.30
CA ASN A 481 -8.68 -1.90 4.79
C ASN A 481 -9.62 -0.82 4.33
N PHE A 482 -10.75 -1.23 3.72
CA PHE A 482 -11.68 -0.26 3.22
C PHE A 482 -12.17 0.53 4.39
N THR A 483 -12.55 -0.15 5.49
CA THR A 483 -13.14 0.52 6.60
C THR A 483 -12.14 1.46 7.20
N ASN A 484 -10.88 1.02 7.32
CA ASN A 484 -9.89 1.84 7.95
C ASN A 484 -9.78 3.11 7.16
N GLU A 485 -9.78 2.99 5.82
CA GLU A 485 -9.41 4.10 4.97
C GLU A 485 -10.30 5.26 5.24
N LYS A 486 -11.62 5.05 5.14
CA LYS A 486 -12.52 6.14 5.21
C LYS A 486 -12.38 6.71 6.57
N LEU A 487 -12.13 5.83 7.55
CA LEU A 487 -12.00 6.25 8.92
C LEU A 487 -10.87 7.22 8.97
N GLN A 488 -9.74 6.83 8.36
CA GLN A 488 -8.57 7.63 8.47
C GLN A 488 -8.87 8.91 7.79
N GLN A 489 -9.58 8.84 6.65
CA GLN A 489 -9.91 10.04 5.94
C GLN A 489 -10.77 10.87 6.84
N PHE A 490 -11.62 10.22 7.64
CA PHE A 490 -12.50 10.95 8.50
C PHE A 490 -11.63 11.77 9.39
N PHE A 491 -10.57 11.14 9.94
CA PHE A 491 -9.71 11.81 10.87
C PHE A 491 -9.08 12.97 10.18
N ASN A 492 -8.57 12.75 8.95
CA ASN A 492 -7.79 13.76 8.30
C ASN A 492 -8.64 14.97 8.16
N HIS A 493 -9.91 14.76 7.76
CA HIS A 493 -10.73 15.89 7.48
C HIS A 493 -10.87 16.67 8.73
N HIS A 494 -11.07 15.99 9.86
CA HIS A 494 -11.45 16.68 11.06
C HIS A 494 -10.39 17.67 11.41
N MET A 495 -9.12 17.23 11.49
CA MET A 495 -8.10 18.14 11.94
C MET A 495 -7.85 19.20 10.90
N PHE A 496 -8.10 18.89 9.61
CA PHE A 496 -7.85 19.85 8.57
C PHE A 496 -8.66 21.07 8.91
N VAL A 497 -9.90 20.87 9.35
CA VAL A 497 -10.73 22.00 9.66
C VAL A 497 -10.03 22.82 10.70
N LEU A 498 -9.59 22.16 11.78
CA LEU A 498 -9.19 22.89 12.95
C LEU A 498 -7.99 23.74 12.66
N GLU A 499 -6.99 23.20 11.94
CA GLU A 499 -5.74 23.90 11.86
C GLU A 499 -5.96 25.21 11.18
N GLN A 500 -6.71 25.20 10.07
CA GLN A 500 -6.90 26.36 9.27
C GLN A 500 -7.64 27.37 10.10
N GLU A 501 -8.52 26.87 11.00
CA GLU A 501 -9.20 27.75 11.90
C GLU A 501 -8.14 28.45 12.69
N GLU A 502 -7.19 27.69 13.24
CA GLU A 502 -6.19 28.26 14.09
C GLU A 502 -5.37 29.20 13.28
N TYR A 503 -5.02 28.79 12.06
CA TYR A 503 -4.17 29.60 11.23
C TYR A 503 -4.90 30.87 10.98
N LYS A 504 -6.21 30.77 10.70
CA LYS A 504 -6.98 31.95 10.42
C LYS A 504 -6.95 32.81 11.64
N LYS A 505 -7.10 32.20 12.83
CA LYS A 505 -7.24 32.98 14.02
C LYS A 505 -6.02 33.81 14.20
N GLU A 506 -4.84 33.17 14.14
CA GLU A 506 -3.61 33.88 14.30
C GLU A 506 -3.49 34.81 13.13
N GLY A 507 -4.02 34.38 11.98
CA GLY A 507 -3.83 35.18 10.82
C GLY A 507 -2.47 34.91 10.27
N ILE A 508 -2.18 33.62 10.04
CA ILE A 508 -1.10 33.31 9.17
C ILE A 508 -1.68 32.52 8.05
N GLU A 509 -1.18 32.74 6.83
CA GLU A 509 -1.90 32.39 5.64
C GLU A 509 -1.91 30.92 5.46
N TRP A 510 -3.08 30.38 5.09
CA TRP A 510 -3.24 28.97 4.94
C TRP A 510 -3.49 28.69 3.50
N GLU A 511 -2.68 27.80 2.89
CA GLU A 511 -3.09 27.28 1.62
C GLU A 511 -2.92 25.80 1.71
N PHE A 512 -4.05 25.07 1.79
CA PHE A 512 -4.03 23.64 1.86
C PHE A 512 -5.40 23.19 1.46
N ILE A 513 -5.60 21.87 1.40
CA ILE A 513 -6.92 21.32 1.21
C ILE A 513 -7.06 20.31 2.30
N ASP A 514 -8.27 19.73 2.46
CA ASP A 514 -8.44 18.78 3.51
C ASP A 514 -7.45 17.69 3.27
N PHE A 515 -6.81 17.28 4.38
CA PHE A 515 -5.73 16.34 4.38
C PHE A 515 -6.24 15.01 3.95
N GLY A 516 -7.52 14.71 4.28
CA GLY A 516 -8.08 13.44 3.94
C GLY A 516 -8.07 13.27 2.45
N MET A 517 -8.27 14.36 1.69
CA MET A 517 -8.70 14.30 0.32
C MET A 517 -7.69 13.59 -0.52
N ASP A 518 -6.39 13.73 -0.20
CA ASP A 518 -5.35 13.21 -1.07
C ASP A 518 -5.59 11.75 -1.25
N LEU A 519 -6.05 11.09 -0.18
CA LEU A 519 -6.31 9.67 -0.15
C LEU A 519 -7.45 9.35 -1.06
N ALA A 520 -8.39 10.29 -1.23
CA ALA A 520 -9.74 10.00 -1.63
C ALA A 520 -9.70 9.23 -2.91
N ALA A 521 -8.71 9.53 -3.77
CA ALA A 521 -8.66 8.89 -5.05
C ALA A 521 -8.64 7.40 -4.83
N CYS A 522 -7.85 6.92 -3.84
CA CYS A 522 -7.73 5.51 -3.63
C CYS A 522 -9.06 4.92 -3.28
N ILE A 523 -9.70 5.46 -2.22
CA ILE A 523 -10.87 4.84 -1.66
C ILE A 523 -11.94 4.85 -2.69
N GLU A 524 -11.96 5.93 -3.48
CA GLU A 524 -12.94 6.11 -4.50
C GLU A 524 -12.84 4.92 -5.39
N LEU A 525 -11.60 4.50 -5.65
CA LEU A 525 -11.39 3.42 -6.58
C LEU A 525 -12.12 2.24 -6.03
N ILE A 526 -12.04 2.02 -4.71
CA ILE A 526 -12.80 0.94 -4.17
C ILE A 526 -14.25 1.25 -4.33
N GLU A 527 -14.67 2.40 -3.76
CA GLU A 527 -16.04 2.62 -3.40
C GLU A 527 -16.97 2.92 -4.55
N LYS A 528 -16.56 3.84 -5.44
CA LYS A 528 -17.52 4.57 -6.23
C LYS A 528 -17.96 3.72 -7.37
N PRO A 529 -18.89 4.21 -8.16
CA PRO A 529 -19.43 3.42 -9.23
C PRO A 529 -18.32 3.00 -10.13
N MET A 530 -18.44 1.82 -10.74
CA MET A 530 -17.39 1.23 -11.51
C MET A 530 -16.20 1.05 -10.62
N GLY A 531 -16.44 0.96 -9.29
CA GLY A 531 -15.36 0.72 -8.39
C GLY A 531 -15.06 -0.74 -8.46
N ILE A 532 -14.00 -1.17 -7.76
CA ILE A 532 -13.66 -2.55 -7.78
C ILE A 532 -14.82 -3.29 -7.19
N PHE A 533 -15.38 -2.75 -6.10
CA PHE A 533 -16.49 -3.38 -5.45
C PHE A 533 -17.69 -3.40 -6.34
N SER A 534 -18.06 -2.24 -6.92
CA SER A 534 -19.30 -2.18 -7.63
C SER A 534 -19.20 -3.14 -8.78
N ILE A 535 -18.05 -3.09 -9.45
CA ILE A 535 -17.84 -3.82 -10.66
C ILE A 535 -17.95 -5.28 -10.34
N LEU A 536 -17.40 -5.68 -9.18
CA LEU A 536 -17.44 -7.06 -8.79
C LEU A 536 -18.88 -7.46 -8.67
N GLU A 537 -19.71 -6.62 -8.03
CA GLU A 537 -21.05 -7.01 -7.74
C GLU A 537 -21.81 -7.27 -8.98
N GLU A 538 -21.73 -6.37 -9.98
CA GLU A 538 -22.63 -6.66 -11.06
C GLU A 538 -22.11 -7.80 -11.84
N GLU A 539 -20.77 -8.01 -11.80
CA GLU A 539 -20.25 -9.17 -12.44
C GLU A 539 -20.95 -10.34 -11.84
N CYS A 540 -21.41 -10.18 -10.57
CA CYS A 540 -22.04 -11.26 -9.90
C CYS A 540 -23.23 -11.69 -10.72
N MET A 541 -23.92 -10.73 -11.37
CA MET A 541 -25.16 -11.02 -12.05
C MET A 541 -24.96 -12.00 -13.16
N PHE A 542 -23.92 -11.81 -14.00
CA PHE A 542 -23.91 -12.60 -15.19
C PHE A 542 -23.71 -14.02 -14.80
N PRO A 543 -24.61 -14.85 -15.22
CA PRO A 543 -24.58 -16.25 -14.88
C PRO A 543 -23.32 -16.79 -15.45
N LYS A 544 -22.88 -16.24 -16.60
CA LYS A 544 -21.80 -16.77 -17.39
C LYS A 544 -20.43 -16.52 -16.78
N ALA A 545 -20.21 -15.37 -16.12
CA ALA A 545 -18.88 -14.82 -15.95
C ALA A 545 -18.07 -15.60 -14.94
N THR A 546 -16.72 -15.45 -15.04
CA THR A 546 -15.78 -16.25 -14.29
C THR A 546 -14.75 -15.35 -13.67
N ASP A 547 -13.75 -15.93 -12.97
CA ASP A 547 -12.76 -15.16 -12.26
C ASP A 547 -12.07 -14.32 -13.28
N THR A 548 -11.76 -14.92 -14.44
CA THR A 548 -10.99 -14.24 -15.43
C THR A 548 -11.75 -13.04 -15.89
N SER A 549 -13.06 -13.20 -16.14
CA SER A 549 -13.82 -12.16 -16.75
C SER A 549 -13.80 -10.98 -15.83
N PHE A 550 -13.91 -11.25 -14.51
CA PHE A 550 -13.81 -10.25 -13.50
C PHE A 550 -12.44 -9.68 -13.60
N LYS A 551 -11.45 -10.57 -13.84
CA LYS A 551 -10.06 -10.16 -13.84
C LYS A 551 -9.88 -9.09 -14.85
N ASN A 552 -10.36 -9.34 -16.09
CA ASN A 552 -10.12 -8.43 -17.17
C ASN A 552 -10.80 -7.14 -16.87
N LYS A 553 -11.98 -7.21 -16.22
CA LYS A 553 -12.72 -6.01 -16.04
C LYS A 553 -11.90 -5.07 -15.22
N LEU A 554 -11.34 -5.55 -14.10
CA LEU A 554 -10.59 -4.66 -13.26
C LEU A 554 -9.43 -4.15 -14.05
N TYR A 555 -8.80 -5.06 -14.83
CA TYR A 555 -7.62 -4.71 -15.55
C TYR A 555 -7.97 -3.61 -16.48
N ASP A 556 -9.07 -3.78 -17.22
CA ASP A 556 -9.38 -2.83 -18.25
C ASP A 556 -9.57 -1.52 -17.59
N GLN A 557 -10.38 -1.50 -16.52
CA GLN A 557 -10.69 -0.24 -15.93
C GLN A 557 -9.46 0.35 -15.29
N HIS A 558 -8.82 -0.39 -14.35
CA HIS A 558 -7.81 0.23 -13.57
C HIS A 558 -6.39 0.10 -14.04
N LEU A 559 -6.01 -1.02 -14.70
CA LEU A 559 -4.62 -1.36 -14.69
C LEU A 559 -3.84 -0.32 -15.41
N GLY A 560 -2.91 0.33 -14.68
CA GLY A 560 -2.03 1.30 -15.25
C GLY A 560 -2.77 2.60 -15.28
N LYS A 561 -4.11 2.49 -15.29
CA LYS A 561 -4.96 3.64 -15.28
C LYS A 561 -4.68 4.35 -14.00
N SER A 562 -4.53 3.58 -12.91
CA SER A 562 -4.18 4.23 -11.69
C SER A 562 -2.90 3.64 -11.23
N ASN A 563 -2.08 4.51 -10.62
CA ASN A 563 -0.85 4.13 -9.98
C ASN A 563 -1.26 3.25 -8.87
N ASN A 564 -2.48 3.53 -8.41
CA ASN A 564 -2.90 2.74 -7.32
C ASN A 564 -2.94 1.28 -7.70
N PHE A 565 -3.47 1.00 -8.89
CA PHE A 565 -3.65 -0.37 -9.19
C PHE A 565 -2.35 -0.89 -9.75
N GLN A 566 -1.78 -1.96 -9.13
CA GLN A 566 -0.53 -2.56 -9.53
C GLN A 566 -0.69 -4.04 -9.34
N LYS A 567 0.33 -4.86 -9.67
CA LYS A 567 0.17 -6.29 -9.53
C LYS A 567 1.45 -6.91 -9.06
N PRO A 568 1.36 -7.96 -8.26
CA PRO A 568 2.48 -8.76 -7.89
C PRO A 568 3.00 -9.50 -9.08
N LYS A 569 4.35 -9.55 -9.22
CA LYS A 569 5.00 -10.32 -10.24
C LYS A 569 5.11 -11.72 -9.71
N PRO A 570 5.18 -12.73 -10.55
CA PRO A 570 5.55 -14.03 -10.11
C PRO A 570 6.94 -13.92 -9.60
N ALA A 571 7.24 -14.64 -8.50
CA ALA A 571 8.57 -14.73 -7.97
C ALA A 571 8.73 -16.19 -7.72
N LYS A 572 9.80 -16.62 -7.03
CA LYS A 572 9.87 -18.04 -6.82
C LYS A 572 9.76 -18.30 -5.35
N GLY A 573 8.82 -19.20 -4.93
CA GLY A 573 7.80 -19.80 -5.73
C GLY A 573 6.94 -18.68 -6.19
N LYS A 574 6.91 -17.63 -5.35
CA LYS A 574 6.61 -17.73 -3.95
C LYS A 574 5.12 -17.72 -3.74
N ALA A 575 4.41 -16.84 -4.49
CA ALA A 575 3.05 -16.49 -4.12
C ALA A 575 2.28 -16.27 -5.38
N GLU A 576 0.93 -16.41 -5.32
CA GLU A 576 0.18 -15.96 -6.46
C GLU A 576 -0.91 -15.05 -5.97
N ALA A 577 -1.06 -13.89 -6.65
CA ALA A 577 -2.09 -12.93 -6.36
C ALA A 577 -2.43 -12.24 -7.64
N HIS A 578 -3.72 -11.88 -7.80
CA HIS A 578 -4.24 -11.26 -9.00
C HIS A 578 -3.83 -9.84 -9.14
N PHE A 579 -3.87 -9.05 -8.04
CA PHE A 579 -3.54 -7.67 -8.21
C PHE A 579 -3.29 -7.05 -6.88
N SER A 580 -2.71 -5.83 -6.90
CA SER A 580 -2.35 -5.19 -5.67
C SER A 580 -2.85 -3.78 -5.72
N LEU A 581 -3.02 -3.18 -4.53
CA LEU A 581 -3.51 -1.84 -4.38
C LEU A 581 -2.56 -1.14 -3.46
N VAL A 582 -2.67 0.20 -3.43
CA VAL A 582 -1.84 1.08 -2.65
C VAL A 582 -2.83 1.95 -1.95
N HIS A 583 -3.14 1.58 -0.72
CA HIS A 583 -4.17 2.30 -0.04
C HIS A 583 -3.39 3.38 0.65
N TYR A 584 -3.99 4.17 1.57
CA TYR A 584 -3.20 5.29 2.00
C TYR A 584 -1.94 4.83 2.67
N ALA A 585 -1.98 4.08 3.79
CA ALA A 585 -2.10 2.67 4.05
C ALA A 585 -0.84 1.92 3.76
N GLY A 586 -0.17 2.19 2.62
CA GLY A 586 0.80 1.25 2.15
C GLY A 586 0.07 0.29 1.24
N THR A 587 0.81 -0.57 0.51
CA THR A 587 0.23 -1.33 -0.57
C THR A 587 -0.27 -2.65 -0.05
N VAL A 588 -1.14 -3.32 -0.85
CA VAL A 588 -1.72 -4.57 -0.44
C VAL A 588 -1.95 -5.43 -1.66
N ASP A 589 -1.87 -6.77 -1.50
CA ASP A 589 -2.13 -7.69 -2.59
C ASP A 589 -3.22 -8.63 -2.13
N TYR A 590 -4.18 -8.96 -3.03
CA TYR A 590 -5.33 -9.77 -2.64
C TYR A 590 -5.45 -10.95 -3.57
N ASN A 591 -6.09 -12.05 -3.09
CA ASN A 591 -6.42 -13.14 -3.97
C ASN A 591 -7.80 -13.70 -3.67
N ILE A 592 -8.40 -14.25 -4.76
CA ILE A 592 -9.77 -14.53 -5.19
C ILE A 592 -10.48 -15.69 -4.51
N ALA A 593 -9.81 -16.74 -3.98
CA ALA A 593 -10.48 -18.00 -3.72
C ALA A 593 -11.70 -17.80 -2.88
N GLY A 594 -12.91 -17.98 -3.47
CA GLY A 594 -14.08 -17.69 -2.69
C GLY A 594 -14.99 -16.75 -3.43
N TRP A 595 -14.53 -15.49 -3.65
CA TRP A 595 -15.34 -14.35 -3.30
C TRP A 595 -16.69 -14.37 -3.99
N LEU A 596 -16.76 -14.61 -5.32
CA LEU A 596 -18.08 -14.56 -5.92
C LEU A 596 -18.91 -15.66 -5.32
N ASP A 597 -18.31 -16.85 -5.17
CA ASP A 597 -19.00 -18.01 -4.66
C ASP A 597 -19.39 -17.70 -3.24
N LYS A 598 -18.45 -17.07 -2.52
CA LYS A 598 -18.56 -16.69 -1.14
C LYS A 598 -19.66 -15.68 -1.03
N ASN A 599 -19.88 -14.96 -2.15
CA ASN A 599 -20.75 -13.82 -2.24
C ASN A 599 -22.19 -14.20 -1.99
N LYS A 600 -22.64 -15.37 -2.50
CA LYS A 600 -24.01 -15.55 -2.93
C LYS A 600 -24.96 -15.73 -1.76
N ASP A 601 -25.73 -14.65 -1.48
CA ASP A 601 -26.70 -14.43 -0.43
C ASP A 601 -28.14 -14.84 -0.64
N PRO A 602 -28.61 -15.51 -1.68
CA PRO A 602 -29.97 -15.44 -2.17
C PRO A 602 -31.00 -15.64 -1.12
N LEU A 603 -32.04 -14.79 -1.15
CA LEU A 603 -33.14 -14.93 -0.25
C LEU A 603 -34.09 -15.91 -0.83
N ASN A 604 -34.76 -16.71 0.02
CA ASN A 604 -35.74 -17.58 -0.55
C ASN A 604 -37.06 -17.27 0.07
N GLU A 605 -37.94 -16.69 -0.76
CA GLU A 605 -39.08 -15.97 -0.27
C GLU A 605 -39.93 -16.93 0.46
N THR A 606 -40.21 -18.06 -0.16
CA THR A 606 -41.26 -18.89 0.31
C THR A 606 -40.87 -19.47 1.60
N VAL A 607 -39.57 -19.71 1.79
CA VAL A 607 -39.14 -20.25 3.05
C VAL A 607 -39.58 -19.27 4.09
N VAL A 608 -39.34 -17.98 3.84
CA VAL A 608 -39.72 -17.00 4.83
C VAL A 608 -41.21 -17.03 5.00
N GLY A 609 -41.96 -17.25 3.91
CA GLY A 609 -43.40 -17.30 4.01
C GLY A 609 -43.83 -18.49 4.85
N LEU A 610 -43.21 -19.66 4.59
CA LEU A 610 -43.60 -20.93 5.17
C LEU A 610 -43.38 -20.84 6.64
N TYR A 611 -42.25 -20.22 6.98
CA TYR A 611 -41.62 -20.21 8.25
C TYR A 611 -42.49 -19.50 9.24
N GLN A 612 -43.35 -18.60 8.73
CA GLN A 612 -44.12 -17.67 9.50
C GLN A 612 -44.97 -18.40 10.51
N LYS A 613 -45.33 -19.68 10.27
CA LYS A 613 -46.28 -20.39 11.10
C LYS A 613 -45.59 -21.18 12.20
N SER A 614 -46.36 -21.53 13.27
CA SER A 614 -46.10 -22.59 14.23
C SER A 614 -45.35 -22.12 15.43
N ALA A 615 -44.15 -22.69 15.67
CA ALA A 615 -43.47 -22.50 16.93
C ALA A 615 -43.25 -21.04 17.15
N LEU A 616 -43.51 -20.62 18.40
CA LEU A 616 -43.73 -19.25 18.76
C LEU A 616 -42.51 -18.44 18.46
N LYS A 617 -41.32 -18.93 18.85
CA LYS A 617 -40.16 -18.12 18.64
C LYS A 617 -40.01 -17.93 17.17
N LEU A 618 -40.24 -19.01 16.41
CA LEU A 618 -39.94 -18.99 15.01
C LEU A 618 -40.82 -17.98 14.34
N LEU A 619 -42.11 -17.90 14.73
CA LEU A 619 -42.98 -16.97 14.06
C LEU A 619 -42.40 -15.61 14.27
N SER A 620 -41.99 -15.32 15.50
CA SER A 620 -41.60 -13.98 15.81
C SER A 620 -40.45 -13.63 14.94
N PHE A 621 -39.39 -14.46 14.92
CA PHE A 621 -38.18 -14.04 14.30
C PHE A 621 -38.45 -13.81 12.86
N LEU A 622 -39.10 -14.79 12.22
CA LEU A 622 -39.30 -14.74 10.81
C LEU A 622 -40.24 -13.64 10.46
N PHE A 623 -41.26 -13.40 11.30
CA PHE A 623 -42.24 -12.42 10.93
C PHE A 623 -41.54 -11.11 10.77
N SER A 624 -40.73 -10.70 11.75
CA SER A 624 -40.11 -9.42 11.61
C SER A 624 -39.23 -9.18 12.80
N ASN A 625 -38.94 -7.89 13.05
CA ASN A 625 -38.21 -7.44 14.19
C ASN A 625 -39.12 -7.55 15.36
N TYR A 626 -38.58 -7.29 16.57
CA TYR A 626 -39.28 -7.16 17.82
C TYR A 626 -40.38 -6.15 17.65
N ALA A 627 -41.24 -6.01 18.68
CA ALA A 627 -42.42 -5.19 18.60
C ALA A 627 -42.05 -3.86 18.03
N GLY A 628 -42.65 -3.55 16.86
CA GLY A 628 -42.30 -2.42 16.06
C GLY A 628 -42.91 -2.68 14.71
N ALA A 629 -42.85 -1.68 13.80
CA ALA A 629 -43.46 -1.90 12.52
C ALA A 629 -42.72 -1.10 11.49
N GLU A 630 -42.96 -1.43 10.21
CA GLU A 630 -42.16 -0.92 9.14
C GLU A 630 -43.05 -0.30 8.12
N ALA A 631 -42.58 -0.28 6.86
CA ALA A 631 -43.17 0.53 5.83
C ALA A 631 -43.13 -0.26 4.56
N GLY A 632 -43.23 0.46 3.42
CA GLY A 632 -43.26 -0.20 2.16
C GLY A 632 -42.70 0.72 1.12
N ASP A 633 -43.14 0.48 -0.13
CA ASP A 633 -42.57 0.95 -1.36
C ASP A 633 -42.78 2.43 -1.53
N SER A 634 -43.59 3.06 -0.66
CA SER A 634 -43.73 4.48 -0.83
C SER A 634 -42.54 5.16 -0.22
N GLY A 635 -41.83 5.97 -1.06
CA GLY A 635 -40.82 6.84 -0.55
C GLY A 635 -39.60 6.08 -0.11
N GLY A 636 -39.06 5.19 -0.97
CA GLY A 636 -37.75 4.68 -0.73
C GLY A 636 -37.41 3.77 -1.86
N SER A 637 -36.10 3.66 -2.21
CA SER A 637 -35.05 4.44 -1.63
C SER A 637 -34.12 4.80 -2.75
N LYS A 638 -32.82 4.79 -2.43
CA LYS A 638 -31.71 5.27 -3.23
C LYS A 638 -31.25 4.33 -4.33
N LYS A 639 -31.93 3.19 -4.61
CA LYS A 639 -31.33 2.04 -5.25
C LYS A 639 -30.46 1.43 -4.24
N GLY A 640 -31.08 1.32 -3.05
CA GLY A 640 -30.63 0.75 -1.81
C GLY A 640 -30.35 -0.69 -2.02
N GLY A 641 -30.99 -1.30 -3.04
CA GLY A 641 -30.65 -2.67 -3.28
C GLY A 641 -31.93 -3.40 -3.37
N LYS A 642 -32.73 -3.27 -2.29
CA LYS A 642 -34.03 -3.85 -2.18
C LYS A 642 -34.06 -5.27 -2.69
N LYS A 643 -34.36 -5.56 -3.99
CA LYS A 643 -34.16 -6.88 -4.58
C LYS A 643 -32.79 -7.13 -5.21
N LYS A 644 -32.23 -6.14 -5.94
CA LYS A 644 -31.26 -6.33 -7.00
C LYS A 644 -31.78 -7.21 -8.10
N GLY A 645 -32.97 -6.89 -8.63
CA GLY A 645 -33.34 -7.31 -9.95
C GLY A 645 -33.95 -8.67 -9.82
N SER A 646 -33.40 -9.44 -8.86
CA SER A 646 -33.90 -10.73 -8.53
C SER A 646 -32.79 -11.36 -7.74
N SER A 647 -33.10 -12.45 -7.00
CA SER A 647 -32.10 -13.17 -6.24
C SER A 647 -31.59 -12.40 -5.05
N PHE A 648 -32.34 -11.42 -4.49
CA PHE A 648 -31.92 -10.78 -3.28
C PHE A 648 -30.54 -10.19 -3.49
N GLN A 649 -29.98 -9.61 -2.42
CA GLN A 649 -28.89 -8.71 -2.49
C GLN A 649 -27.68 -9.43 -2.03
N THR A 650 -26.54 -8.87 -2.40
CA THR A 650 -25.25 -9.41 -2.15
C THR A 650 -24.74 -8.79 -0.89
N VAL A 651 -23.47 -9.09 -0.54
CA VAL A 651 -22.82 -8.51 0.60
C VAL A 651 -22.43 -7.07 0.35
N SER A 652 -21.94 -6.75 -0.87
CA SER A 652 -21.31 -5.46 -1.06
C SER A 652 -22.31 -4.39 -0.83
N ALA A 653 -23.57 -4.65 -1.23
CA ALA A 653 -24.57 -3.65 -1.12
C ALA A 653 -24.78 -3.32 0.33
N VAL A 654 -24.89 -4.37 1.17
CA VAL A 654 -25.16 -4.17 2.58
C VAL A 654 -23.97 -3.51 3.21
N PHE A 655 -22.77 -3.81 2.70
CA PHE A 655 -21.60 -3.24 3.31
C PHE A 655 -21.73 -1.75 3.21
N ARG A 656 -22.22 -1.27 2.06
CA ARG A 656 -22.41 0.14 1.84
C ARG A 656 -23.35 0.61 2.89
N GLU A 657 -24.37 -0.22 3.17
CA GLU A 657 -25.43 0.10 4.07
C GLU A 657 -24.84 0.38 5.41
N ASN A 658 -24.04 -0.57 5.93
CA ASN A 658 -23.59 -0.48 7.29
C ASN A 658 -22.71 0.71 7.44
N LEU A 659 -21.72 0.84 6.54
CA LEU A 659 -20.65 1.78 6.74
C LEU A 659 -21.28 3.13 6.79
N ASN A 660 -22.25 3.37 5.89
CA ASN A 660 -22.85 4.65 5.79
C ASN A 660 -23.45 4.95 7.13
N LYS A 661 -24.06 3.92 7.75
CA LYS A 661 -24.67 4.07 9.03
C LYS A 661 -23.61 4.39 10.04
N LEU A 662 -22.45 3.70 9.97
CA LEU A 662 -21.43 3.89 10.96
C LEU A 662 -20.98 5.31 10.88
N MET A 663 -20.77 5.80 9.65
CA MET A 663 -20.21 7.10 9.43
C MET A 663 -21.16 8.10 9.98
N THR A 664 -22.47 7.86 9.80
CA THR A 664 -23.46 8.84 10.12
C THR A 664 -23.29 9.18 11.57
N ASN A 665 -23.12 8.13 12.41
CA ASN A 665 -23.00 8.31 13.83
C ASN A 665 -21.70 8.98 14.18
N LEU A 666 -20.57 8.50 13.61
CA LEU A 666 -19.29 8.84 14.17
C LEU A 666 -19.13 10.31 14.10
N ARG A 667 -19.44 10.87 12.92
CA ARG A 667 -19.22 12.25 12.64
C ARG A 667 -20.18 13.06 13.46
N SER A 668 -21.25 12.40 13.96
CA SER A 668 -22.12 13.01 14.92
C SER A 668 -21.33 13.36 16.16
N THR A 669 -20.37 12.51 16.60
CA THR A 669 -19.85 12.73 17.92
C THR A 669 -18.36 12.96 17.88
N HIS A 670 -17.84 13.59 18.94
CA HIS A 670 -16.49 14.08 19.01
C HIS A 670 -15.60 12.95 19.40
N PRO A 671 -14.71 12.62 18.50
CA PRO A 671 -13.84 11.48 18.61
C PRO A 671 -12.74 11.72 19.59
N HIS A 672 -12.18 10.65 20.18
CA HIS A 672 -10.88 10.67 20.79
C HIS A 672 -10.26 9.36 20.46
N PHE A 673 -8.91 9.29 20.42
CA PHE A 673 -8.39 8.03 19.96
C PHE A 673 -7.28 7.61 20.87
N VAL A 674 -7.35 6.32 21.33
CA VAL A 674 -6.35 5.82 22.21
C VAL A 674 -5.76 4.62 21.54
N ARG A 675 -4.41 4.47 21.58
CA ARG A 675 -3.84 3.30 21.00
C ARG A 675 -3.00 2.64 22.04
N CYS A 676 -3.26 1.35 22.30
CA CYS A 676 -2.48 0.65 23.27
C CYS A 676 -1.61 -0.31 22.53
N LEU A 677 -0.42 -0.56 23.09
CA LEU A 677 0.61 -1.30 22.39
C LEU A 677 1.08 -2.41 23.28
N ILE A 678 1.85 -3.35 22.70
CA ILE A 678 2.68 -4.24 23.47
C ILE A 678 4.07 -4.11 22.93
N PRO A 679 5.02 -3.82 23.77
CA PRO A 679 6.33 -3.39 23.35
C PRO A 679 7.09 -4.36 22.50
N ASN A 680 7.26 -5.62 22.95
CA ASN A 680 8.13 -6.53 22.27
C ASN A 680 7.76 -7.91 22.69
N GLU A 681 8.20 -8.92 21.92
CA GLU A 681 7.62 -10.22 22.09
C GLU A 681 7.90 -10.74 23.48
N THR A 682 9.18 -10.72 23.92
CA THR A 682 9.40 -11.20 25.27
C THR A 682 9.12 -10.04 26.18
N LYS A 683 8.35 -10.29 27.24
CA LYS A 683 7.71 -9.20 27.91
C LYS A 683 8.63 -8.69 28.97
N THR A 684 9.32 -7.57 28.69
CA THR A 684 10.18 -6.98 29.66
C THR A 684 10.02 -5.49 29.58
N PRO A 685 10.23 -4.84 30.68
CA PRO A 685 10.15 -3.41 30.77
C PRO A 685 11.36 -2.81 30.07
N GLY A 686 11.24 -1.55 29.61
CA GLY A 686 12.35 -0.77 29.08
C GLY A 686 12.40 -1.03 27.61
N VAL A 687 11.77 -2.15 27.18
CA VAL A 687 12.33 -2.85 26.06
C VAL A 687 11.67 -2.42 24.79
N MET A 688 12.46 -2.38 23.70
CA MET A 688 11.87 -1.93 22.49
C MET A 688 12.37 -2.75 21.34
N ASP A 689 11.44 -3.45 20.67
CA ASP A 689 11.71 -4.21 19.49
C ASP A 689 11.47 -3.28 18.35
N HIS A 690 12.55 -2.92 17.64
CA HIS A 690 12.51 -1.85 16.70
C HIS A 690 11.58 -2.19 15.59
N TYR A 691 11.64 -3.43 15.10
CA TYR A 691 10.84 -3.83 13.98
C TYR A 691 9.39 -3.77 14.34
N LEU A 692 9.02 -4.29 15.53
CA LEU A 692 7.64 -4.54 15.81
C LEU A 692 6.90 -3.23 15.80
N VAL A 693 7.43 -2.24 16.52
CA VAL A 693 6.74 -1.00 16.71
C VAL A 693 6.61 -0.34 15.38
N MET A 694 7.65 -0.45 14.55
CA MET A 694 7.68 0.27 13.31
C MET A 694 6.50 -0.18 12.52
N HIS A 695 6.30 -1.51 12.45
CA HIS A 695 5.23 -2.05 11.71
C HIS A 695 3.99 -1.51 12.33
N GLN A 696 4.01 -1.41 13.67
CA GLN A 696 2.85 -0.97 14.36
C GLN A 696 2.54 0.40 13.86
N LEU A 697 3.56 1.27 13.73
CA LEU A 697 3.29 2.66 13.52
C LEU A 697 2.56 2.86 12.24
N ARG A 698 3.00 2.21 11.16
CA ARG A 698 2.38 2.45 9.89
C ARG A 698 0.97 1.97 9.93
N CYS A 699 0.74 0.80 10.57
CA CYS A 699 -0.59 0.26 10.69
C CYS A 699 -1.39 1.21 11.53
N ASN A 700 -0.75 1.76 12.57
CA ASN A 700 -1.35 2.69 13.49
C ASN A 700 -1.76 3.85 12.66
N GLY A 701 -0.91 4.21 11.67
CA GLY A 701 -1.16 5.34 10.84
C GLY A 701 -0.55 6.51 11.54
N VAL A 702 0.07 6.25 12.71
CA VAL A 702 0.60 7.29 13.53
C VAL A 702 1.65 8.00 12.76
N LEU A 703 2.44 7.24 11.97
CA LEU A 703 3.46 7.85 11.20
C LEU A 703 2.77 8.84 10.32
N GLU A 704 1.56 8.47 9.84
CA GLU A 704 0.84 9.30 8.93
C GLU A 704 0.50 10.62 9.55
N GLY A 705 -0.30 10.70 10.62
CA GLY A 705 0.04 11.29 11.88
C GLY A 705 0.92 12.47 11.65
N ILE A 706 2.20 12.09 11.59
CA ILE A 706 3.43 12.82 11.54
C ILE A 706 3.58 13.52 10.23
N ARG A 707 3.21 12.82 9.14
CA ARG A 707 3.27 13.25 7.77
C ARG A 707 2.41 14.47 7.60
N ILE A 708 1.19 14.48 8.17
CA ILE A 708 0.35 15.62 7.99
C ILE A 708 1.07 16.79 8.58
N CYS A 709 1.75 16.55 9.71
CA CYS A 709 2.35 17.59 10.48
C CYS A 709 3.38 18.24 9.61
N ARG A 710 4.02 17.46 8.73
CA ARG A 710 5.01 18.01 7.85
C ARG A 710 4.32 19.07 7.06
N LYS A 711 3.06 18.81 6.69
CA LYS A 711 2.38 19.48 5.63
C LYS A 711 2.45 20.95 5.89
N GLY A 712 2.18 21.38 7.14
CA GLY A 712 2.08 22.78 7.46
C GLY A 712 3.32 23.28 8.15
N PHE A 713 3.12 24.20 9.11
CA PHE A 713 4.20 24.77 9.89
C PHE A 713 4.08 24.25 11.29
N PRO A 714 4.79 23.20 11.62
CA PRO A 714 4.72 22.56 12.90
C PRO A 714 5.04 23.44 14.05
N SER A 715 6.28 23.94 14.11
CA SER A 715 6.73 24.44 15.38
C SER A 715 6.12 25.78 15.54
N ARG A 716 5.59 26.06 16.75
CA ARG A 716 5.06 27.35 16.98
C ARG A 716 5.47 27.76 18.35
N ILE A 717 5.77 29.06 18.51
CA ILE A 717 6.21 29.55 19.78
C ILE A 717 5.74 30.98 19.84
N LEU A 718 5.79 31.60 21.03
CA LEU A 718 5.61 33.02 21.09
C LEU A 718 6.93 33.64 20.73
N TYR A 719 6.88 34.90 20.26
CA TYR A 719 8.09 35.62 19.94
C TYR A 719 8.86 35.81 21.20
N ALA A 720 8.14 36.16 22.27
CA ALA A 720 8.80 36.48 23.51
C ALA A 720 9.56 35.26 23.91
N ASP A 721 8.93 34.09 23.72
CA ASP A 721 9.56 32.84 24.05
C ASP A 721 10.78 32.70 23.19
N PHE A 722 10.62 33.02 21.90
CA PHE A 722 11.63 32.77 20.92
C PHE A 722 12.84 33.56 21.29
N LYS A 723 12.62 34.83 21.67
CA LYS A 723 13.73 35.70 21.92
C LYS A 723 14.52 35.19 23.09
N GLN A 724 13.85 34.71 24.17
CA GLN A 724 14.57 34.52 25.39
C GLN A 724 15.66 33.51 25.19
N ARG A 725 15.33 32.32 24.64
CA ARG A 725 16.32 31.29 24.59
C ARG A 725 17.38 31.68 23.60
N TYR A 726 16.93 32.10 22.40
CA TYR A 726 17.70 32.04 21.21
C TYR A 726 18.77 33.09 21.15
N ARG A 727 18.55 34.24 21.82
CA ARG A 727 19.28 35.46 21.62
C ARG A 727 20.74 35.20 21.81
N ILE A 728 21.08 34.26 22.71
CA ILE A 728 22.45 34.02 23.05
C ILE A 728 23.17 33.69 21.77
N LEU A 729 22.43 33.13 20.79
CA LEU A 729 22.97 32.91 19.49
C LEU A 729 23.41 34.20 18.85
N ASN A 730 22.53 35.22 18.79
CA ASN A 730 22.96 36.45 18.17
C ASN A 730 22.67 37.56 19.13
N ALA A 731 23.75 38.11 19.75
CA ALA A 731 23.58 39.10 20.77
C ALA A 731 23.75 40.47 20.20
N SER A 732 23.23 41.48 20.94
CA SER A 732 23.52 42.86 20.69
C SER A 732 23.72 43.48 22.03
N ALA A 733 24.15 44.77 22.05
CA ALA A 733 24.52 45.42 23.27
C ALA A 733 23.35 45.55 24.19
N ILE A 734 22.15 45.88 23.64
CA ILE A 734 21.06 46.36 24.46
C ILE A 734 20.54 45.25 25.32
N PRO A 735 20.21 45.62 26.53
CA PRO A 735 19.91 44.70 27.60
C PRO A 735 18.67 43.91 27.30
N GLU A 736 18.60 42.64 27.78
CA GLU A 736 17.48 41.82 27.38
C GLU A 736 16.21 42.36 27.93
N GLY A 737 16.23 42.77 29.23
CA GLY A 737 15.55 43.92 29.79
C GLY A 737 14.03 43.86 29.82
N GLN A 738 13.42 43.37 28.72
CA GLN A 738 12.23 43.91 28.14
C GLN A 738 12.60 45.23 27.59
N PHE A 739 13.91 45.54 27.57
CA PHE A 739 14.39 46.68 26.85
C PHE A 739 14.16 46.39 25.41
N ILE A 740 14.54 45.16 24.97
CA ILE A 740 14.34 44.93 23.59
C ILE A 740 12.93 44.50 23.44
N ASP A 741 12.16 45.33 22.71
CA ASP A 741 10.79 45.07 22.45
C ASP A 741 10.79 43.76 21.73
N SER A 742 9.85 42.87 22.07
CA SER A 742 9.95 41.53 21.58
C SER A 742 9.85 41.57 20.10
N LYS A 743 8.97 42.44 19.56
CA LYS A 743 8.72 42.44 18.15
C LYS A 743 9.99 42.82 17.42
N ASN A 744 10.64 43.92 17.84
CA ASN A 744 11.74 44.44 17.09
C ASN A 744 12.83 43.44 17.07
N ALA A 745 13.21 42.96 18.27
CA ALA A 745 14.43 42.24 18.41
C ALA A 745 14.35 41.00 17.60
N SER A 746 13.21 40.29 17.70
CA SER A 746 13.07 39.03 17.06
C SER A 746 13.10 39.27 15.59
N GLU A 747 12.64 40.47 15.18
CA GLU A 747 12.76 40.83 13.79
C GLU A 747 14.22 40.85 13.51
N LYS A 748 14.99 41.48 14.42
CA LYS A 748 16.39 41.72 14.19
C LYS A 748 17.11 40.42 14.12
N LEU A 749 16.81 39.47 15.02
CA LEU A 749 17.60 38.28 15.00
C LEU A 749 17.37 37.60 13.69
N LEU A 750 16.11 37.48 13.26
CA LEU A 750 15.80 36.57 12.19
C LEU A 750 16.54 37.00 10.97
N ASN A 751 16.40 38.29 10.60
CA ASN A 751 16.91 38.77 9.35
C ASN A 751 18.40 38.77 9.40
N SER A 752 18.96 39.14 10.57
CA SER A 752 20.39 39.21 10.67
C SER A 752 20.93 37.82 10.59
N ILE A 753 20.07 36.82 10.88
CA ILE A 753 20.33 35.43 10.65
C ILE A 753 20.39 35.19 9.17
N ASP A 754 19.56 35.94 8.41
CA ASP A 754 19.25 35.76 7.01
C ASP A 754 18.66 34.41 6.73
N VAL A 755 17.68 34.01 7.55
CA VAL A 755 16.79 32.99 7.11
C VAL A 755 15.95 33.59 6.03
N ASP A 756 15.55 32.77 5.04
CA ASP A 756 14.65 33.28 4.04
C ASP A 756 13.29 33.32 4.67
N ARG A 757 12.40 34.14 4.10
CA ARG A 757 11.10 34.39 4.63
C ARG A 757 10.29 33.14 4.54
N GLU A 758 10.58 32.29 3.54
CA GLU A 758 9.74 31.19 3.19
C GLU A 758 9.56 30.36 4.41
N GLN A 759 10.63 30.24 5.21
CA GLN A 759 10.68 29.33 6.33
C GLN A 759 9.66 29.69 7.37
N TYR A 760 9.47 30.99 7.68
CA TYR A 760 8.64 31.31 8.81
C TYR A 760 7.76 32.47 8.45
N ARG A 761 6.72 32.74 9.25
CA ARG A 761 5.98 33.96 9.04
C ARG A 761 5.59 34.52 10.38
N PHE A 762 5.47 35.87 10.45
CA PHE A 762 4.92 36.54 11.60
C PHE A 762 3.45 36.70 11.29
N GLY A 763 2.54 36.79 12.30
CA GLY A 763 2.71 36.76 13.71
C GLY A 763 2.39 38.11 14.26
N HIS A 764 1.19 38.32 14.82
CA HIS A 764 1.14 39.26 15.90
C HIS A 764 1.68 38.60 17.13
N THR A 765 1.05 37.49 17.57
CA THR A 765 1.50 36.76 18.73
C THR A 765 2.64 35.81 18.47
N LYS A 766 2.61 35.08 17.34
CA LYS A 766 3.47 33.92 17.24
C LYS A 766 4.28 34.01 16.00
N VAL A 767 5.43 33.30 15.95
CA VAL A 767 6.11 33.20 14.69
C VAL A 767 5.96 31.79 14.22
N PHE A 768 5.71 31.63 12.91
CA PHE A 768 5.38 30.34 12.40
C PHE A 768 6.61 29.74 11.84
N PHE A 769 6.99 28.58 12.38
CA PHE A 769 8.23 28.00 11.94
C PHE A 769 7.91 26.81 11.13
N LYS A 770 8.83 26.49 10.22
CA LYS A 770 8.68 25.38 9.34
C LYS A 770 9.40 24.25 9.96
N ALA A 771 9.38 23.12 9.24
CA ALA A 771 10.41 22.21 9.55
C ALA A 771 11.68 22.97 9.43
N GLY A 772 12.43 22.87 10.57
CA GLY A 772 13.88 22.60 10.41
C GLY A 772 14.64 23.78 10.86
N LEU A 773 13.99 24.94 10.79
CA LEU A 773 14.58 26.20 11.13
C LEU A 773 15.05 26.05 12.55
N LEU A 774 14.17 25.50 13.41
CA LEU A 774 14.52 25.34 14.79
C LEU A 774 15.69 24.42 14.81
N GLY A 775 15.69 23.39 13.94
CA GLY A 775 16.76 22.43 13.98
C GLY A 775 18.02 23.17 13.70
N LEU A 776 17.97 24.12 12.76
CA LEU A 776 19.14 24.90 12.47
C LEU A 776 19.47 25.64 13.73
N LEU A 777 18.43 26.24 14.35
CA LEU A 777 18.61 27.19 15.41
C LEU A 777 19.26 26.50 16.57
N GLU A 778 18.73 25.33 16.94
CA GLU A 778 19.14 24.61 18.11
C GLU A 778 20.57 24.26 17.90
N GLU A 779 20.88 23.84 16.67
CA GLU A 779 22.17 23.30 16.42
C GLU A 779 23.15 24.38 16.69
N MET A 780 22.86 25.59 16.17
CA MET A 780 23.79 26.67 16.20
C MET A 780 24.01 27.10 17.61
N ARG A 781 22.95 27.11 18.44
CA ARG A 781 23.15 27.49 19.81
C ARG A 781 24.07 26.50 20.43
N ASP A 782 23.96 25.22 20.00
CA ASP A 782 24.79 24.19 20.56
C ASP A 782 26.21 24.58 20.32
N GLU A 783 26.54 24.94 19.06
CA GLU A 783 27.89 25.26 18.72
C GLU A 783 28.28 26.53 19.42
N LYS A 784 27.33 27.47 19.54
CA LYS A 784 27.61 28.73 20.18
C LYS A 784 27.99 28.44 21.60
N LEU A 785 27.25 27.52 22.24
CA LEU A 785 27.32 27.35 23.67
C LEU A 785 28.73 26.99 24.01
N VAL A 786 29.33 26.11 23.20
CA VAL A 786 30.64 25.62 23.46
C VAL A 786 31.63 26.74 23.42
N THR A 787 31.55 27.58 22.37
CA THR A 787 32.64 28.46 22.03
C THR A 787 32.89 29.42 23.16
N LEU A 788 31.81 30.01 23.70
CA LEU A 788 31.91 31.01 24.73
C LEU A 788 32.52 30.34 25.91
N MET A 789 32.26 29.02 26.06
CA MET A 789 32.80 28.33 27.18
C MET A 789 34.29 28.47 27.08
N THR A 790 34.83 28.17 25.89
CA THR A 790 36.24 28.15 25.71
C THR A 790 36.72 29.55 25.88
N ARG A 791 35.92 30.52 25.41
CA ARG A 791 36.28 31.91 25.50
C ARG A 791 36.33 32.33 26.95
N THR A 792 35.41 31.83 27.81
CA THR A 792 35.49 32.20 29.19
C THR A 792 36.80 31.70 29.67
N GLN A 793 37.13 30.47 29.26
CA GLN A 793 38.33 29.84 29.69
C GLN A 793 39.46 30.66 29.17
N ALA A 794 39.26 31.29 28.00
CA ALA A 794 40.26 32.18 27.49
C ALA A 794 40.42 33.27 28.50
N LEU A 795 39.28 33.78 29.02
CA LEU A 795 39.28 34.92 29.89
C LEU A 795 40.03 34.58 31.13
N CYS A 796 39.79 33.37 31.67
CA CYS A 796 40.38 32.96 32.90
C CYS A 796 41.87 32.92 32.71
N ARG A 797 42.31 32.49 31.51
CA ARG A 797 43.70 32.37 31.22
C ARG A 797 44.35 33.72 31.30
N GLY A 798 43.68 34.74 30.72
CA GLY A 798 44.25 36.06 30.66
C GLY A 798 44.44 36.52 32.06
N TYR A 799 43.49 36.12 32.91
CA TYR A 799 43.44 36.54 34.28
C TYR A 799 44.72 36.13 34.90
N LEU A 800 45.12 34.87 34.63
CA LEU A 800 46.30 34.32 35.22
C LEU A 800 47.46 35.14 34.78
N MET A 801 47.58 35.30 33.45
CA MET A 801 48.80 35.82 32.88
C MET A 801 48.98 37.24 33.30
N ARG A 802 47.89 38.00 33.29
CA ARG A 802 47.95 39.40 33.56
C ARG A 802 48.48 39.57 34.94
N VAL A 803 47.98 38.74 35.87
CA VAL A 803 48.36 38.82 37.24
C VAL A 803 49.81 38.49 37.39
N GLU A 804 50.32 37.56 36.55
CA GLU A 804 51.71 37.19 36.63
C GLU A 804 52.48 38.46 36.43
N PHE A 805 51.97 39.29 35.52
CA PHE A 805 52.71 40.29 34.81
C PHE A 805 53.36 41.25 35.76
N LYS A 806 52.60 41.83 36.70
CA LYS A 806 53.15 42.88 37.51
C LYS A 806 54.24 42.31 38.34
N LYS A 807 54.05 41.06 38.82
CA LYS A 807 55.07 40.45 39.59
C LYS A 807 56.27 40.38 38.71
N MET A 808 56.06 40.05 37.42
CA MET A 808 57.14 39.89 36.50
C MET A 808 57.89 41.18 36.34
N MET A 809 57.16 42.30 36.13
CA MET A 809 57.82 43.54 35.81
C MET A 809 58.65 43.92 36.98
N GLU A 810 58.08 43.70 38.18
CA GLU A 810 58.64 44.15 39.41
C GLU A 810 59.99 43.54 39.50
N ARG A 811 60.07 42.25 39.15
CA ARG A 811 61.30 41.51 39.23
C ARG A 811 62.25 42.10 38.26
N ARG A 812 61.75 42.62 37.12
CA ARG A 812 62.64 42.99 36.06
C ARG A 812 63.62 44.00 36.55
N ASP A 813 63.13 45.08 37.21
CA ASP A 813 64.03 46.10 37.64
C ASP A 813 64.92 45.57 38.71
N SER A 814 64.39 44.71 39.59
CA SER A 814 65.22 44.20 40.63
C SER A 814 66.35 43.46 39.98
N ILE A 815 66.03 42.64 38.96
CA ILE A 815 66.98 41.82 38.27
C ILE A 815 67.98 42.69 37.58
N PHE A 816 67.50 43.76 36.93
CA PHE A 816 68.33 44.54 36.05
C PHE A 816 69.45 45.07 36.88
N CYS A 817 69.12 45.59 38.07
CA CYS A 817 70.11 46.19 38.92
C CYS A 817 71.11 45.13 39.25
N ILE A 818 70.61 43.91 39.53
CA ILE A 818 71.47 42.89 40.04
C ILE A 818 72.53 42.66 39.04
N GLN A 819 72.12 42.52 37.76
CA GLN A 819 73.04 42.10 36.76
C GLN A 819 74.09 43.15 36.60
N TYR A 820 73.69 44.42 36.46
CA TYR A 820 74.70 45.36 36.12
C TYR A 820 75.63 45.56 37.28
N ASN A 821 75.13 45.65 38.52
CA ASN A 821 75.98 46.05 39.61
C ASN A 821 77.06 45.04 39.83
N ILE A 822 76.72 43.74 39.80
CA ILE A 822 77.74 42.76 40.04
C ILE A 822 78.76 42.94 38.97
N ARG A 823 78.26 43.23 37.74
CA ARG A 823 79.07 43.38 36.57
C ARG A 823 79.93 44.57 36.82
N ALA A 824 79.37 45.57 37.53
CA ALA A 824 80.11 46.74 37.90
C ALA A 824 81.21 46.21 38.74
N PHE A 825 80.88 45.22 39.58
CA PHE A 825 81.82 44.66 40.49
C PHE A 825 82.94 43.98 39.77
N MET A 826 82.65 43.27 38.66
CA MET A 826 83.61 42.36 38.11
C MET A 826 84.85 43.12 37.76
N ASN A 827 84.70 44.30 37.13
CA ASN A 827 85.86 45.10 36.85
C ASN A 827 86.45 45.66 38.10
N VAL A 828 85.61 46.17 39.03
CA VAL A 828 86.13 47.05 40.07
C VAL A 828 87.14 46.32 40.88
N LYS A 829 86.85 45.04 41.18
CA LYS A 829 87.66 44.37 42.14
C LYS A 829 89.08 44.37 41.65
N HIS A 830 89.27 44.21 40.33
CA HIS A 830 90.60 44.26 39.79
C HIS A 830 91.21 45.63 39.87
N TRP A 831 90.48 46.69 39.47
CA TRP A 831 91.10 47.97 39.22
C TRP A 831 91.70 48.46 40.49
N PRO A 832 92.95 48.86 40.44
CA PRO A 832 93.74 49.12 41.61
C PRO A 832 93.15 50.20 42.44
N TRP A 833 92.71 51.30 41.81
CA TRP A 833 92.37 52.49 42.54
C TRP A 833 91.18 52.18 43.38
N MET A 834 90.24 51.38 42.84
CA MET A 834 89.02 51.13 43.54
C MET A 834 89.40 50.50 44.84
N ASN A 835 90.33 49.53 44.77
CA ASN A 835 90.69 48.80 45.96
C ASN A 835 91.26 49.77 46.94
N LEU A 836 92.15 50.65 46.46
CA LEU A 836 92.91 51.51 47.33
C LEU A 836 91.97 52.43 48.05
N PHE A 837 90.96 52.95 47.32
CA PHE A 837 90.06 53.93 47.84
C PHE A 837 89.39 53.33 49.02
N PHE A 838 89.00 52.06 48.88
CA PHE A 838 88.27 51.41 49.92
C PHE A 838 89.13 51.32 51.14
N LYS A 839 90.42 50.96 50.98
CA LYS A 839 91.33 50.90 52.08
C LYS A 839 91.53 52.29 52.63
N ILE A 840 91.62 53.30 51.74
CA ILE A 840 92.01 54.62 52.18
C ILE A 840 90.98 55.17 53.11
N LYS A 841 89.69 54.90 52.84
CA LYS A 841 88.64 55.56 53.57
C LYS A 841 88.74 55.31 55.05
N PRO A 842 88.90 54.09 55.51
CA PRO A 842 88.82 53.82 56.91
C PRO A 842 89.95 54.50 57.59
N LEU A 843 90.97 54.91 56.81
CA LEU A 843 92.10 55.57 57.38
C LEU A 843 91.58 56.83 57.97
N LEU A 844 90.57 57.43 57.31
CA LEU A 844 90.07 58.70 57.71
C LEU A 844 89.44 58.56 59.06
N LYS A 845 89.54 59.64 59.85
CA LYS A 845 89.11 59.62 61.21
C LYS A 845 87.61 59.91 61.24
N GLN B 1 76.69 67.65 47.86
CA GLN B 1 78.07 67.88 47.40
C GLN B 1 78.92 66.79 47.95
N THR B 2 78.27 65.88 48.70
CA THR B 2 78.91 64.78 49.33
C THR B 2 79.57 63.99 48.24
N GLN B 3 80.49 63.08 48.63
CA GLN B 3 81.15 62.25 47.68
C GLN B 3 82.32 63.01 47.12
N ILE B 4 82.08 64.01 46.25
CA ILE B 4 83.16 64.73 45.65
C ILE B 4 83.86 65.58 46.68
N GLN B 5 83.15 66.32 47.55
CA GLN B 5 83.85 67.13 48.50
C GLN B 5 84.59 66.17 49.36
N GLU B 6 83.98 64.98 49.51
CA GLU B 6 84.54 63.87 50.22
C GLU B 6 85.83 63.46 49.55
N PHE B 7 85.82 63.40 48.20
CA PHE B 7 86.93 62.98 47.37
C PHE B 7 87.99 64.02 47.53
N LYS B 8 87.53 65.28 47.59
CA LYS B 8 88.33 66.45 47.50
C LYS B 8 89.34 66.31 48.58
N GLU B 9 88.87 65.83 49.73
CA GLU B 9 89.71 65.62 50.87
C GLU B 9 90.76 64.62 50.51
N ALA B 10 90.33 63.50 49.93
CA ALA B 10 91.19 62.36 49.80
C ALA B 10 92.34 62.79 48.97
N PHE B 11 92.03 63.57 47.92
CA PHE B 11 92.98 64.04 46.97
C PHE B 11 93.99 64.92 47.66
N THR B 12 93.53 65.85 48.53
CA THR B 12 94.41 66.84 49.09
C THR B 12 95.40 66.27 50.05
N VAL B 13 95.05 65.20 50.81
CA VAL B 13 95.94 64.72 51.84
C VAL B 13 97.23 64.39 51.19
N ILE B 14 97.14 63.63 50.09
CA ILE B 14 98.28 63.15 49.37
C ILE B 14 99.00 64.27 48.70
N ASP B 15 98.27 65.34 48.30
CA ASP B 15 98.75 66.45 47.51
C ASP B 15 100.00 67.06 48.10
N GLN B 16 99.90 68.32 48.56
CA GLN B 16 101.04 68.97 49.15
C GLN B 16 102.08 69.22 48.10
N ASN B 17 101.77 68.82 46.84
CA ASN B 17 102.61 69.08 45.71
C ASN B 17 102.29 70.50 45.37
N ARG B 18 102.79 71.03 44.23
CA ARG B 18 102.45 72.40 44.02
C ARG B 18 102.08 72.63 42.59
N ASP B 19 101.03 73.44 42.36
CA ASP B 19 100.03 73.64 43.36
C ASP B 19 99.14 72.47 43.14
N GLY B 20 97.97 72.42 43.82
CA GLY B 20 97.34 71.19 44.21
C GLY B 20 97.25 70.26 43.03
N ILE B 21 98.26 69.38 42.93
CA ILE B 21 98.27 68.29 42.00
C ILE B 21 98.94 67.18 42.72
N ILE B 22 98.48 65.95 42.45
CA ILE B 22 98.97 64.83 43.20
C ILE B 22 99.80 64.02 42.24
N ASP B 23 101.10 64.30 42.24
CA ASP B 23 101.94 63.89 41.15
C ASP B 23 103.03 63.06 41.74
N LYS B 24 103.87 62.41 40.92
CA LYS B 24 104.17 61.00 41.12
C LYS B 24 104.63 60.74 42.51
N GLU B 25 105.48 61.62 43.08
CA GLU B 25 106.09 61.38 44.36
C GLU B 25 105.01 61.32 45.41
N ASP B 26 103.97 62.17 45.27
CA ASP B 26 102.89 62.25 46.20
C ASP B 26 102.38 60.86 46.35
N LEU B 27 102.14 60.20 45.20
CA LEU B 27 101.51 58.91 45.20
C LEU B 27 102.40 57.95 45.92
N ARG B 28 103.69 57.95 45.57
CA ARG B 28 104.59 56.97 46.13
C ARG B 28 104.67 57.22 47.61
N ASP B 29 104.80 58.52 47.98
CA ASP B 29 105.01 58.89 49.35
C ASP B 29 103.79 58.59 50.17
N THR B 30 102.60 58.65 49.54
CA THR B 30 101.41 58.31 50.28
C THR B 30 101.52 56.88 50.71
N PHE B 31 102.07 56.02 49.83
CA PHE B 31 102.07 54.61 50.04
C PHE B 31 102.80 54.33 51.31
N ALA B 32 103.89 55.08 51.59
CA ALA B 32 104.77 54.72 52.67
C ALA B 32 103.99 54.69 53.95
N ALA B 33 103.17 55.73 54.19
CA ALA B 33 102.34 55.81 55.37
C ALA B 33 101.36 54.68 55.30
N MET B 34 101.04 54.28 54.07
CA MET B 34 99.80 53.65 53.69
C MET B 34 99.52 52.33 54.35
N GLY B 35 100.50 51.41 54.51
CA GLY B 35 101.92 51.57 54.43
C GLY B 35 102.40 50.40 53.63
N ARG B 36 101.80 50.23 52.42
CA ARG B 36 102.17 49.16 51.56
C ARG B 36 102.72 49.70 50.27
N LEU B 37 103.72 48.96 49.75
CA LEU B 37 104.60 49.21 48.65
C LEU B 37 103.79 49.00 47.40
N ASN B 38 104.35 49.40 46.24
CA ASN B 38 104.23 50.69 45.65
C ASN B 38 105.26 50.70 44.56
N VAL B 39 104.84 50.45 43.30
CA VAL B 39 105.84 50.21 42.30
C VAL B 39 106.14 51.52 41.66
N LYS B 40 107.42 51.89 41.76
CA LYS B 40 107.79 53.25 41.98
C LYS B 40 108.51 53.71 40.76
N ASN B 41 107.71 53.83 39.68
CA ASN B 41 108.17 53.96 38.33
C ASN B 41 106.88 53.79 37.62
N GLU B 42 106.95 53.55 36.30
CA GLU B 42 106.14 52.55 35.66
C GLU B 42 104.71 52.68 36.08
N GLU B 43 104.34 51.72 36.93
CA GLU B 43 103.02 51.29 37.28
C GLU B 43 102.28 52.48 37.75
N LEU B 44 102.93 53.22 38.66
CA LEU B 44 102.33 54.34 39.29
C LEU B 44 101.99 55.33 38.22
N ASP B 45 102.94 55.54 37.28
CA ASP B 45 102.74 56.50 36.23
C ASP B 45 101.69 56.04 35.27
N ALA B 46 101.58 54.72 35.05
CA ALA B 46 100.67 54.20 34.06
C ALA B 46 99.34 54.66 34.52
N MET B 47 99.19 54.69 35.85
CA MET B 47 98.02 55.08 36.56
C MET B 47 97.70 56.48 36.15
N MET B 48 98.75 57.31 35.96
CA MET B 48 98.57 58.67 35.53
C MET B 48 97.94 58.69 34.17
N LYS B 49 98.45 57.87 33.23
CA LYS B 49 98.23 58.15 31.84
C LYS B 49 96.77 58.06 31.53
N GLU B 50 96.00 57.31 32.35
CA GLU B 50 94.58 57.41 32.19
C GLU B 50 94.20 58.76 32.73
N ALA B 51 94.37 59.78 31.86
CA ALA B 51 94.21 61.17 32.18
C ALA B 51 95.24 61.83 31.31
N SER B 52 95.23 63.17 31.19
CA SER B 52 95.98 63.65 30.06
C SER B 52 97.04 64.59 30.52
N GLY B 53 96.91 65.08 31.77
CA GLY B 53 97.88 65.98 32.31
C GLY B 53 97.75 65.84 33.79
N PRO B 54 98.41 66.67 34.54
CA PRO B 54 98.41 66.54 35.96
C PRO B 54 97.02 66.72 36.49
N ILE B 55 96.70 66.06 37.62
CA ILE B 55 95.37 66.02 38.18
C ILE B 55 95.56 66.21 39.67
N ASN B 56 95.11 67.32 40.33
CA ASN B 56 94.24 68.44 40.10
C ASN B 56 92.78 68.22 40.45
N PHE B 57 92.38 66.99 40.79
CA PHE B 57 91.16 66.66 41.49
C PHE B 57 89.97 66.77 40.59
N THR B 58 89.97 67.77 39.68
CA THR B 58 88.77 67.97 38.91
C THR B 58 88.71 66.88 37.91
N VAL B 59 89.85 66.69 37.22
CA VAL B 59 90.03 65.65 36.27
C VAL B 59 90.02 64.37 37.02
N PHE B 60 90.42 64.43 38.30
CA PHE B 60 90.40 63.29 39.17
C PHE B 60 88.98 62.83 39.20
N LEU B 61 88.03 63.78 39.30
CA LEU B 61 86.64 63.45 39.27
C LEU B 61 86.32 62.84 37.94
N THR B 62 86.76 63.52 36.86
CA THR B 62 86.29 63.24 35.53
C THR B 62 86.80 61.89 35.08
N MET B 63 88.01 61.53 35.54
CA MET B 63 88.65 60.30 35.18
C MET B 63 87.79 59.19 35.66
N PHE B 64 87.17 59.42 36.83
CA PHE B 64 86.44 58.47 37.60
C PHE B 64 85.24 58.03 36.82
N GLY B 65 84.82 58.81 35.81
CA GLY B 65 83.46 58.98 35.39
C GLY B 65 82.79 57.65 35.16
N GLU B 66 83.55 56.60 34.80
CA GLU B 66 82.97 55.31 34.55
C GLU B 66 82.24 54.87 35.80
N LYS B 67 82.83 55.15 36.97
CA LYS B 67 82.41 54.67 38.27
C LYS B 67 81.02 55.15 38.53
N LEU B 68 80.72 56.39 38.12
CA LEU B 68 79.43 57.00 38.36
C LEU B 68 78.40 56.26 37.58
N LYS B 69 78.79 55.74 36.39
CA LYS B 69 77.87 55.45 35.33
C LYS B 69 76.84 54.43 35.73
N GLY B 70 77.26 53.26 36.22
CA GLY B 70 76.33 52.23 36.57
C GLY B 70 75.54 52.59 37.79
N ALA B 71 76.24 53.20 38.79
CA ALA B 71 75.97 52.81 40.14
C ALA B 71 74.95 53.71 40.77
N ASP B 72 73.89 53.08 41.28
CA ASP B 72 72.82 53.73 42.00
C ASP B 72 73.26 53.81 43.43
N PRO B 73 72.56 54.52 44.28
CA PRO B 73 72.88 54.54 45.67
C PRO B 73 72.80 53.15 46.20
N GLU B 74 73.87 52.69 46.88
CA GLU B 74 73.78 52.34 48.28
C GLU B 74 72.47 51.59 48.51
N ASP B 75 71.40 52.41 48.96
CA ASP B 75 70.00 52.22 49.42
C ASP B 75 69.35 51.31 48.44
N VAL B 76 69.36 51.83 47.21
CA VAL B 76 68.21 51.67 46.42
C VAL B 76 68.31 50.28 46.02
N ILE B 77 69.58 49.83 46.00
CA ILE B 77 69.94 48.52 45.61
C ILE B 77 69.21 47.53 46.46
N THR B 78 69.13 47.76 47.79
CA THR B 78 68.84 46.73 48.73
C THR B 78 67.56 46.03 48.37
N GLY B 79 66.37 46.67 48.44
CA GLY B 79 65.92 47.61 47.47
C GLY B 79 65.37 46.78 46.36
N ALA B 80 66.22 46.60 45.34
CA ALA B 80 65.98 45.74 44.22
C ALA B 80 65.98 44.32 44.69
N PHE B 81 66.92 43.98 45.60
CA PHE B 81 67.07 42.61 46.04
C PHE B 81 65.81 42.26 46.76
N LYS B 82 65.30 43.23 47.55
CA LYS B 82 64.33 42.99 48.57
C LYS B 82 63.15 42.36 47.95
N VAL B 83 62.87 42.77 46.71
CA VAL B 83 61.73 42.37 45.93
C VAL B 83 61.77 40.87 45.82
N LEU B 84 63.00 40.32 45.83
CA LEU B 84 63.30 38.92 45.68
C LEU B 84 62.75 38.09 46.81
N ASP B 85 62.75 38.61 48.06
CA ASP B 85 62.76 37.74 49.21
C ASP B 85 61.46 37.82 49.96
N PRO B 86 60.44 37.09 49.58
CA PRO B 86 59.35 36.84 50.47
C PRO B 86 59.85 36.08 51.64
N GLU B 87 60.29 36.77 52.72
CA GLU B 87 60.47 36.17 54.00
C GLU B 87 61.42 37.01 54.77
N GLY B 88 60.89 37.86 55.67
CA GLY B 88 61.61 38.23 56.85
C GLY B 88 62.71 39.15 56.46
N LYS B 89 63.84 39.02 57.19
CA LYS B 89 65.19 39.28 56.78
C LYS B 89 65.89 38.08 56.18
N GLY B 90 65.19 36.96 55.88
CA GLY B 90 65.78 35.65 56.06
C GLY B 90 67.11 35.40 55.39
N THR B 91 67.38 35.58 54.07
CA THR B 91 66.85 36.40 53.01
C THR B 91 66.71 35.52 51.78
N ILE B 92 67.45 35.86 50.70
CA ILE B 92 67.27 35.25 49.41
C ILE B 92 67.80 33.86 49.40
N LYS B 93 66.98 32.94 48.84
CA LYS B 93 67.28 31.54 48.73
C LYS B 93 68.38 31.37 47.74
N LYS B 94 69.30 30.42 48.01
CA LYS B 94 70.45 30.22 47.18
C LYS B 94 70.02 29.80 45.82
N GLN B 95 69.25 28.70 45.77
CA GLN B 95 68.92 28.01 44.57
C GLN B 95 68.04 28.87 43.73
N PHE B 96 67.21 29.69 44.41
CA PHE B 96 66.45 30.62 43.64
C PHE B 96 67.42 31.51 42.92
N LEU B 97 68.38 32.07 43.70
CA LEU B 97 69.19 33.19 43.31
C LEU B 97 70.08 32.84 42.17
N GLU B 98 70.65 31.63 42.18
CA GLU B 98 71.51 31.22 41.10
C GLU B 98 70.68 31.21 39.87
N GLU B 99 69.48 30.60 40.00
CA GLU B 99 68.61 30.41 38.88
C GLU B 99 68.20 31.75 38.36
N LEU B 100 67.93 32.70 39.28
CA LEU B 100 67.47 33.98 38.82
C LEU B 100 68.59 34.70 38.12
N LEU B 101 69.85 34.57 38.56
CA LEU B 101 70.80 35.25 37.72
C LEU B 101 70.96 34.46 36.44
N ILE B 102 71.33 33.16 36.60
CA ILE B 102 72.17 32.53 35.64
C ILE B 102 71.46 32.24 34.34
N THR B 103 70.32 31.53 34.39
CA THR B 103 69.54 31.24 33.22
C THR B 103 68.70 32.43 32.87
N GLN B 104 68.47 33.31 33.86
CA GLN B 104 67.60 34.44 33.69
C GLN B 104 68.41 35.62 33.24
N CYS B 105 67.78 36.81 33.30
CA CYS B 105 67.50 37.57 32.11
C CYS B 105 68.78 37.78 31.34
N ASP B 106 69.71 38.59 31.88
CA ASP B 106 70.98 38.72 31.22
C ASP B 106 71.85 37.77 31.94
N ARG B 107 72.26 36.73 31.20
CA ARG B 107 72.69 35.52 31.79
C ARG B 107 74.05 35.72 32.40
N PHE B 108 74.24 35.16 33.60
CA PHE B 108 75.56 35.03 34.12
C PHE B 108 76.16 33.83 33.47
N SER B 109 77.48 33.82 33.30
CA SER B 109 78.13 32.73 32.67
C SER B 109 78.29 31.65 33.67
N GLN B 110 78.87 30.51 33.24
CA GLN B 110 79.17 29.45 34.15
C GLN B 110 80.22 29.94 35.10
N GLU B 111 81.29 30.56 34.56
CA GLU B 111 82.40 31.00 35.36
C GLU B 111 81.93 32.13 36.21
N GLU B 112 81.13 33.03 35.60
CA GLU B 112 80.87 34.33 36.14
C GLU B 112 80.22 34.15 37.47
N ILE B 113 79.27 33.21 37.55
CA ILE B 113 78.61 32.93 38.77
C ILE B 113 79.64 32.41 39.73
N LYS B 114 80.55 31.57 39.22
CA LYS B 114 81.51 30.83 39.99
C LYS B 114 82.41 31.78 40.71
N ASN B 115 82.82 32.89 40.05
CA ASN B 115 83.78 33.77 40.65
C ASN B 115 83.20 34.23 41.94
N MET B 116 81.91 34.58 41.89
CA MET B 116 81.20 35.12 43.00
C MET B 116 81.22 34.11 44.10
N TRP B 117 80.98 32.83 43.74
CA TRP B 117 80.89 31.77 44.69
C TRP B 117 82.21 31.67 45.38
N ALA B 118 83.29 31.67 44.57
CA ALA B 118 84.60 31.34 45.04
C ALA B 118 84.99 32.34 46.09
N ALA B 119 84.63 33.61 45.84
CA ALA B 119 84.87 34.70 46.74
C ALA B 119 84.09 34.41 47.99
N PHE B 120 82.92 33.77 47.84
CA PHE B 120 82.22 33.27 49.00
C PHE B 120 81.94 34.43 49.91
N SER B 121 81.33 35.53 49.40
CA SER B 121 79.90 35.55 49.29
C SER B 121 79.40 34.77 50.47
N PRO B 122 79.40 35.44 51.58
CA PRO B 122 79.50 34.81 52.87
C PRO B 122 78.36 33.89 53.00
N ASP B 123 78.57 32.56 53.06
CA ASP B 123 77.32 31.96 53.33
C ASP B 123 77.40 30.60 53.90
N VAL B 124 76.24 30.26 54.48
CA VAL B 124 76.14 29.49 55.68
C VAL B 124 74.77 28.87 55.57
N GLY B 125 74.57 27.70 56.20
CA GLY B 125 73.24 27.17 56.27
C GLY B 125 72.87 26.73 54.89
N GLY B 126 73.84 26.75 53.97
CA GLY B 126 73.58 26.38 52.61
C GLY B 126 72.78 27.46 51.95
N ASN B 127 72.92 28.73 52.41
CA ASN B 127 72.15 29.81 51.86
C ASN B 127 73.07 30.95 51.53
N VAL B 128 72.58 32.22 51.64
CA VAL B 128 73.38 33.39 51.34
C VAL B 128 73.02 34.48 52.33
N ASP B 129 73.93 35.46 52.55
CA ASP B 129 73.72 36.64 53.37
C ASP B 129 74.17 37.84 52.56
N TYR B 130 73.21 38.62 52.00
CA TYR B 130 73.56 39.66 51.05
C TYR B 130 74.30 40.80 51.71
N LYS B 131 73.89 41.21 52.93
CA LYS B 131 74.21 42.49 53.48
C LYS B 131 75.70 42.58 53.67
N ASN B 132 76.33 41.45 53.97
CA ASN B 132 77.73 41.36 54.16
C ASN B 132 78.45 41.44 52.80
N ILE B 133 77.85 40.94 51.69
CA ILE B 133 78.40 41.17 50.38
C ILE B 133 78.32 42.63 50.02
N CYS B 134 77.21 43.31 50.34
CA CYS B 134 77.20 44.70 50.02
C CYS B 134 78.20 45.39 50.88
N TYR B 135 78.38 44.92 52.14
CA TYR B 135 79.30 45.56 53.02
C TYR B 135 80.63 45.50 52.34
N VAL B 136 81.01 44.34 51.77
CA VAL B 136 82.24 44.46 51.05
C VAL B 136 82.05 45.41 49.88
N ILE B 137 81.30 45.04 48.84
CA ILE B 137 81.66 45.77 47.66
C ILE B 137 81.16 47.21 47.63
N THR B 138 79.85 47.47 47.77
CA THR B 138 79.33 48.80 47.48
C THR B 138 79.77 49.74 48.56
N HIS B 139 79.66 49.26 49.80
CA HIS B 139 80.07 50.01 50.94
C HIS B 139 81.54 50.20 50.74
N GLY B 140 82.16 49.21 50.07
CA GLY B 140 83.43 49.46 49.45
C GLY B 140 84.41 48.52 50.04
N ASP B 141 84.30 48.34 51.36
CA ASP B 141 84.29 47.02 51.94
C ASP B 141 84.80 47.15 53.33
N ALA B 142 85.90 47.89 53.50
CA ALA B 142 86.25 48.50 54.75
C ALA B 142 86.27 47.44 55.80
N LYS B 143 86.52 46.17 55.39
CA LYS B 143 86.75 45.06 56.28
C LYS B 143 87.02 43.84 55.45
N ASP B 144 86.14 42.82 55.29
CA ASP B 144 84.89 42.39 55.88
C ASP B 144 84.99 41.80 57.26
N GLN B 145 85.71 40.66 57.37
CA GLN B 145 85.34 39.77 58.45
C GLN B 145 86.31 38.63 58.48
N GLU B 146 87.44 38.89 59.14
CA GLU B 146 87.86 38.22 60.34
C GLU B 146 86.76 37.31 60.86
N ILE C 1 45.40 51.93 10.92
CA ILE C 1 46.32 50.83 11.27
C ILE C 1 47.36 51.29 12.23
N LYS C 2 47.64 50.45 13.24
CA LYS C 2 48.62 50.78 14.22
C LYS C 2 49.92 50.85 13.50
N ILE C 3 50.64 52.00 13.51
CA ILE C 3 50.56 53.16 14.35
C ILE C 3 51.59 52.98 15.40
N GLU C 4 52.32 54.07 15.67
CA GLU C 4 53.55 54.00 16.39
C GLU C 4 53.32 53.51 17.78
N PHE C 5 52.24 53.99 18.46
CA PHE C 5 52.38 54.33 19.84
C PHE C 5 52.84 53.19 20.69
N SER C 6 52.31 51.95 20.57
CA SER C 6 51.00 51.46 20.25
C SER C 6 51.29 50.02 19.97
N LYS C 7 51.84 49.77 18.77
CA LYS C 7 52.63 48.60 18.54
C LYS C 7 53.80 48.70 19.46
N GLU C 8 54.34 49.92 19.61
CA GLU C 8 55.49 50.15 20.44
C GLU C 8 55.12 49.83 21.86
N GLN C 9 53.86 50.10 22.25
CA GLN C 9 53.48 49.72 23.58
C GLN C 9 53.56 48.24 23.67
N GLN C 10 53.16 47.53 22.60
CA GLN C 10 53.20 46.10 22.59
C GLN C 10 54.64 45.68 22.68
N ASP C 11 55.56 46.46 22.06
CA ASP C 11 56.93 46.04 21.99
C ASP C 11 57.49 45.89 23.38
N GLU C 12 57.36 46.89 24.27
CA GLU C 12 58.16 46.70 25.45
C GLU C 12 57.59 45.68 26.39
N PHE C 13 56.26 45.41 26.36
CA PHE C 13 55.80 44.29 27.13
C PHE C 13 56.56 43.13 26.60
N LYS C 14 56.67 43.10 25.27
CA LYS C 14 57.35 42.07 24.56
C LYS C 14 58.78 42.04 25.03
N GLU C 15 59.38 43.23 25.26
CA GLU C 15 60.79 43.31 25.49
C GLU C 15 61.11 42.50 26.71
N ALA C 16 60.33 42.69 27.79
CA ALA C 16 60.61 42.05 29.05
C ALA C 16 60.51 40.57 28.87
N PHE C 17 59.49 40.11 28.13
CA PHE C 17 59.22 38.71 28.05
C PHE C 17 60.39 38.05 27.42
N LEU C 18 60.97 38.71 26.40
CA LEU C 18 62.15 38.19 25.78
C LEU C 18 63.14 38.07 26.88
N LEU C 19 63.21 39.13 27.70
CA LEU C 19 64.27 39.25 28.64
C LEU C 19 64.19 38.06 29.54
N TYR C 20 62.97 37.63 29.90
CA TYR C 20 62.86 36.47 30.74
C TYR C 20 63.41 35.27 30.03
N ASP C 21 62.96 35.01 28.78
CA ASP C 21 63.11 33.69 28.21
C ASP C 21 64.57 33.39 28.14
N ARG C 22 65.34 34.46 27.85
CA ARG C 22 66.76 34.51 27.73
C ARG C 22 67.00 34.80 26.29
N THR C 23 67.81 35.83 26.03
CA THR C 23 67.16 37.07 25.73
C THR C 23 66.93 37.08 24.26
N GLY C 24 65.65 36.80 23.93
CA GLY C 24 65.25 36.34 22.63
C GLY C 24 63.84 35.95 22.86
N ASP C 25 63.09 35.65 21.79
CA ASP C 25 61.69 35.73 21.99
C ASP C 25 61.04 34.47 21.51
N SER C 26 60.37 33.74 22.42
CA SER C 26 59.73 32.56 21.95
C SER C 26 58.38 32.97 21.49
N LYS C 27 58.20 32.97 20.15
CA LYS C 27 57.32 32.03 19.53
C LYS C 27 56.12 31.87 20.37
N ILE C 28 56.34 30.98 21.35
CA ILE C 28 55.43 30.28 22.18
C ILE C 28 54.66 31.19 23.09
N THR C 29 55.32 32.18 23.74
CA THR C 29 54.59 32.87 24.77
C THR C 29 53.46 33.60 24.11
N LEU C 30 53.76 34.32 23.01
CA LEU C 30 52.80 34.56 21.95
C LEU C 30 51.49 35.01 22.49
N SER C 31 50.60 34.02 22.71
CA SER C 31 49.26 34.13 23.19
C SER C 31 49.27 34.91 24.44
N GLN C 32 50.12 34.50 25.39
CA GLN C 32 50.26 35.12 26.66
C GLN C 32 50.82 36.48 26.45
N VAL C 33 51.76 36.55 25.48
CA VAL C 33 52.57 37.70 25.30
C VAL C 33 51.68 38.86 25.03
N GLY C 34 50.69 38.67 24.15
CA GLY C 34 49.79 39.76 23.95
C GLY C 34 48.42 39.27 24.28
N ASP C 35 48.33 38.33 25.27
CA ASP C 35 47.12 38.17 26.01
C ASP C 35 47.14 39.26 27.02
N VAL C 36 48.36 39.57 27.48
CA VAL C 36 48.59 40.38 28.64
C VAL C 36 47.91 41.66 28.33
N LEU C 37 48.08 42.11 27.07
CA LEU C 37 47.42 43.28 26.61
C LEU C 37 46.51 42.84 25.51
N ARG C 38 45.34 43.49 25.37
CA ARG C 38 44.09 42.80 25.53
C ARG C 38 43.57 42.26 24.23
N ALA C 39 43.70 40.92 24.02
CA ALA C 39 42.83 40.17 23.15
C ALA C 39 42.75 38.78 23.71
N LEU C 40 41.52 38.20 23.79
CA LEU C 40 41.26 36.96 24.45
C LEU C 40 41.67 35.72 23.74
N GLY C 41 41.81 35.75 22.39
CA GLY C 41 41.70 34.61 21.52
C GLY C 41 42.56 33.51 22.09
N THR C 42 42.16 32.25 21.83
CA THR C 42 42.47 31.20 22.76
C THR C 42 43.37 30.21 22.05
N ASN C 43 43.54 29.00 22.61
CA ASN C 43 44.67 28.19 22.22
C ASN C 43 44.59 27.90 20.75
N PRO C 44 43.50 27.42 20.23
CA PRO C 44 43.48 27.04 18.85
C PRO C 44 43.74 28.21 17.98
N THR C 45 43.37 29.44 18.41
CA THR C 45 43.70 30.57 17.61
C THR C 45 45.19 30.74 17.66
N ASN C 46 45.77 30.59 18.87
CA ASN C 46 47.17 30.84 19.04
C ASN C 46 47.92 29.87 18.21
N ALA C 47 47.52 28.60 18.33
CA ALA C 47 48.35 27.53 17.87
C ALA C 47 48.53 27.68 16.40
N GLU C 48 47.42 27.82 15.68
CA GLU C 48 47.47 27.94 14.25
C GLU C 48 48.03 29.27 13.90
N VAL C 49 47.60 30.32 14.62
CA VAL C 49 47.86 31.65 14.16
C VAL C 49 49.33 31.87 14.14
N LYS C 50 50.11 31.32 15.11
CA LYS C 50 51.48 31.15 14.72
C LYS C 50 52.30 30.38 15.72
N LYS C 51 51.71 29.70 16.72
CA LYS C 51 52.66 29.16 17.66
C LYS C 51 52.63 27.66 17.60
N VAL C 52 53.83 27.03 17.68
CA VAL C 52 54.48 26.55 16.50
C VAL C 52 53.56 25.64 15.76
N LEU C 53 53.26 24.47 16.36
CA LEU C 53 52.19 23.63 15.94
C LEU C 53 51.50 23.34 17.22
N GLY C 54 50.41 24.06 17.46
CA GLY C 54 50.23 24.85 18.63
C GLY C 54 51.27 24.55 19.66
N ASN C 55 52.51 24.99 19.41
CA ASN C 55 53.48 25.46 20.37
C ASN C 55 53.38 24.76 21.68
N PRO C 56 53.60 23.48 21.71
CA PRO C 56 53.58 22.77 22.95
C PRO C 56 54.65 23.36 23.79
N SER C 57 55.69 23.94 23.16
CA SER C 57 56.88 24.21 23.91
C SER C 57 57.88 24.77 22.96
N ASN C 58 59.15 24.76 23.40
CA ASN C 58 60.28 25.08 22.57
C ASN C 58 60.64 23.81 21.85
N GLU C 59 61.70 23.84 21.02
CA GLU C 59 62.37 25.06 20.65
C GLU C 59 62.08 25.19 19.21
N GLU C 60 60.81 24.99 18.86
CA GLU C 60 60.46 24.74 17.50
C GLU C 60 60.76 25.97 16.73
N MET C 61 60.58 27.13 17.37
CA MET C 61 60.76 28.30 16.59
C MET C 61 61.08 29.42 17.51
N ASN C 62 61.13 30.62 16.92
CA ASN C 62 61.17 31.81 17.68
C ASN C 62 60.43 32.80 16.85
N ALA C 63 59.74 33.75 17.52
CA ALA C 63 59.09 34.79 16.80
C ALA C 63 60.19 35.70 16.37
N LYS C 64 59.84 36.97 16.12
CA LYS C 64 60.46 37.87 17.03
C LYS C 64 59.61 39.09 17.11
N LYS C 65 60.07 40.08 17.89
CA LYS C 65 59.21 41.09 18.42
C LYS C 65 58.52 41.74 17.26
N ILE C 66 59.30 42.10 16.23
CA ILE C 66 58.75 42.85 15.14
C ILE C 66 57.74 42.00 14.40
N GLU C 67 58.03 40.72 14.13
CA GLU C 67 57.11 39.92 13.36
C GLU C 67 55.87 39.89 14.15
N PHE C 68 56.09 39.77 15.46
CA PHE C 68 55.09 39.62 16.47
C PHE C 68 54.27 40.87 16.44
N GLU C 69 54.87 41.97 15.95
CA GLU C 69 54.18 43.22 15.92
C GLU C 69 52.90 43.01 15.19
N GLN C 70 52.92 42.61 13.90
CA GLN C 70 51.68 42.62 13.16
C GLN C 70 50.75 41.58 13.68
N PHE C 71 51.31 40.51 14.28
CA PHE C 71 50.46 39.50 14.82
C PHE C 71 49.54 40.15 15.79
N LEU C 72 50.08 41.02 16.67
CA LEU C 72 49.33 41.41 17.81
C LEU C 72 48.08 42.09 17.36
N PRO C 73 48.12 43.03 16.45
CA PRO C 73 46.99 43.60 15.76
C PRO C 73 46.05 42.70 15.02
N MET C 74 46.52 41.85 14.10
CA MET C 74 45.55 41.12 13.31
C MET C 74 44.92 40.07 14.17
N LEU C 75 45.78 39.36 14.93
CA LEU C 75 45.46 38.24 15.77
C LEU C 75 44.58 38.78 16.85
N GLN C 76 44.82 40.06 17.18
CA GLN C 76 43.82 40.91 17.76
C GLN C 76 42.62 40.77 16.88
N ALA C 77 42.47 41.55 15.78
CA ALA C 77 41.57 42.64 15.51
C ALA C 77 40.13 42.20 15.71
N ILE C 78 39.88 40.86 15.69
CA ILE C 78 38.57 40.37 16.06
C ILE C 78 38.40 40.55 17.56
N SER C 79 37.84 41.70 17.97
CA SER C 79 36.43 41.88 18.15
C SER C 79 35.89 40.86 19.10
N ASN C 80 35.36 39.74 18.56
CA ASN C 80 34.74 38.74 19.39
C ASN C 80 35.79 38.19 20.29
N ASN C 81 35.80 38.72 21.53
CA ASN C 81 36.90 38.67 22.44
C ASN C 81 36.44 37.82 23.55
N LYS C 82 35.87 38.44 24.59
CA LYS C 82 34.51 38.14 24.89
C LYS C 82 34.01 39.17 25.82
N ASP C 83 32.80 38.96 26.40
CA ASP C 83 32.13 40.14 26.86
C ASP C 83 31.26 39.82 28.04
N GLN C 84 31.33 40.68 29.07
CA GLN C 84 30.76 40.42 30.35
C GLN C 84 29.30 40.18 30.20
N GLY C 85 28.62 41.01 29.37
CA GLY C 85 27.21 40.86 29.26
C GLY C 85 26.91 39.51 28.67
N THR C 86 27.62 39.12 27.60
CA THR C 86 27.32 37.90 26.91
C THR C 86 27.59 36.75 27.80
N TYR C 87 28.63 36.87 28.65
CA TYR C 87 29.07 35.75 29.42
C TYR C 87 27.87 35.31 30.25
N GLU C 88 27.12 36.31 30.80
CA GLU C 88 26.29 36.11 31.96
C GLU C 88 25.29 35.11 31.60
N ASP C 89 24.86 35.27 30.32
CA ASP C 89 23.82 34.47 29.77
C ASP C 89 24.31 33.05 29.80
N PHE C 90 25.59 32.84 29.44
CA PHE C 90 26.23 31.55 29.50
C PHE C 90 26.18 31.07 30.93
N VAL C 91 26.60 31.93 31.88
CA VAL C 91 26.75 31.53 33.24
C VAL C 91 25.41 31.08 33.70
N GLU C 92 24.38 31.84 33.28
CA GLU C 92 23.06 31.77 33.77
C GLU C 92 22.52 30.41 33.50
N GLY C 93 22.91 29.80 32.37
CA GLY C 93 22.30 28.57 31.95
C GLY C 93 22.53 27.57 33.05
N LEU C 94 23.74 27.56 33.62
CA LEU C 94 24.00 26.68 34.72
C LEU C 94 23.18 27.10 35.91
N ARG C 95 23.00 28.42 36.11
CA ARG C 95 22.70 28.98 37.40
C ARG C 95 21.47 28.31 37.94
N VAL C 96 20.38 28.29 37.15
CA VAL C 96 19.29 27.38 37.38
C VAL C 96 18.45 27.80 38.54
N PHE C 97 18.82 28.88 39.25
CA PHE C 97 17.97 29.40 40.28
C PHE C 97 17.82 30.85 39.93
N ASP C 98 18.66 31.28 38.96
CA ASP C 98 18.61 32.55 38.28
C ASP C 98 18.98 33.59 39.27
N LYS C 99 19.38 33.09 40.45
CA LYS C 99 19.66 33.77 41.67
C LYS C 99 20.90 34.57 41.46
N GLU C 100 21.71 34.15 40.48
CA GLU C 100 23.01 34.71 40.36
C GLU C 100 23.79 34.28 41.56
N GLY C 101 23.66 32.98 41.87
CA GLY C 101 24.56 32.29 42.75
C GLY C 101 24.90 31.00 42.07
N ASN C 102 26.05 30.42 42.46
CA ASN C 102 26.51 29.13 42.07
C ASN C 102 27.64 28.93 43.01
N GLY C 103 27.40 28.04 43.99
CA GLY C 103 27.31 26.65 43.62
C GLY C 103 28.72 26.38 43.26
N THR C 104 29.59 26.84 44.15
CA THR C 104 30.91 27.34 43.88
C THR C 104 31.66 26.29 43.16
N VAL C 105 31.59 25.05 43.66
CA VAL C 105 32.43 24.01 43.17
C VAL C 105 32.10 23.82 41.73
N MET C 106 30.80 23.95 41.41
CA MET C 106 30.13 23.31 40.32
C MET C 106 30.58 23.70 38.95
N GLY C 107 30.58 25.01 38.62
CA GLY C 107 31.35 25.99 39.30
C GLY C 107 32.71 25.85 38.74
N ALA C 108 33.69 25.64 39.62
CA ALA C 108 35.03 25.44 39.19
C ALA C 108 35.07 24.23 38.30
N GLU C 109 34.34 23.17 38.67
CA GLU C 109 34.43 21.97 37.89
C GLU C 109 33.87 22.22 36.52
N LEU C 110 32.87 23.12 36.39
CA LEU C 110 32.30 23.31 35.08
C LEU C 110 33.39 23.75 34.15
N ARG C 111 34.03 24.88 34.47
CA ARG C 111 34.97 25.42 33.54
C ARG C 111 36.14 24.49 33.50
N HIS C 112 36.45 23.83 34.63
CA HIS C 112 37.53 22.87 34.55
C HIS C 112 37.16 21.85 33.53
N VAL C 113 36.26 20.95 33.95
CA VAL C 113 36.11 19.70 33.28
C VAL C 113 35.50 19.95 31.95
N LEU C 114 34.71 21.04 31.86
CA LEU C 114 34.28 21.49 30.56
C LEU C 114 35.44 22.17 29.92
N ALA C 115 35.12 23.20 29.13
CA ALA C 115 35.18 23.05 27.71
C ALA C 115 36.57 22.70 27.31
N THR C 116 37.59 23.45 27.78
CA THR C 116 38.92 23.15 27.34
C THR C 116 39.79 22.91 28.52
N LEU C 117 39.42 23.47 29.71
CA LEU C 117 40.19 23.52 30.93
C LEU C 117 41.57 24.07 30.71
N GLY C 118 42.11 24.81 31.71
CA GLY C 118 41.46 25.27 32.89
C GLY C 118 41.94 24.45 34.06
N GLU C 119 43.05 24.88 34.69
CA GLU C 119 43.64 24.12 35.76
C GLU C 119 43.10 24.59 37.07
N LYS C 120 43.21 23.71 38.10
CA LYS C 120 42.53 23.86 39.35
C LYS C 120 42.97 25.08 40.10
N MET C 121 44.29 25.30 40.19
CA MET C 121 44.73 26.40 40.99
C MET C 121 44.19 27.63 40.35
N LYS C 122 44.30 27.68 39.02
CA LYS C 122 44.02 28.88 38.28
C LYS C 122 42.62 29.28 38.54
N GLU C 123 41.70 28.28 38.52
CA GLU C 123 40.32 28.53 38.76
C GLU C 123 40.14 28.99 40.16
N GLU C 124 40.80 28.31 41.11
CA GLU C 124 40.53 28.58 42.48
C GLU C 124 40.99 29.96 42.78
N GLU C 125 42.18 30.32 42.24
CA GLU C 125 42.77 31.59 42.58
C GLU C 125 41.90 32.69 42.07
N VAL C 126 41.45 32.57 40.81
CA VAL C 126 40.81 33.68 40.16
C VAL C 126 39.60 34.06 40.93
N GLU C 127 38.80 33.05 41.32
CA GLU C 127 37.52 33.35 41.87
C GLU C 127 37.71 34.15 43.10
N ALA C 128 38.72 33.83 43.93
CA ALA C 128 38.84 34.66 45.08
C ALA C 128 40.12 35.45 45.06
N LEU C 129 40.62 35.89 43.91
CA LEU C 129 41.05 37.26 43.83
C LEU C 129 39.83 38.08 43.57
N MET C 130 38.92 37.52 42.75
CA MET C 130 37.76 38.16 42.23
C MET C 130 36.88 38.54 43.37
N ALA C 131 36.94 37.73 44.44
CA ALA C 131 36.30 37.99 45.69
C ALA C 131 34.80 38.10 45.60
N GLY C 132 34.12 37.02 45.16
CA GLY C 132 32.71 36.88 45.43
C GLY C 132 32.52 35.57 46.13
N GLN C 133 31.63 35.50 47.15
CA GLN C 133 31.67 34.35 48.02
C GLN C 133 30.59 33.36 47.75
N GLU C 134 30.80 32.19 48.37
CA GLU C 134 30.40 30.85 48.03
C GLU C 134 28.92 30.61 48.08
N ASP C 135 28.17 31.23 49.02
CA ASP C 135 26.79 30.84 48.99
C ASP C 135 25.95 31.87 48.30
N SER C 136 25.33 31.47 47.18
CA SER C 136 26.09 30.83 46.16
C SER C 136 26.58 31.95 45.30
N ASN C 137 27.51 31.66 44.38
CA ASN C 137 28.39 32.67 43.86
C ASN C 137 27.79 33.25 42.60
N GLY C 138 27.77 34.60 42.44
CA GLY C 138 27.10 34.99 41.22
C GLY C 138 27.99 34.60 40.08
N CYS C 139 27.63 33.52 39.34
CA CYS C 139 28.53 33.11 38.30
C CYS C 139 28.58 34.23 37.31
N ILE C 140 27.44 34.94 37.18
CA ILE C 140 27.27 36.14 36.43
C ILE C 140 28.12 37.23 37.03
N ASN C 141 28.21 37.27 38.38
CA ASN C 141 28.98 38.31 38.99
C ASN C 141 30.41 38.02 38.72
N TYR C 142 30.82 36.77 38.91
CA TYR C 142 32.19 36.40 38.80
C TYR C 142 32.60 36.69 37.40
N GLU C 143 31.78 36.25 36.44
CA GLU C 143 32.11 36.47 35.07
C GLU C 143 32.09 37.92 34.76
N ALA C 144 31.08 38.64 35.25
CA ALA C 144 30.97 40.01 34.88
C ALA C 144 32.21 40.70 35.31
N PHE C 145 32.70 40.41 36.54
CA PHE C 145 33.88 41.00 37.09
C PHE C 145 35.06 40.64 36.24
N VAL C 146 35.28 39.33 36.11
CA VAL C 146 36.56 38.82 35.72
C VAL C 146 36.80 39.27 34.31
N LYS C 147 35.70 39.44 33.58
CA LYS C 147 35.70 39.87 32.22
C LYS C 147 36.32 41.24 32.19
N HIS C 148 35.91 42.06 33.16
CA HIS C 148 36.07 43.49 33.22
C HIS C 148 37.53 43.81 33.31
N ILE C 149 38.31 42.88 33.91
CA ILE C 149 39.75 42.85 34.03
C ILE C 149 40.23 43.58 35.24
N MET C 150 41.38 43.09 35.77
CA MET C 150 41.68 43.06 37.18
C MET C 150 42.39 44.31 37.62
N SER C 151 42.09 45.45 36.99
CA SER C 151 41.74 46.56 37.81
C SER C 151 41.32 47.62 36.85
N ILE C 152 39.99 47.81 36.71
CA ILE C 152 38.95 48.03 37.67
C ILE C 152 39.27 49.25 38.44
N ASP C 153 38.39 50.25 38.25
CA ASP C 153 38.76 51.62 38.40
C ASP C 153 39.66 51.97 37.21
N ASP D 1 -28.37 9.52 0.44
CA ASP D 1 -28.01 10.62 -0.48
C ASP D 1 -26.80 10.25 -1.25
N GLU D 2 -26.39 8.98 -1.16
CA GLU D 2 -25.13 8.61 -1.72
C GLU D 2 -25.13 8.87 -3.20
N ASP D 3 -26.14 8.33 -3.93
CA ASP D 3 -26.33 8.65 -5.33
C ASP D 3 -27.12 7.53 -5.95
N GLU D 4 -27.66 7.76 -7.17
CA GLU D 4 -28.14 6.72 -8.04
C GLU D 4 -29.62 6.55 -7.86
N THR D 5 -30.31 6.07 -8.92
CA THR D 5 -31.75 6.14 -8.96
C THR D 5 -32.29 4.90 -9.63
N THR D 6 -33.63 4.78 -9.76
CA THR D 6 -34.27 3.60 -10.28
C THR D 6 -34.31 3.69 -11.77
N ALA D 7 -35.06 2.77 -12.42
CA ALA D 7 -35.25 2.88 -13.84
C ALA D 7 -36.65 2.42 -14.14
N LEU D 8 -37.38 3.16 -15.00
CA LEU D 8 -38.76 2.80 -15.15
C LEU D 8 -38.86 1.88 -16.32
N VAL D 9 -39.08 0.59 -16.05
CA VAL D 9 -39.06 -0.36 -17.12
C VAL D 9 -40.47 -0.68 -17.46
N CYS D 10 -40.97 -0.13 -18.58
CA CYS D 10 -42.29 -0.50 -18.95
C CYS D 10 -42.21 -1.17 -20.28
N ASP D 11 -42.67 -2.43 -20.33
CA ASP D 11 -42.65 -3.24 -21.50
C ASP D 11 -43.94 -2.97 -22.20
N ASN D 12 -43.85 -2.40 -23.40
CA ASN D 12 -45.04 -2.08 -24.19
C ASN D 12 -45.53 -3.27 -25.00
N GLY D 13 -46.35 -4.11 -24.37
CA GLY D 13 -46.89 -5.28 -25.03
C GLY D 13 -48.02 -4.94 -25.98
N SER D 14 -48.18 -5.75 -27.02
CA SER D 14 -49.23 -5.54 -28.01
C SER D 14 -50.61 -5.64 -27.38
N GLY D 15 -50.68 -6.30 -26.22
CA GLY D 15 -51.94 -6.46 -25.52
C GLY D 15 -51.79 -6.07 -24.05
N LEU D 16 -50.61 -6.23 -23.48
CA LEU D 16 -50.41 -5.90 -22.05
C LEU D 16 -49.16 -5.02 -21.85
N VAL D 17 -49.41 -4.03 -21.00
CA VAL D 17 -48.24 -3.32 -20.60
C VAL D 17 -47.85 -3.93 -19.30
N LYS D 18 -46.54 -4.13 -19.11
CA LYS D 18 -46.08 -4.47 -17.81
C LYS D 18 -45.06 -3.43 -17.50
N ALA D 19 -45.13 -2.82 -16.30
CA ALA D 19 -44.19 -1.78 -16.01
C ALA D 19 -43.73 -2.01 -14.61
N GLY D 20 -42.52 -1.53 -14.26
CA GLY D 20 -42.06 -1.86 -12.96
C GLY D 20 -40.92 -0.99 -12.59
N PHE D 21 -40.34 -1.27 -11.41
CA PHE D 21 -39.19 -0.57 -10.91
C PHE D 21 -38.04 -1.51 -11.13
N ALA D 22 -36.87 -0.95 -11.47
CA ALA D 22 -35.76 -1.82 -11.77
C ALA D 22 -35.36 -2.48 -10.51
N GLY D 23 -34.90 -3.75 -10.62
CA GLY D 23 -34.53 -4.50 -9.46
C GLY D 23 -35.75 -5.20 -8.96
N ASP D 24 -36.90 -5.08 -9.68
CA ASP D 24 -38.05 -5.85 -9.27
C ASP D 24 -37.98 -7.17 -9.94
N ASP D 25 -38.35 -8.25 -9.21
CA ASP D 25 -38.26 -9.55 -9.81
C ASP D 25 -39.25 -9.64 -10.93
N ALA D 26 -40.43 -8.98 -10.78
CA ALA D 26 -41.44 -9.02 -11.79
C ALA D 26 -42.20 -7.73 -11.69
N PRO D 27 -42.98 -7.41 -12.69
CA PRO D 27 -43.63 -6.13 -12.79
C PRO D 27 -44.62 -5.93 -11.70
N ARG D 28 -44.69 -4.71 -11.15
CA ARG D 28 -45.81 -4.29 -10.35
C ARG D 28 -47.00 -4.11 -11.24
N ALA D 29 -46.79 -3.62 -12.48
CA ALA D 29 -47.93 -3.22 -13.26
C ALA D 29 -48.08 -4.15 -14.43
N VAL D 30 -49.29 -4.72 -14.59
CA VAL D 30 -49.65 -5.28 -15.86
C VAL D 30 -51.06 -4.91 -16.11
N PHE D 31 -51.33 -4.19 -17.22
CA PHE D 31 -52.70 -3.90 -17.56
C PHE D 31 -52.78 -3.88 -19.05
N PRO D 32 -53.99 -3.95 -19.53
CA PRO D 32 -54.23 -4.24 -20.91
C PRO D 32 -53.76 -3.09 -21.73
N SER D 33 -53.56 -3.30 -23.04
CA SER D 33 -53.29 -2.23 -23.94
C SER D 33 -54.48 -2.12 -24.83
N ILE D 34 -55.48 -1.31 -24.42
CA ILE D 34 -56.58 -1.09 -25.31
C ILE D 34 -57.05 0.32 -25.12
N VAL D 35 -57.76 0.87 -26.14
CA VAL D 35 -58.39 2.15 -25.95
C VAL D 35 -59.83 1.96 -26.37
N GLY D 36 -60.79 2.57 -25.63
CA GLY D 36 -62.15 2.19 -25.88
C GLY D 36 -63.06 2.99 -25.00
N ARG D 37 -64.20 3.38 -25.60
CA ARG D 37 -65.14 4.33 -25.07
C ARG D 37 -66.44 3.59 -25.00
N PRO D 38 -67.48 4.01 -24.33
CA PRO D 38 -68.74 3.35 -24.43
C PRO D 38 -69.13 3.39 -25.86
N ARG D 39 -69.42 2.23 -26.46
CA ARG D 39 -69.77 2.21 -27.83
C ARG D 39 -71.09 2.90 -28.02
N HIS D 40 -72.11 2.49 -27.23
CA HIS D 40 -73.43 3.06 -27.38
C HIS D 40 -73.49 4.44 -26.80
N GLN D 41 -72.77 4.69 -25.69
CA GLN D 41 -72.80 5.97 -25.03
C GLN D 41 -74.21 6.45 -24.88
N GLY D 42 -74.93 5.83 -23.93
CA GLY D 42 -76.34 5.99 -23.71
C GLY D 42 -76.65 7.40 -23.33
N VAL D 43 -75.69 8.08 -22.66
CA VAL D 43 -75.94 9.23 -21.83
C VAL D 43 -76.49 8.65 -20.58
N MET D 44 -76.97 9.50 -19.67
CA MET D 44 -77.50 8.92 -18.49
C MET D 44 -77.97 10.05 -17.66
N VAL D 45 -77.87 9.91 -16.33
CA VAL D 45 -78.03 11.08 -15.54
C VAL D 45 -76.72 11.30 -14.84
N GLY D 46 -75.90 12.24 -15.37
CA GLY D 46 -74.62 12.51 -14.76
C GLY D 46 -73.55 11.82 -15.56
N MET D 47 -72.29 12.00 -15.14
CA MET D 47 -71.15 11.39 -15.78
C MET D 47 -70.24 10.92 -14.68
N GLY D 48 -68.91 10.98 -14.90
CA GLY D 48 -68.01 10.45 -13.91
C GLY D 48 -67.45 9.15 -14.37
N GLN D 49 -67.35 8.94 -15.69
CA GLN D 49 -66.63 7.80 -16.18
C GLN D 49 -65.42 8.31 -16.92
N LYS D 50 -64.48 7.41 -17.24
CA LYS D 50 -63.28 7.81 -17.93
C LYS D 50 -63.33 7.22 -19.32
N ASP D 51 -63.26 8.09 -20.34
CA ASP D 51 -63.81 7.78 -21.63
C ASP D 51 -63.20 6.54 -22.18
N SER D 52 -61.88 6.56 -22.43
CA SER D 52 -61.31 5.42 -23.08
C SER D 52 -60.14 4.99 -22.28
N TYR D 53 -60.35 4.77 -20.96
CA TYR D 53 -59.25 4.41 -20.12
C TYR D 53 -58.79 3.04 -20.54
N VAL D 54 -59.75 2.11 -20.59
CA VAL D 54 -59.61 0.77 -21.06
C VAL D 54 -58.87 -0.05 -20.07
N GLY D 55 -57.82 0.56 -19.46
CA GLY D 55 -57.29 0.26 -18.16
C GLY D 55 -57.27 -1.21 -17.91
N ASP D 56 -57.39 -1.55 -16.61
CA ASP D 56 -57.96 -2.76 -16.12
C ASP D 56 -59.46 -2.66 -16.23
N GLU D 57 -59.99 -1.42 -16.21
CA GLU D 57 -61.39 -1.17 -15.99
C GLU D 57 -62.16 -1.89 -17.04
N ALA D 58 -61.62 -1.92 -18.27
CA ALA D 58 -62.38 -2.40 -19.38
C ALA D 58 -62.78 -3.82 -19.09
N GLN D 59 -61.86 -4.60 -18.50
CA GLN D 59 -62.05 -6.02 -18.43
C GLN D 59 -63.28 -6.32 -17.64
N SER D 60 -63.43 -5.71 -16.45
CA SER D 60 -64.56 -6.01 -15.60
C SER D 60 -65.77 -5.45 -16.27
N LYS D 61 -65.56 -4.40 -17.09
CA LYS D 61 -66.57 -3.62 -17.74
C LYS D 61 -67.18 -4.27 -18.95
N ARG D 62 -66.74 -5.51 -19.31
CA ARG D 62 -67.04 -6.13 -20.57
C ARG D 62 -68.48 -5.98 -20.94
N GLY D 63 -68.69 -5.74 -22.25
CA GLY D 63 -69.97 -5.58 -22.89
C GLY D 63 -70.13 -4.16 -23.31
N ILE D 64 -69.78 -3.22 -22.41
CA ILE D 64 -69.97 -1.81 -22.65
C ILE D 64 -69.04 -1.27 -23.70
N LEU D 65 -67.74 -1.65 -23.63
CA LEU D 65 -66.67 -0.87 -24.19
C LEU D 65 -66.38 -1.20 -25.63
N THR D 66 -65.74 -0.25 -26.34
CA THR D 66 -65.01 -0.57 -27.55
C THR D 66 -63.59 -0.81 -27.15
N LEU D 67 -62.80 -1.46 -28.04
CA LEU D 67 -61.41 -1.70 -27.75
C LEU D 67 -60.61 -1.19 -28.91
N LYS D 68 -59.33 -0.86 -28.65
CA LYS D 68 -58.44 -0.51 -29.71
C LYS D 68 -57.06 -0.80 -29.19
N TYR D 69 -56.12 -1.23 -30.03
CA TYR D 69 -54.82 -1.34 -29.44
C TYR D 69 -54.00 -0.39 -30.23
N PRO D 70 -53.52 0.66 -29.64
CA PRO D 70 -52.57 1.47 -30.31
C PRO D 70 -51.47 0.55 -30.64
N ILE D 71 -50.98 -0.23 -29.88
CA ILE D 71 -49.78 -1.05 -30.09
C ILE D 71 -50.22 -2.40 -30.64
N GLU D 72 -51.30 -2.43 -31.41
CA GLU D 72 -52.02 -3.64 -31.82
C GLU D 72 -51.15 -4.79 -32.23
N HIC D 73 -50.22 -4.49 -33.15
CA HIC D 73 -49.30 -5.51 -33.63
C HIC D 73 -47.88 -5.32 -33.15
O HIC D 73 -46.94 -5.86 -33.74
CB HIC D 73 -49.34 -5.55 -35.16
CG HIC D 73 -50.70 -5.56 -35.77
ND1 HIC D 73 -51.35 -4.48 -36.26
CD2 HIC D 73 -51.64 -6.55 -35.77
CE1 HIC D 73 -52.60 -4.76 -36.50
NE2 HIC D 73 -52.82 -6.06 -36.23
CZ HIC D 73 -54.07 -6.77 -36.39
N GLY D 74 -47.67 -4.64 -32.03
CA GLY D 74 -46.36 -4.46 -31.41
C GLY D 74 -45.72 -3.10 -31.71
N ILE D 75 -46.09 -2.44 -32.79
CA ILE D 75 -45.52 -1.13 -33.11
C ILE D 75 -46.56 -0.08 -32.68
N ILE D 76 -46.20 0.98 -32.00
CA ILE D 76 -47.07 2.03 -31.60
C ILE D 76 -47.42 2.83 -32.82
N THR D 77 -48.61 2.54 -33.41
CA THR D 77 -49.15 3.33 -34.48
C THR D 77 -49.66 4.64 -33.95
N ASN D 78 -50.37 4.62 -32.80
CA ASN D 78 -51.07 5.81 -32.42
C ASN D 78 -50.41 6.43 -31.24
N TRP D 79 -49.75 7.57 -31.49
CA TRP D 79 -49.04 8.30 -30.47
C TRP D 79 -50.02 8.93 -29.53
N ASP D 80 -51.15 9.47 -30.05
CA ASP D 80 -52.10 10.12 -29.19
C ASP D 80 -52.61 9.13 -28.20
N ASP D 81 -53.01 7.93 -28.69
CA ASP D 81 -53.51 6.92 -27.81
C ASP D 81 -52.40 6.51 -26.92
N MET D 82 -51.18 6.43 -27.49
CA MET D 82 -50.06 5.91 -26.78
C MET D 82 -49.78 6.82 -25.61
N GLU D 83 -49.92 8.14 -25.82
CA GLU D 83 -49.63 9.05 -24.75
C GLU D 83 -50.60 8.76 -23.66
N LYS D 84 -51.83 8.40 -24.01
CA LYS D 84 -52.83 8.15 -23.01
C LYS D 84 -52.30 7.06 -22.14
N ILE D 85 -51.81 5.99 -22.78
CA ILE D 85 -51.47 4.79 -22.08
C ILE D 85 -50.34 5.04 -21.13
N TRP D 86 -49.28 5.70 -21.61
CA TRP D 86 -48.10 5.85 -20.80
C TRP D 86 -48.45 6.67 -19.61
N HIS D 87 -49.33 7.67 -19.81
CA HIS D 87 -49.72 8.51 -18.72
C HIS D 87 -50.30 7.61 -17.69
N HIS D 88 -51.12 6.65 -18.14
CA HIS D 88 -51.79 5.77 -17.23
C HIS D 88 -50.75 5.03 -16.47
N THR D 89 -49.71 4.54 -17.17
CA THR D 89 -48.74 3.72 -16.51
C THR D 89 -48.11 4.53 -15.42
N PHE D 90 -47.62 5.74 -15.76
CA PHE D 90 -46.90 6.48 -14.76
C PHE D 90 -47.80 6.82 -13.63
N TYR D 91 -48.78 7.70 -13.91
CA TYR D 91 -49.46 8.32 -12.82
C TYR D 91 -50.38 7.34 -12.16
N ASN D 92 -51.25 6.72 -12.98
CA ASN D 92 -52.28 5.93 -12.39
C ASN D 92 -51.75 4.65 -11.83
N GLU D 93 -51.15 3.80 -12.69
CA GLU D 93 -50.86 2.47 -12.20
C GLU D 93 -49.73 2.52 -11.22
N LEU D 94 -48.56 3.04 -11.65
CA LEU D 94 -47.37 3.10 -10.85
C LEU D 94 -47.46 4.20 -9.82
N ARG D 95 -48.13 5.32 -10.16
CA ARG D 95 -48.19 6.51 -9.34
C ARG D 95 -46.81 7.02 -8.99
N VAL D 96 -46.00 7.50 -9.98
CA VAL D 96 -44.61 7.65 -9.62
C VAL D 96 -43.91 8.91 -10.06
N ALA D 97 -44.57 9.97 -10.58
CA ALA D 97 -43.93 11.13 -11.20
C ALA D 97 -42.63 10.82 -11.95
N PRO D 98 -42.78 10.88 -13.26
CA PRO D 98 -41.80 10.41 -14.20
C PRO D 98 -40.50 11.15 -14.18
N GLU D 99 -40.52 12.42 -13.78
CA GLU D 99 -39.41 13.32 -13.94
C GLU D 99 -38.32 12.82 -13.06
N GLU D 100 -38.71 12.12 -11.98
CA GLU D 100 -37.77 11.58 -11.05
C GLU D 100 -37.02 10.40 -11.63
N HIS D 101 -37.63 9.60 -12.54
CA HIS D 101 -37.02 8.34 -12.84
C HIS D 101 -36.61 8.25 -14.28
N PRO D 102 -35.38 7.85 -14.49
CA PRO D 102 -34.90 7.41 -15.76
C PRO D 102 -35.69 6.21 -16.19
N THR D 103 -36.17 6.18 -17.45
CA THR D 103 -37.11 5.17 -17.81
C THR D 103 -36.59 4.40 -18.98
N LEU D 104 -36.70 3.06 -18.92
CA LEU D 104 -36.27 2.18 -19.96
C LEU D 104 -37.50 1.70 -20.65
N LEU D 105 -37.57 1.87 -21.99
CA LEU D 105 -38.71 1.41 -22.72
C LEU D 105 -38.25 0.25 -23.56
N THR D 106 -39.16 -0.71 -23.79
CA THR D 106 -38.84 -1.80 -24.67
C THR D 106 -39.42 -1.44 -26.00
N GLU D 107 -38.95 -2.09 -27.08
CA GLU D 107 -39.52 -1.78 -28.35
C GLU D 107 -39.48 -3.01 -29.21
N ALA D 108 -40.40 -3.06 -30.19
CA ALA D 108 -40.63 -4.23 -30.99
C ALA D 108 -39.50 -4.38 -31.95
N PRO D 109 -39.35 -5.58 -32.44
CA PRO D 109 -38.43 -5.86 -33.51
C PRO D 109 -38.88 -5.05 -34.68
N LEU D 110 -37.91 -4.51 -35.46
CA LEU D 110 -38.19 -3.81 -36.67
C LEU D 110 -39.07 -2.62 -36.40
N ASN D 111 -38.87 -1.96 -35.24
CA ASN D 111 -39.52 -0.70 -35.02
C ASN D 111 -38.82 0.31 -35.88
N PRO D 112 -39.53 1.12 -36.59
CA PRO D 112 -38.90 2.03 -37.51
C PRO D 112 -38.09 3.00 -36.72
N LYS D 113 -37.00 3.54 -37.31
CA LYS D 113 -36.15 4.43 -36.57
C LYS D 113 -36.97 5.60 -36.20
N ALA D 114 -37.83 6.06 -37.13
CA ALA D 114 -38.65 7.20 -36.89
C ALA D 114 -39.50 6.88 -35.72
N ASN D 115 -40.01 5.63 -35.67
CA ASN D 115 -40.90 5.22 -34.65
C ASN D 115 -40.18 5.35 -33.35
N ARG D 116 -38.89 4.93 -33.33
CA ARG D 116 -38.14 4.97 -32.11
C ARG D 116 -38.01 6.39 -31.67
N GLU D 117 -37.74 7.30 -32.62
CA GLU D 117 -37.49 8.68 -32.29
C GLU D 117 -38.73 9.31 -31.74
N LYS D 118 -39.91 9.00 -32.32
CA LYS D 118 -41.11 9.67 -31.91
C LYS D 118 -41.30 9.33 -30.46
N MET D 119 -40.88 8.11 -30.08
CA MET D 119 -41.02 7.69 -28.72
C MET D 119 -40.21 8.61 -27.85
N THR D 120 -38.96 8.91 -28.27
CA THR D 120 -38.04 9.61 -27.41
C THR D 120 -38.57 10.97 -27.14
N GLN D 121 -39.03 11.66 -28.19
CA GLN D 121 -39.33 13.05 -28.11
C GLN D 121 -40.42 13.18 -27.10
N ILE D 122 -41.36 12.23 -27.13
CA ILE D 122 -42.45 12.23 -26.22
C ILE D 122 -41.92 12.03 -24.82
N MET D 123 -40.98 11.10 -24.61
CA MET D 123 -40.60 10.90 -23.23
C MET D 123 -39.98 12.14 -22.68
N PHE D 124 -39.02 12.74 -23.41
CA PHE D 124 -38.40 13.90 -22.86
C PHE D 124 -39.39 15.00 -22.76
N GLU D 125 -40.03 15.33 -23.90
CA GLU D 125 -40.84 16.50 -23.94
C GLU D 125 -42.13 16.32 -23.18
N THR D 126 -42.86 15.20 -23.43
CA THR D 126 -44.12 14.97 -22.78
C THR D 126 -43.96 14.70 -21.31
N PHE D 127 -43.26 13.59 -20.97
CA PHE D 127 -43.19 13.10 -19.62
C PHE D 127 -42.18 13.83 -18.80
N ASN D 128 -41.12 14.37 -19.44
CA ASN D 128 -40.01 14.98 -18.75
C ASN D 128 -39.33 14.00 -17.86
N VAL D 129 -38.87 12.87 -18.42
CA VAL D 129 -37.93 12.01 -17.77
C VAL D 129 -36.58 12.67 -17.86
N PRO D 130 -35.81 12.58 -16.81
CA PRO D 130 -34.44 13.02 -16.80
C PRO D 130 -33.62 12.21 -17.75
N ALA D 131 -34.02 10.96 -18.02
CA ALA D 131 -33.19 10.06 -18.76
C ALA D 131 -34.07 8.94 -19.21
N MET D 132 -33.56 8.09 -20.13
CA MET D 132 -34.38 7.01 -20.58
C MET D 132 -33.56 6.13 -21.48
N TYR D 133 -34.08 4.92 -21.77
CA TYR D 133 -33.42 4.02 -22.68
C TYR D 133 -34.51 3.43 -23.54
N VAL D 134 -34.17 2.96 -24.75
CA VAL D 134 -35.08 2.09 -25.41
C VAL D 134 -34.34 0.81 -25.63
N ALA D 135 -35.04 -0.33 -25.54
CA ALA D 135 -34.39 -1.60 -25.61
C ALA D 135 -35.25 -2.48 -26.43
N ILE D 136 -34.75 -3.69 -26.74
CA ILE D 136 -35.47 -4.55 -27.63
C ILE D 136 -36.00 -5.71 -26.84
N GLN D 137 -37.28 -6.05 -27.10
CA GLN D 137 -38.02 -6.99 -26.31
C GLN D 137 -37.42 -8.35 -26.45
N ALA D 138 -37.08 -8.77 -27.68
CA ALA D 138 -36.52 -10.07 -27.84
C ALA D 138 -35.25 -10.08 -27.08
N VAL D 139 -34.48 -9.00 -27.22
CA VAL D 139 -33.19 -8.87 -26.63
C VAL D 139 -33.36 -8.94 -25.14
N LEU D 140 -34.41 -8.30 -24.61
CA LEU D 140 -34.57 -8.24 -23.19
C LEU D 140 -34.70 -9.65 -22.69
N SER D 141 -35.52 -10.46 -23.38
CA SER D 141 -35.85 -11.77 -22.88
C SER D 141 -34.61 -12.59 -22.83
N LEU D 142 -33.72 -12.41 -23.81
CA LEU D 142 -32.56 -13.25 -23.84
C LEU D 142 -31.80 -12.98 -22.59
N TYR D 143 -31.77 -11.70 -22.18
CA TYR D 143 -30.99 -11.26 -21.07
C TYR D 143 -31.47 -11.97 -19.84
N ALA D 144 -32.80 -12.04 -19.66
CA ALA D 144 -33.34 -12.59 -18.45
C ALA D 144 -32.90 -14.02 -18.35
N SER D 145 -32.92 -14.75 -19.48
CA SER D 145 -32.64 -16.16 -19.50
C SER D 145 -31.21 -16.40 -19.09
N GLY D 146 -30.26 -15.68 -19.70
CA GLY D 146 -28.88 -15.85 -19.33
C GLY D 146 -28.27 -17.00 -20.06
N ARG D 147 -28.80 -17.35 -21.26
CA ARG D 147 -28.19 -18.37 -22.07
C ARG D 147 -27.24 -17.70 -23.01
N THR D 148 -25.94 -18.02 -22.95
CA THR D 148 -25.07 -17.53 -23.97
C THR D 148 -25.44 -18.18 -25.26
N THR D 149 -25.63 -19.52 -25.22
CA THR D 149 -25.56 -20.30 -26.41
C THR D 149 -26.78 -21.15 -26.50
N GLY D 150 -27.24 -21.44 -27.73
CA GLY D 150 -28.37 -22.29 -27.90
C GLY D 150 -29.37 -21.57 -28.74
N ILE D 151 -30.46 -22.24 -29.13
CA ILE D 151 -31.42 -21.60 -29.99
C ILE D 151 -32.71 -21.50 -29.24
N VAL D 152 -33.37 -20.33 -29.36
CA VAL D 152 -34.48 -20.00 -28.51
C VAL D 152 -35.72 -20.01 -29.35
N LEU D 153 -36.83 -20.54 -28.79
CA LEU D 153 -38.08 -20.43 -29.49
C LEU D 153 -38.98 -19.60 -28.63
N ASP D 154 -39.23 -18.36 -29.08
CA ASP D 154 -39.83 -17.35 -28.26
C ASP D 154 -41.17 -17.05 -28.84
N SER D 155 -42.20 -17.87 -28.52
CA SER D 155 -43.47 -17.56 -29.12
C SER D 155 -44.25 -16.76 -28.16
N GLY D 156 -44.63 -15.56 -28.59
CA GLY D 156 -45.35 -14.66 -27.73
C GLY D 156 -46.76 -14.55 -28.22
N ASP D 157 -47.28 -13.32 -28.13
CA ASP D 157 -48.62 -12.91 -28.32
C ASP D 157 -48.99 -13.04 -29.75
N GLY D 158 -48.03 -12.94 -30.70
CA GLY D 158 -48.48 -12.58 -32.01
C GLY D 158 -47.27 -12.55 -32.88
N VAL D 159 -46.12 -12.96 -32.30
CA VAL D 159 -45.00 -13.23 -33.13
C VAL D 159 -44.29 -14.43 -32.57
N THR D 160 -43.56 -15.19 -33.40
CA THR D 160 -42.80 -16.32 -32.91
C THR D 160 -41.49 -16.32 -33.63
N HIS D 161 -40.37 -16.53 -32.89
CA HIS D 161 -39.08 -16.48 -33.54
C HIS D 161 -38.25 -17.64 -33.06
N ASN D 162 -37.25 -18.05 -33.87
CA ASN D 162 -36.24 -18.94 -33.40
C ASN D 162 -34.94 -18.21 -33.49
N VAL D 163 -34.23 -18.04 -32.35
CA VAL D 163 -33.01 -17.29 -32.38
C VAL D 163 -31.91 -18.18 -31.89
N PRO D 164 -31.09 -18.70 -32.77
CA PRO D 164 -29.88 -19.37 -32.41
C PRO D 164 -28.91 -18.35 -31.89
N ILE D 165 -28.25 -18.61 -30.74
CA ILE D 165 -27.35 -17.61 -30.24
C ILE D 165 -26.04 -18.28 -29.95
N TYR D 166 -24.93 -17.66 -30.38
CA TYR D 166 -23.64 -18.21 -30.10
C TYR D 166 -22.84 -17.12 -29.45
N GLU D 167 -22.36 -17.36 -28.21
CA GLU D 167 -21.63 -16.39 -27.45
C GLU D 167 -22.34 -15.08 -27.52
N GLY D 168 -23.64 -15.08 -27.15
CA GLY D 168 -24.36 -13.88 -26.87
C GLY D 168 -24.81 -13.26 -28.15
N TYR D 169 -24.61 -13.96 -29.29
CA TYR D 169 -24.80 -13.26 -30.53
C TYR D 169 -26.02 -13.83 -31.18
N ALA D 170 -27.07 -12.98 -31.28
CA ALA D 170 -28.13 -13.33 -32.16
C ALA D 170 -27.49 -13.34 -33.50
N LEU D 171 -27.75 -14.38 -34.31
CA LEU D 171 -27.23 -14.37 -35.64
C LEU D 171 -28.36 -13.93 -36.49
N PRO D 172 -28.24 -12.78 -37.08
CA PRO D 172 -29.36 -12.13 -37.66
C PRO D 172 -29.94 -12.99 -38.73
N HIS D 173 -29.06 -13.65 -39.50
CA HIS D 173 -29.43 -14.33 -40.70
C HIS D 173 -30.21 -15.57 -40.38
N ALA D 174 -29.91 -16.20 -39.23
CA ALA D 174 -30.54 -17.45 -38.88
C ALA D 174 -32.01 -17.21 -38.76
N ILE D 175 -32.39 -16.07 -38.18
CA ILE D 175 -33.67 -15.88 -37.56
C ILE D 175 -34.79 -16.07 -38.52
N MET D 176 -35.84 -16.79 -38.07
CA MET D 176 -37.04 -17.00 -38.82
C MET D 176 -38.12 -16.24 -38.12
N ARG D 177 -39.16 -15.79 -38.85
CA ARG D 177 -40.22 -15.07 -38.22
C ARG D 177 -41.46 -15.90 -38.32
N LEU D 178 -42.38 -15.72 -37.34
CA LEU D 178 -43.68 -16.28 -37.51
C LEU D 178 -44.68 -15.23 -37.17
N ASP D 179 -45.70 -15.08 -38.04
CA ASP D 179 -46.77 -14.15 -37.77
C ASP D 179 -47.55 -14.67 -36.60
N LEU D 180 -47.71 -16.01 -36.54
CA LEU D 180 -48.68 -16.65 -35.70
C LEU D 180 -48.23 -16.64 -34.27
N ALA D 181 -49.23 -16.57 -33.37
CA ALA D 181 -49.05 -16.68 -31.95
C ALA D 181 -50.38 -16.49 -31.32
N GLY D 182 -50.41 -15.97 -30.08
CA GLY D 182 -51.59 -16.07 -29.25
C GLY D 182 -52.75 -15.37 -29.90
N ARG D 183 -52.55 -14.16 -30.48
CA ARG D 183 -53.66 -13.36 -30.92
C ARG D 183 -54.38 -14.15 -31.95
N ASP D 184 -53.60 -14.79 -32.84
CA ASP D 184 -54.17 -15.57 -33.90
C ASP D 184 -54.91 -16.73 -33.31
N LEU D 185 -54.25 -17.45 -32.37
CA LEU D 185 -54.79 -18.70 -31.90
C LEU D 185 -56.08 -18.39 -31.22
N THR D 186 -56.14 -17.23 -30.56
CA THR D 186 -57.31 -16.84 -29.82
C THR D 186 -58.45 -16.79 -30.79
N ASP D 187 -58.24 -16.24 -31.99
CA ASP D 187 -59.31 -16.16 -32.95
C ASP D 187 -59.74 -17.56 -33.32
N TYR D 188 -58.77 -18.46 -33.52
CA TYR D 188 -59.01 -19.76 -34.09
C TYR D 188 -59.93 -20.50 -33.18
N LEU D 189 -59.69 -20.43 -31.86
CA LEU D 189 -60.53 -21.13 -30.94
C LEU D 189 -61.91 -20.56 -31.09
N MET D 190 -61.99 -19.24 -31.34
CA MET D 190 -63.27 -18.59 -31.44
C MET D 190 -64.04 -19.22 -32.54
N LYS D 191 -63.42 -19.31 -33.73
CA LYS D 191 -64.11 -19.66 -34.93
C LYS D 191 -64.57 -21.09 -34.83
N ILE D 192 -63.68 -21.95 -34.30
CA ILE D 192 -63.96 -23.36 -34.25
C ILE D 192 -65.13 -23.60 -33.36
N LEU D 193 -65.20 -22.90 -32.21
CA LEU D 193 -66.26 -23.12 -31.28
C LEU D 193 -67.54 -22.79 -31.96
N THR D 194 -67.51 -21.76 -32.82
CA THR D 194 -68.68 -21.35 -33.54
C THR D 194 -69.11 -22.48 -34.42
N GLU D 195 -68.15 -23.33 -34.82
CA GLU D 195 -68.45 -24.44 -35.68
C GLU D 195 -69.49 -25.27 -35.01
N ARG D 196 -69.38 -25.43 -33.66
CA ARG D 196 -70.29 -26.28 -32.95
C ARG D 196 -71.67 -25.72 -33.04
N GLY D 197 -71.80 -24.39 -33.24
CA GLY D 197 -73.12 -23.82 -33.30
C GLY D 197 -73.23 -22.78 -32.24
N TYR D 198 -72.22 -22.71 -31.36
CA TYR D 198 -72.04 -21.60 -30.47
C TYR D 198 -71.69 -20.41 -31.33
N SER D 199 -71.96 -19.18 -30.83
CA SER D 199 -71.56 -18.03 -31.60
C SER D 199 -70.68 -17.16 -30.73
N PHE D 200 -69.37 -17.06 -31.04
CA PHE D 200 -68.52 -16.16 -30.30
C PHE D 200 -67.90 -15.17 -31.25
N VAL D 201 -68.68 -14.17 -31.74
CA VAL D 201 -68.14 -13.05 -32.47
C VAL D 201 -67.54 -11.97 -31.60
N THR D 202 -68.20 -11.58 -30.47
CA THR D 202 -68.07 -10.21 -30.02
C THR D 202 -66.78 -10.01 -29.29
N THR D 203 -66.51 -8.74 -28.92
CA THR D 203 -65.35 -8.40 -28.14
C THR D 203 -65.48 -9.10 -26.83
N ALA D 204 -66.69 -9.02 -26.23
CA ALA D 204 -66.89 -9.58 -24.93
C ALA D 204 -66.62 -11.04 -25.06
N GLU D 205 -67.13 -11.63 -26.15
CA GLU D 205 -67.02 -13.04 -26.35
C GLU D 205 -65.59 -13.41 -26.56
N ARG D 206 -64.82 -12.56 -27.28
CA ARG D 206 -63.45 -12.89 -27.57
C ARG D 206 -62.70 -13.00 -26.29
N GLU D 207 -62.98 -12.09 -25.33
CA GLU D 207 -62.27 -12.13 -24.09
C GLU D 207 -62.56 -13.47 -23.49
N ILE D 208 -63.83 -13.89 -23.63
CA ILE D 208 -64.31 -15.08 -22.99
C ILE D 208 -63.54 -16.26 -23.49
N VAL D 209 -63.44 -16.39 -24.82
CA VAL D 209 -62.88 -17.56 -25.44
C VAL D 209 -61.42 -17.60 -25.15
N ARG D 210 -60.79 -16.42 -25.02
CA ARG D 210 -59.40 -16.38 -24.73
C ARG D 210 -59.20 -17.13 -23.46
N ASP D 211 -60.11 -16.90 -22.50
CA ASP D 211 -60.04 -17.48 -21.18
C ASP D 211 -60.12 -18.98 -21.32
N ILE D 212 -61.01 -19.46 -22.21
CA ILE D 212 -61.15 -20.87 -22.41
C ILE D 212 -59.89 -21.42 -22.99
N LYS D 213 -59.24 -20.57 -24.10
CA LYS D 213 -57.96 -20.99 -24.67
C LYS D 213 -56.89 -21.22 -23.61
N GLU D 214 -56.74 -20.25 -22.73
CA GLU D 214 -55.68 -20.32 -21.71
C GLU D 214 -55.97 -21.37 -20.65
N LYS D 215 -57.31 -21.75 -20.21
CA LYS D 215 -57.55 -22.75 -19.22
C LYS D 215 -57.42 -24.13 -19.80
N LEU D 216 -58.27 -24.41 -20.81
CA LEU D 216 -58.60 -25.74 -21.25
C LEU D 216 -57.63 -26.40 -22.20
N CYS D 217 -57.00 -25.63 -23.12
CA CYS D 217 -56.38 -26.22 -24.30
C CYS D 217 -55.16 -27.01 -23.94
N TYR D 218 -54.79 -28.00 -24.78
CA TYR D 218 -53.48 -28.60 -24.69
C TYR D 218 -53.00 -29.00 -26.05
N VAL D 219 -51.72 -29.42 -26.13
CA VAL D 219 -51.12 -29.89 -27.35
C VAL D 219 -50.91 -31.37 -27.20
N ALA D 220 -51.08 -32.12 -28.31
CA ALA D 220 -51.14 -33.55 -28.28
C ALA D 220 -49.78 -34.15 -28.33
N LEU D 221 -49.69 -35.44 -27.92
CA LEU D 221 -48.54 -36.26 -28.11
C LEU D 221 -48.36 -36.45 -29.58
N ASP D 222 -49.45 -36.88 -30.26
CA ASP D 222 -49.47 -37.04 -31.68
C ASP D 222 -50.79 -36.51 -32.12
N PHE D 223 -50.81 -35.65 -33.16
CA PHE D 223 -52.03 -35.02 -33.56
C PHE D 223 -53.00 -36.08 -34.02
N GLU D 224 -52.54 -36.95 -34.93
CA GLU D 224 -53.44 -37.83 -35.62
C GLU D 224 -54.03 -38.79 -34.65
N ASN D 225 -53.18 -39.36 -33.77
CA ASN D 225 -53.66 -40.37 -32.86
C ASN D 225 -54.69 -39.74 -31.98
N GLU D 226 -54.40 -38.52 -31.49
CA GLU D 226 -55.28 -37.92 -30.54
C GLU D 226 -56.61 -37.72 -31.19
N MET D 227 -56.63 -37.29 -32.46
CA MET D 227 -57.89 -36.98 -33.08
C MET D 227 -58.70 -38.23 -33.11
N ALA D 228 -58.07 -39.36 -33.50
CA ALA D 228 -58.80 -40.59 -33.68
C ALA D 228 -59.37 -40.98 -32.37
N THR D 229 -58.58 -40.77 -31.29
CA THR D 229 -58.97 -41.13 -29.96
C THR D 229 -60.16 -40.30 -29.60
N ALA D 230 -60.28 -39.12 -30.23
CA ALA D 230 -61.23 -38.14 -29.84
C ALA D 230 -62.57 -38.77 -29.88
N ALA D 231 -62.80 -39.71 -30.82
CA ALA D 231 -64.10 -40.29 -30.92
C ALA D 231 -64.45 -40.94 -29.61
N SER D 232 -63.56 -41.79 -29.07
CA SER D 232 -63.86 -42.50 -27.86
C SER D 232 -63.63 -41.61 -26.67
N SER D 233 -63.21 -40.36 -26.90
CA SER D 233 -62.60 -39.61 -25.85
C SER D 233 -63.62 -39.25 -24.80
N SER D 234 -63.44 -39.82 -23.60
CA SER D 234 -64.21 -39.50 -22.44
C SER D 234 -63.82 -38.12 -21.98
N SER D 235 -62.51 -37.82 -22.06
CA SER D 235 -61.91 -36.71 -21.40
C SER D 235 -62.30 -35.38 -21.96
N LEU D 236 -62.47 -35.26 -23.29
CA LEU D 236 -62.39 -33.95 -23.89
C LEU D 236 -63.49 -33.05 -23.38
N GLU D 237 -64.64 -33.64 -23.05
CA GLU D 237 -65.92 -32.99 -22.99
C GLU D 237 -66.03 -31.97 -21.88
N LYS D 238 -64.89 -31.69 -21.21
CA LYS D 238 -64.76 -30.59 -20.27
C LYS D 238 -65.70 -29.47 -20.62
N SER D 239 -66.21 -28.79 -19.57
CA SER D 239 -67.23 -27.79 -19.71
C SER D 239 -66.71 -26.48 -19.18
N TYR D 240 -67.31 -25.37 -19.67
CA TYR D 240 -66.90 -24.05 -19.30
C TYR D 240 -68.14 -23.25 -19.05
N GLU D 241 -68.19 -22.49 -17.94
CA GLU D 241 -69.36 -21.72 -17.64
C GLU D 241 -69.17 -20.37 -18.26
N LEU D 242 -70.26 -19.77 -18.76
CA LEU D 242 -70.17 -18.43 -19.28
C LEU D 242 -70.68 -17.52 -18.21
N PRO D 243 -70.32 -16.28 -18.27
CA PRO D 243 -70.73 -15.32 -17.29
C PRO D 243 -72.23 -15.18 -17.33
N ASP D 244 -72.84 -15.47 -18.49
CA ASP D 244 -74.27 -15.45 -18.61
C ASP D 244 -74.81 -16.60 -17.84
N GLY D 245 -73.97 -17.65 -17.66
CA GLY D 245 -74.32 -18.74 -16.79
C GLY D 245 -74.44 -19.99 -17.58
N GLN D 246 -74.52 -19.88 -18.92
CA GLN D 246 -74.67 -21.07 -19.72
C GLN D 246 -73.37 -21.79 -19.74
N VAL D 247 -73.43 -23.12 -19.91
CA VAL D 247 -72.24 -23.92 -19.82
C VAL D 247 -72.02 -24.56 -21.15
N ILE D 248 -70.78 -24.43 -21.69
CA ILE D 248 -70.50 -24.94 -23.00
C ILE D 248 -69.50 -26.03 -22.86
N THR D 249 -69.44 -26.90 -23.87
CA THR D 249 -68.56 -28.03 -23.86
C THR D 249 -67.52 -27.83 -24.92
N ILE D 250 -66.28 -28.28 -24.65
CA ILE D 250 -65.17 -28.19 -25.55
C ILE D 250 -64.44 -29.49 -25.40
N GLY D 251 -63.26 -29.64 -26.08
CA GLY D 251 -62.45 -30.79 -25.81
C GLY D 251 -61.98 -31.46 -27.07
N ASN D 252 -62.75 -31.46 -28.17
CA ASN D 252 -62.10 -31.77 -29.41
C ASN D 252 -61.17 -30.62 -29.62
N GLU D 253 -61.71 -29.43 -29.33
CA GLU D 253 -61.20 -28.14 -29.62
C GLU D 253 -59.96 -27.89 -28.83
N ARG D 254 -59.83 -28.54 -27.65
CA ARG D 254 -58.76 -28.18 -26.75
C ARG D 254 -57.46 -28.36 -27.48
N PHE D 255 -57.21 -29.54 -28.05
CA PHE D 255 -55.96 -29.75 -28.74
C PHE D 255 -55.89 -29.10 -30.09
N ARG D 256 -57.02 -29.03 -30.85
CA ARG D 256 -56.93 -28.64 -32.24
C ARG D 256 -56.34 -27.27 -32.33
N CYS D 257 -56.78 -26.36 -31.44
CA CYS D 257 -56.40 -24.98 -31.55
C CYS D 257 -54.89 -24.83 -31.46
N PRO D 258 -54.20 -25.42 -30.51
CA PRO D 258 -52.77 -25.31 -30.40
C PRO D 258 -52.05 -25.95 -31.52
N GLU D 259 -52.68 -26.93 -32.20
CA GLU D 259 -52.03 -27.79 -33.15
C GLU D 259 -51.53 -26.93 -34.25
N THR D 260 -52.13 -25.73 -34.32
CA THR D 260 -51.90 -24.67 -35.25
C THR D 260 -50.44 -24.31 -35.22
N LEU D 261 -49.81 -24.28 -34.03
CA LEU D 261 -48.43 -23.88 -34.00
C LEU D 261 -47.68 -24.86 -34.85
N PHE D 262 -47.92 -26.15 -34.61
CA PHE D 262 -47.23 -27.17 -35.34
C PHE D 262 -47.67 -27.15 -36.77
N GLN D 263 -48.99 -27.02 -37.03
CA GLN D 263 -49.41 -27.01 -38.40
C GLN D 263 -50.16 -25.73 -38.65
N PRO D 264 -49.44 -24.73 -39.04
CA PRO D 264 -49.98 -23.41 -39.21
C PRO D 264 -50.95 -23.42 -40.34
N SER D 265 -50.98 -24.50 -41.14
CA SER D 265 -51.80 -24.55 -42.30
C SER D 265 -53.23 -24.52 -41.88
N PHE D 266 -53.51 -24.81 -40.60
CA PHE D 266 -54.87 -24.91 -40.17
C PHE D 266 -55.53 -23.58 -40.47
N ILE D 267 -54.94 -22.48 -39.97
CA ILE D 267 -55.46 -21.17 -40.15
C ILE D 267 -55.30 -20.72 -41.58
N GLY D 268 -54.27 -21.25 -42.29
CA GLY D 268 -54.11 -20.83 -43.65
C GLY D 268 -52.79 -20.18 -43.83
N MET D 269 -51.92 -20.26 -42.80
CA MET D 269 -50.58 -19.82 -43.05
C MET D 269 -49.81 -20.97 -43.63
N GLU D 270 -49.08 -20.66 -44.72
CA GLU D 270 -48.26 -21.57 -45.46
C GLU D 270 -47.10 -21.95 -44.60
N SER D 271 -46.74 -21.04 -43.67
CA SER D 271 -45.49 -21.03 -42.98
C SER D 271 -45.21 -22.37 -42.37
N ALA D 272 -43.91 -22.63 -42.13
CA ALA D 272 -43.46 -23.87 -41.55
C ALA D 272 -43.80 -23.84 -40.10
N GLY D 273 -44.05 -25.04 -39.52
CA GLY D 273 -44.37 -25.12 -38.13
C GLY D 273 -43.10 -24.86 -37.39
N ILE D 274 -43.22 -24.54 -36.09
CA ILE D 274 -42.10 -24.07 -35.34
C ILE D 274 -41.06 -25.13 -35.32
N HIS D 275 -41.48 -26.40 -35.21
CA HIS D 275 -40.49 -27.44 -35.13
C HIS D 275 -39.63 -27.38 -36.34
N GLU D 276 -40.22 -27.32 -37.55
CA GLU D 276 -39.35 -27.27 -38.69
C GLU D 276 -38.65 -25.95 -38.83
N THR D 277 -39.28 -24.83 -38.40
CA THR D 277 -38.56 -23.59 -38.53
C THR D 277 -37.34 -23.68 -37.66
N THR D 278 -37.44 -24.39 -36.51
CA THR D 278 -36.31 -24.54 -35.64
C THR D 278 -35.22 -25.21 -36.40
N TYR D 279 -35.56 -26.29 -37.13
CA TYR D 279 -34.60 -27.08 -37.82
C TYR D 279 -33.96 -26.21 -38.85
N ASN D 280 -34.77 -25.40 -39.54
CA ASN D 280 -34.27 -24.55 -40.58
C ASN D 280 -33.35 -23.53 -39.97
N SER D 281 -33.69 -23.04 -38.77
CA SER D 281 -32.86 -22.03 -38.18
C SER D 281 -31.49 -22.60 -37.94
N ILE D 282 -31.43 -23.84 -37.43
CA ILE D 282 -30.18 -24.44 -37.06
C ILE D 282 -29.36 -24.65 -38.29
N MET D 283 -30.00 -25.10 -39.39
CA MET D 283 -29.29 -25.40 -40.60
C MET D 283 -28.68 -24.15 -41.12
N LYS D 284 -29.35 -23.01 -40.88
CA LYS D 284 -28.87 -21.74 -41.34
C LYS D 284 -27.56 -21.40 -40.67
N CYS D 285 -27.31 -21.96 -39.46
CA CYS D 285 -26.06 -21.71 -38.79
C CYS D 285 -25.01 -22.67 -39.29
N ASP D 286 -23.76 -22.49 -38.82
CA ASP D 286 -22.66 -23.33 -39.24
C ASP D 286 -22.75 -24.65 -38.56
N ILE D 287 -22.10 -25.66 -39.15
CA ILE D 287 -22.23 -27.02 -38.71
C ILE D 287 -21.65 -27.17 -37.34
N ASP D 288 -20.47 -26.56 -37.10
CA ASP D 288 -19.74 -26.86 -35.91
C ASP D 288 -20.56 -26.49 -34.72
N ILE D 289 -21.25 -25.32 -34.77
CA ILE D 289 -22.02 -24.83 -33.66
C ILE D 289 -23.23 -25.66 -33.37
N ARG D 290 -23.85 -26.27 -34.40
CA ARG D 290 -25.22 -26.74 -34.34
C ARG D 290 -25.37 -27.68 -33.18
N LYS D 291 -24.30 -28.43 -32.85
CA LYS D 291 -24.38 -29.42 -31.82
C LYS D 291 -24.85 -28.75 -30.55
N ASP D 292 -24.31 -27.57 -30.24
CA ASP D 292 -24.65 -26.88 -29.03
C ASP D 292 -26.11 -26.52 -29.07
N LEU D 293 -26.58 -26.07 -30.25
CA LEU D 293 -27.89 -25.51 -30.39
C LEU D 293 -28.90 -26.59 -30.15
N TYR D 294 -28.62 -27.82 -30.60
CA TYR D 294 -29.50 -28.92 -30.37
C TYR D 294 -29.57 -29.10 -28.89
N ALA D 295 -28.41 -28.98 -28.23
CA ALA D 295 -28.28 -29.21 -26.82
C ALA D 295 -29.08 -28.18 -26.07
N ASN D 296 -29.07 -26.91 -26.49
CA ASN D 296 -29.77 -25.96 -25.67
C ASN D 296 -30.85 -25.29 -26.46
N ASN D 297 -32.09 -25.81 -26.37
CA ASN D 297 -33.22 -25.16 -26.99
C ASN D 297 -34.03 -24.58 -25.88
N VAL D 298 -34.23 -23.25 -25.88
CA VAL D 298 -34.97 -22.70 -24.78
C VAL D 298 -36.21 -22.07 -25.31
N MET D 299 -37.32 -22.19 -24.54
CA MET D 299 -38.60 -21.74 -25.00
C MET D 299 -38.88 -20.44 -24.34
N SER D 300 -39.73 -19.61 -24.99
CA SER D 300 -39.87 -18.24 -24.57
C SER D 300 -41.29 -17.83 -24.91
N GLY D 301 -41.88 -16.91 -24.12
CA GLY D 301 -43.12 -16.31 -24.53
C GLY D 301 -44.29 -17.07 -23.95
N GLY D 302 -45.39 -16.31 -24.08
CA GLY D 302 -46.63 -16.84 -23.50
C GLY D 302 -47.21 -18.04 -24.22
N THR D 303 -47.05 -18.05 -25.55
CA THR D 303 -47.63 -19.11 -26.39
C THR D 303 -46.78 -20.35 -26.33
N THR D 304 -45.65 -20.35 -25.59
CA THR D 304 -44.95 -21.60 -25.36
C THR D 304 -45.29 -22.20 -24.02
N MET D 305 -46.31 -21.72 -23.30
CA MET D 305 -46.69 -22.16 -22.01
C MET D 305 -47.49 -23.45 -22.00
N TYR D 306 -47.98 -23.93 -23.14
CA TYR D 306 -48.77 -25.16 -23.12
C TYR D 306 -48.06 -26.37 -22.57
N PRO D 307 -48.69 -27.18 -21.58
CA PRO D 307 -47.97 -28.23 -20.92
C PRO D 307 -47.61 -29.32 -21.92
N GLY D 308 -46.48 -30.00 -21.70
CA GLY D 308 -46.11 -31.11 -22.50
C GLY D 308 -45.56 -30.59 -23.79
N ILE D 309 -45.40 -29.25 -23.86
CA ILE D 309 -44.94 -28.66 -25.08
C ILE D 309 -43.55 -29.16 -25.31
N ALA D 310 -42.72 -29.20 -24.25
CA ALA D 310 -41.34 -29.56 -24.31
C ALA D 310 -41.19 -31.00 -24.72
N ASP D 311 -42.02 -31.89 -24.14
CA ASP D 311 -41.84 -33.29 -24.40
C ASP D 311 -42.01 -33.48 -25.87
N ARG D 312 -43.06 -32.85 -26.42
CA ARG D 312 -43.39 -32.91 -27.81
C ARG D 312 -42.27 -32.27 -28.56
N MET D 313 -41.71 -31.18 -28.02
CA MET D 313 -40.65 -30.52 -28.70
C MET D 313 -39.56 -31.51 -28.82
N GLN D 314 -39.37 -32.32 -27.76
CA GLN D 314 -38.27 -33.23 -27.71
C GLN D 314 -38.40 -34.19 -28.84
N LYS D 315 -39.60 -34.78 -29.00
CA LYS D 315 -39.78 -35.87 -29.92
C LYS D 315 -39.59 -35.39 -31.32
N GLU D 316 -40.13 -34.19 -31.63
CA GLU D 316 -40.13 -33.74 -33.00
C GLU D 316 -38.71 -33.52 -33.46
N ILE D 317 -37.87 -32.90 -32.62
CA ILE D 317 -36.53 -32.60 -33.03
C ILE D 317 -35.81 -33.88 -33.25
N THR D 318 -36.04 -34.85 -32.33
CA THR D 318 -35.35 -36.09 -32.37
C THR D 318 -35.64 -36.69 -33.70
N ALA D 319 -36.90 -36.54 -34.15
CA ALA D 319 -37.32 -37.13 -35.39
C ALA D 319 -36.54 -36.53 -36.52
N LEU D 320 -36.40 -35.18 -36.55
CA LEU D 320 -35.76 -34.53 -37.66
C LEU D 320 -34.29 -34.87 -37.68
N ALA D 321 -33.64 -34.78 -36.50
CA ALA D 321 -32.22 -34.58 -36.39
C ALA D 321 -31.48 -35.89 -36.38
N PRO D 322 -30.18 -35.76 -36.41
CA PRO D 322 -29.29 -36.87 -36.60
C PRO D 322 -29.34 -37.83 -35.46
N SER D 323 -28.82 -39.05 -35.72
CA SER D 323 -28.90 -40.19 -34.84
C SER D 323 -28.27 -39.85 -33.53
N THR D 324 -26.98 -39.47 -33.55
CA THR D 324 -26.20 -39.32 -32.36
C THR D 324 -26.61 -38.12 -31.56
N MET D 325 -27.12 -37.06 -32.24
CA MET D 325 -27.19 -35.73 -31.68
C MET D 325 -27.85 -35.73 -30.33
N LYS D 326 -27.32 -34.91 -29.41
CA LYS D 326 -27.94 -34.71 -28.12
C LYS D 326 -28.86 -33.55 -28.24
N ILE D 327 -30.10 -33.70 -27.74
CA ILE D 327 -31.07 -32.65 -27.88
C ILE D 327 -31.64 -32.39 -26.52
N LYS D 328 -31.71 -31.10 -26.12
CA LYS D 328 -32.27 -30.79 -24.84
C LYS D 328 -33.16 -29.61 -25.01
N ILE D 329 -34.38 -29.69 -24.47
CA ILE D 329 -35.28 -28.57 -24.53
C ILE D 329 -35.44 -28.08 -23.13
N ILE D 330 -35.08 -26.81 -22.89
CA ILE D 330 -35.18 -26.27 -21.57
C ILE D 330 -36.20 -25.19 -21.62
N ALA D 331 -37.09 -25.11 -20.61
CA ALA D 331 -38.04 -24.04 -20.59
C ALA D 331 -38.10 -23.48 -19.21
N PRO D 332 -38.02 -22.17 -19.14
CA PRO D 332 -38.19 -21.41 -17.94
C PRO D 332 -39.62 -21.38 -17.48
N PRO D 333 -39.86 -21.56 -16.22
CA PRO D 333 -41.18 -21.73 -15.67
C PRO D 333 -42.12 -20.55 -15.75
N GLU D 334 -41.65 -19.30 -15.58
CA GLU D 334 -42.56 -18.22 -15.81
C GLU D 334 -41.99 -17.46 -16.96
N ARG D 335 -42.17 -18.07 -18.14
CA ARG D 335 -41.49 -17.71 -19.35
C ARG D 335 -42.05 -16.44 -19.88
N LYS D 336 -43.27 -16.08 -19.81
CA LYS D 336 -43.93 -14.99 -20.45
C LYS D 336 -43.31 -13.70 -20.00
N TYR D 337 -43.01 -13.61 -18.70
CA TYR D 337 -42.42 -12.36 -18.21
C TYR D 337 -40.93 -12.31 -18.50
N SER D 338 -40.48 -13.14 -19.44
CA SER D 338 -39.08 -13.19 -19.81
C SER D 338 -38.62 -11.86 -20.43
N VAL D 339 -39.54 -11.20 -21.11
CA VAL D 339 -39.24 -9.93 -21.76
C VAL D 339 -39.04 -8.82 -20.74
N TRP D 340 -40.01 -8.83 -19.63
CA TRP D 340 -39.91 -7.74 -18.71
C TRP D 340 -38.64 -7.89 -17.94
N ILE D 341 -38.36 -9.13 -17.49
CA ILE D 341 -37.40 -9.32 -16.44
C ILE D 341 -36.01 -8.94 -16.83
N GLY D 342 -35.46 -9.38 -17.97
CA GLY D 342 -35.70 -8.73 -19.20
C GLY D 342 -35.02 -7.40 -19.12
N GLY D 343 -35.88 -6.36 -19.18
CA GLY D 343 -35.56 -4.97 -19.03
C GLY D 343 -35.11 -4.75 -17.63
N SER D 344 -35.64 -5.53 -16.68
CA SER D 344 -35.30 -5.28 -15.31
C SER D 344 -33.82 -5.43 -15.17
N ILE D 345 -33.23 -6.47 -15.80
CA ILE D 345 -31.82 -6.69 -15.58
C ILE D 345 -31.08 -5.50 -16.12
N LEU D 346 -31.42 -5.11 -17.37
CA LEU D 346 -30.68 -4.08 -18.06
C LEU D 346 -30.88 -2.80 -17.30
N ALA D 347 -32.14 -2.54 -16.90
CA ALA D 347 -32.56 -1.26 -16.41
C ALA D 347 -31.82 -0.94 -15.15
N SER D 348 -31.76 -1.90 -14.20
CA SER D 348 -31.11 -1.57 -12.98
C SER D 348 -29.72 -2.07 -13.11
N LEU D 349 -29.06 -1.68 -14.23
CA LEU D 349 -27.74 -2.21 -14.46
C LEU D 349 -26.79 -1.07 -14.31
N SER D 350 -26.22 -0.95 -13.09
CA SER D 350 -25.49 0.21 -12.72
C SER D 350 -24.08 0.26 -13.31
N THR D 351 -23.44 -0.85 -13.76
CA THR D 351 -22.22 -0.58 -14.43
C THR D 351 -22.55 0.12 -15.69
N PHE D 352 -23.60 -0.42 -16.36
CA PHE D 352 -23.91 -0.14 -17.72
C PHE D 352 -24.50 1.24 -17.83
N GLN D 353 -24.72 1.90 -16.66
CA GLN D 353 -25.64 2.96 -16.40
C GLN D 353 -25.50 4.03 -17.45
N GLN D 354 -24.30 4.24 -18.03
CA GLN D 354 -24.12 5.30 -19.00
C GLN D 354 -25.11 5.08 -20.11
N MET D 355 -25.47 3.81 -20.38
CA MET D 355 -26.17 3.42 -21.57
C MET D 355 -27.46 4.17 -21.63
N TRP D 356 -28.06 4.50 -20.47
CA TRP D 356 -29.24 5.30 -20.48
C TRP D 356 -28.93 6.56 -21.24
N ILE D 357 -29.92 6.99 -22.06
CA ILE D 357 -29.90 8.20 -22.82
C ILE D 357 -30.26 9.30 -21.87
N THR D 358 -29.66 10.48 -22.08
CA THR D 358 -29.94 11.56 -21.18
C THR D 358 -30.48 12.71 -21.98
N LYS D 359 -31.00 13.72 -21.26
CA LYS D 359 -31.73 14.80 -21.86
C LYS D 359 -30.80 15.50 -22.80
N GLN D 360 -29.54 15.69 -22.36
CA GLN D 360 -28.62 16.46 -23.14
C GLN D 360 -28.42 15.74 -24.44
N GLU D 361 -28.31 14.41 -24.38
CA GLU D 361 -28.07 13.63 -25.56
C GLU D 361 -29.26 13.80 -26.45
N TYR D 362 -30.47 13.80 -25.85
CA TYR D 362 -31.67 13.96 -26.61
C TYR D 362 -31.60 15.32 -27.25
N ASP D 363 -31.21 16.35 -26.48
CA ASP D 363 -31.20 17.67 -27.04
C ASP D 363 -30.22 17.69 -28.16
N GLU D 364 -28.96 17.32 -27.87
CA GLU D 364 -27.93 17.69 -28.79
C GLU D 364 -28.17 16.97 -30.10
N ALA D 365 -28.06 15.63 -30.05
CA ALA D 365 -28.21 14.72 -31.15
C ALA D 365 -29.64 14.58 -31.58
N GLY D 366 -30.58 14.67 -30.62
CA GLY D 366 -31.95 14.40 -30.95
C GLY D 366 -32.30 13.06 -30.36
N PRO D 367 -33.51 12.64 -30.61
CA PRO D 367 -33.99 11.36 -30.19
C PRO D 367 -33.19 10.29 -30.85
N SER D 368 -32.63 10.58 -32.04
CA SER D 368 -32.05 9.55 -32.84
C SER D 368 -30.85 9.06 -32.11
N ILE D 369 -30.37 9.85 -31.14
CA ILE D 369 -29.20 9.51 -30.41
C ILE D 369 -29.46 8.19 -29.76
N VAL D 370 -30.71 8.00 -29.28
CA VAL D 370 -31.08 6.76 -28.66
C VAL D 370 -30.86 5.69 -29.68
N HIS D 371 -31.25 5.96 -30.94
CA HIS D 371 -31.17 4.98 -31.99
C HIS D 371 -29.74 4.71 -32.35
N ARG D 372 -28.93 5.77 -32.53
CA ARG D 372 -27.84 5.67 -33.44
C ARG D 372 -26.56 5.56 -32.68
N LYS D 373 -26.27 4.33 -32.19
CA LYS D 373 -25.00 3.87 -31.68
C LYS D 373 -25.24 3.24 -30.35
N CYS D 374 -26.48 3.39 -29.85
CA CYS D 374 -26.84 2.75 -28.62
C CYS D 374 -28.26 2.33 -28.79
N PHE D 375 -28.91 1.96 -27.67
CA PHE D 375 -30.31 1.66 -27.78
C PHE D 375 -31.05 2.81 -27.11
N ASP E 1 23.62 -22.25 -6.43
CA ASP E 1 23.50 -21.30 -7.55
C ASP E 1 24.59 -21.53 -8.53
N GLU E 2 24.55 -22.67 -9.24
CA GLU E 2 25.73 -23.15 -9.88
C GLU E 2 26.21 -22.15 -10.89
N ASP E 3 25.37 -21.85 -11.91
CA ASP E 3 25.72 -21.08 -13.08
C ASP E 3 25.28 -21.88 -14.25
N GLU E 4 24.24 -21.39 -14.96
CA GLU E 4 23.84 -21.80 -16.28
C GLU E 4 22.35 -21.80 -16.27
N THR E 5 21.71 -21.53 -17.43
CA THR E 5 20.29 -21.36 -17.38
C THR E 5 19.69 -22.11 -18.52
N THR E 6 18.35 -21.99 -18.66
CA THR E 6 17.62 -22.71 -19.66
C THR E 6 17.78 -21.98 -20.95
N ALA E 7 17.12 -22.49 -22.00
CA ALA E 7 16.97 -21.74 -23.21
C ALA E 7 15.54 -21.88 -23.62
N LEU E 8 14.90 -20.77 -24.05
CA LEU E 8 13.53 -20.85 -24.44
C LEU E 8 13.52 -21.18 -25.91
N VAL E 9 13.06 -22.39 -26.27
CA VAL E 9 13.14 -22.66 -27.67
C VAL E 9 11.79 -22.41 -28.25
N CYS E 10 11.67 -21.34 -29.06
CA CYS E 10 10.42 -21.09 -29.72
C CYS E 10 10.64 -21.37 -31.16
N ASP E 11 9.72 -22.13 -31.77
CA ASP E 11 9.85 -22.47 -33.15
C ASP E 11 8.67 -21.88 -33.86
N ASN E 12 8.94 -20.98 -34.82
CA ASN E 12 7.85 -20.23 -35.38
C ASN E 12 7.36 -20.97 -36.56
N GLY E 13 6.26 -21.74 -36.42
CA GLY E 13 5.78 -22.44 -37.62
C GLY E 13 4.75 -21.65 -38.40
N SER E 14 4.68 -22.01 -39.68
CA SER E 14 3.69 -21.39 -40.56
C SER E 14 2.25 -21.60 -40.11
N GLY E 15 1.95 -22.68 -39.43
CA GLY E 15 0.60 -22.94 -38.95
C GLY E 15 0.61 -23.18 -37.45
N LEU E 16 1.69 -23.72 -36.91
CA LEU E 16 1.75 -24.02 -35.46
C LEU E 16 3.05 -23.47 -34.83
N VAL E 17 2.95 -22.75 -33.68
CA VAL E 17 4.15 -22.48 -32.97
C VAL E 17 4.35 -23.67 -32.10
N LYS E 18 5.62 -24.09 -31.98
CA LYS E 18 5.93 -25.10 -31.01
C LYS E 18 6.93 -24.47 -30.12
N ALA E 19 6.75 -24.60 -28.79
CA ALA E 19 7.71 -23.97 -27.94
C ALA E 19 7.69 -24.66 -26.62
N GLY E 20 8.78 -24.49 -25.84
CA GLY E 20 8.94 -25.20 -24.61
C GLY E 20 10.26 -24.79 -24.04
N PHE E 21 10.89 -25.70 -23.26
CA PHE E 21 12.18 -25.41 -22.70
C PHE E 21 13.15 -26.37 -23.30
N ALA E 22 14.40 -25.92 -23.52
CA ALA E 22 15.38 -26.80 -24.08
C ALA E 22 15.71 -27.83 -23.06
N GLY E 23 16.04 -29.06 -23.52
CA GLY E 23 16.33 -30.11 -22.60
C GLY E 23 15.07 -30.89 -22.36
N ASP E 24 13.97 -30.53 -23.06
CA ASP E 24 12.79 -31.33 -22.99
C ASP E 24 12.68 -32.12 -24.26
N ASP E 25 12.04 -33.30 -24.20
CA ASP E 25 11.96 -34.15 -25.35
C ASP E 25 11.06 -33.58 -26.41
N ALA E 26 9.96 -32.89 -26.04
CA ALA E 26 9.07 -32.38 -27.05
C ALA E 26 8.57 -31.04 -26.61
N PRO E 27 8.05 -30.25 -27.52
CA PRO E 27 7.51 -28.96 -27.20
C PRO E 27 6.37 -29.13 -26.25
N ARG E 28 6.38 -28.39 -25.13
CA ARG E 28 5.30 -28.39 -24.20
C ARG E 28 4.13 -27.66 -24.79
N ALA E 29 4.39 -26.56 -25.52
CA ALA E 29 3.27 -25.77 -25.97
C ALA E 29 3.21 -25.84 -27.46
N VAL E 30 2.02 -26.18 -27.99
CA VAL E 30 1.85 -26.21 -29.42
C VAL E 30 0.54 -25.55 -29.70
N PHE E 31 0.54 -24.42 -30.45
CA PHE E 31 -0.72 -23.79 -30.69
C PHE E 31 -0.73 -23.17 -32.04
N PRO E 32 -1.93 -22.95 -32.51
CA PRO E 32 -2.16 -22.53 -33.85
C PRO E 32 -1.53 -21.19 -34.03
N SER E 33 -0.94 -20.93 -35.22
CA SER E 33 -0.40 -19.63 -35.48
C SER E 33 -1.41 -18.94 -36.35
N ILE E 34 -2.14 -17.97 -35.75
CA ILE E 34 -3.17 -17.31 -36.48
C ILE E 34 -3.39 -15.99 -35.81
N VAL E 35 -4.26 -15.14 -36.41
CA VAL E 35 -4.80 -14.06 -35.64
C VAL E 35 -6.25 -13.96 -36.03
N GLY E 36 -7.18 -13.68 -35.07
CA GLY E 36 -8.56 -13.73 -35.47
C GLY E 36 -9.46 -13.09 -34.44
N ARG E 37 -10.56 -12.50 -34.94
CA ARG E 37 -11.46 -11.65 -34.21
C ARG E 37 -12.85 -11.95 -34.73
N PRO E 38 -13.92 -11.60 -34.06
CA PRO E 38 -15.25 -11.86 -34.55
C PRO E 38 -15.40 -11.20 -35.88
N ARG E 39 -15.63 -11.99 -36.94
CA ARG E 39 -15.82 -11.39 -38.23
C ARG E 39 -17.09 -10.60 -38.21
N HIS E 40 -18.19 -11.23 -37.72
CA HIS E 40 -19.46 -10.58 -37.63
C HIS E 40 -19.48 -9.59 -36.49
N GLN E 41 -18.86 -9.96 -35.34
CA GLN E 41 -18.87 -9.18 -34.14
C GLN E 41 -20.22 -8.57 -33.87
N GLY E 42 -21.10 -9.36 -33.25
CA GLY E 42 -22.50 -9.08 -33.02
C GLY E 42 -22.70 -7.89 -32.15
N VAL E 43 -21.83 -7.71 -31.13
CA VAL E 43 -22.09 -6.95 -29.93
C VAL E 43 -22.55 -7.98 -28.98
N MET E 44 -23.14 -7.62 -27.83
CA MET E 44 -23.99 -8.57 -27.16
C MET E 44 -24.43 -7.90 -25.92
N VAL E 45 -24.28 -8.58 -24.77
CA VAL E 45 -24.45 -7.81 -23.59
C VAL E 45 -23.17 -7.88 -22.80
N GLY E 46 -22.08 -7.30 -23.33
CA GLY E 46 -20.90 -7.36 -22.50
C GLY E 46 -19.75 -7.84 -23.33
N MET E 47 -18.79 -8.50 -22.65
CA MET E 47 -17.49 -8.64 -23.23
C MET E 47 -16.78 -9.71 -22.46
N GLY E 48 -15.43 -9.66 -22.46
CA GLY E 48 -14.68 -10.74 -21.87
C GLY E 48 -14.31 -11.71 -22.95
N GLN E 49 -14.11 -11.21 -24.19
CA GLN E 49 -13.41 -12.02 -25.13
C GLN E 49 -12.14 -11.31 -25.46
N LYS E 50 -11.20 -11.99 -26.15
CA LYS E 50 -9.96 -11.36 -26.47
C LYS E 50 -9.90 -11.21 -27.96
N ASP E 51 -9.40 -10.05 -28.42
CA ASP E 51 -9.70 -9.63 -29.75
C ASP E 51 -9.15 -10.60 -30.75
N SER E 52 -7.85 -10.95 -30.66
CA SER E 52 -7.37 -11.86 -31.66
C SER E 52 -6.47 -12.86 -30.99
N TYR E 53 -7.03 -13.70 -30.10
CA TYR E 53 -6.20 -14.68 -29.48
C TYR E 53 -5.84 -15.74 -30.48
N VAL E 54 -6.83 -16.21 -31.26
CA VAL E 54 -6.61 -17.41 -32.03
C VAL E 54 -6.18 -18.45 -31.04
N GLY E 55 -4.86 -18.74 -31.02
CA GLY E 55 -4.31 -19.55 -29.99
C GLY E 55 -5.00 -20.87 -30.07
N ASP E 56 -5.21 -21.48 -28.89
CA ASP E 56 -6.00 -22.66 -28.77
C ASP E 56 -7.43 -22.33 -29.05
N GLU E 57 -7.90 -21.14 -28.61
CA GLU E 57 -9.30 -20.89 -28.46
C GLU E 57 -9.96 -21.05 -29.79
N ALA E 58 -9.25 -20.65 -30.86
CA ALA E 58 -9.88 -20.45 -32.12
C ALA E 58 -10.52 -21.73 -32.55
N GLN E 59 -9.80 -22.85 -32.36
CA GLN E 59 -10.19 -24.10 -32.95
C GLN E 59 -11.52 -24.53 -32.38
N SER E 60 -11.68 -24.40 -31.04
CA SER E 60 -12.95 -24.65 -30.43
C SER E 60 -13.88 -23.62 -30.96
N LYS E 61 -13.32 -22.42 -31.16
CA LYS E 61 -13.99 -21.19 -31.45
C LYS E 61 -14.55 -21.24 -32.83
N ARG E 62 -14.25 -22.30 -33.62
CA ARG E 62 -14.63 -22.39 -35.02
C ARG E 62 -16.06 -21.96 -35.19
N GLY E 63 -16.28 -21.15 -36.25
CA GLY E 63 -17.59 -20.71 -36.62
C GLY E 63 -17.73 -19.25 -36.30
N ILE E 64 -17.23 -18.80 -35.13
CA ILE E 64 -17.23 -17.39 -34.91
C ILE E 64 -16.16 -16.69 -35.70
N LEU E 65 -14.95 -17.26 -35.74
CA LEU E 65 -13.73 -16.48 -35.87
C LEU E 65 -13.22 -16.40 -37.28
N THR E 66 -12.15 -15.58 -37.46
CA THR E 66 -11.38 -15.46 -38.68
C THR E 66 -9.99 -15.88 -38.39
N LEU E 67 -9.22 -16.25 -39.44
CA LEU E 67 -7.83 -16.53 -39.25
C LEU E 67 -7.03 -15.54 -40.06
N LYS E 68 -5.84 -15.21 -39.54
CA LYS E 68 -4.78 -14.70 -40.37
C LYS E 68 -3.58 -15.50 -39.99
N TYR E 69 -2.63 -15.70 -40.92
CA TYR E 69 -1.38 -16.27 -40.49
C TYR E 69 -0.34 -15.26 -40.83
N PRO E 70 0.23 -14.59 -39.88
CA PRO E 70 1.33 -13.73 -40.16
C PRO E 70 2.40 -14.53 -40.80
N ILE E 71 2.70 -15.69 -40.30
CA ILE E 71 3.84 -16.53 -40.75
C ILE E 71 3.34 -17.47 -41.84
N GLU E 72 2.36 -17.03 -42.63
CA GLU E 72 1.59 -17.86 -43.54
C GLU E 72 2.38 -18.87 -44.33
N HIC E 73 3.45 -18.36 -44.98
CA HIC E 73 4.31 -19.23 -45.76
C HIC E 73 5.67 -19.45 -45.14
O HIC E 73 6.62 -19.83 -45.83
CB HIC E 73 4.45 -18.65 -47.17
CG HIC E 73 3.18 -18.23 -47.83
ND1 HIC E 73 2.71 -16.97 -47.88
CD2 HIC E 73 2.16 -19.00 -48.30
CE1 HIC E 73 1.46 -16.96 -48.31
NE2 HIC E 73 1.10 -18.21 -48.60
CZ HIC E 73 -0.18 -18.61 -49.13
N GLY E 74 5.81 -19.29 -43.81
CA GLY E 74 7.03 -19.56 -43.09
C GLY E 74 7.84 -18.31 -42.77
N ILE E 75 7.69 -17.22 -43.50
CA ILE E 75 8.41 -15.98 -43.23
C ILE E 75 7.44 -15.06 -42.48
N ILE E 76 7.90 -14.29 -41.42
CA ILE E 76 6.96 -13.51 -40.68
C ILE E 76 6.75 -12.20 -41.38
N THR E 77 5.58 -12.09 -42.05
CA THR E 77 5.15 -10.90 -42.74
C THR E 77 4.68 -9.83 -41.80
N ASN E 78 3.98 -10.19 -40.69
CA ASN E 78 3.37 -9.14 -39.90
C ASN E 78 3.99 -9.11 -38.53
N TRP E 79 4.70 -8.02 -38.23
CA TRP E 79 5.38 -7.84 -36.97
C TRP E 79 4.41 -7.62 -35.85
N ASP E 80 3.43 -6.72 -36.02
CA ASP E 80 2.60 -6.36 -34.91
C ASP E 80 1.90 -7.60 -34.47
N ASP E 81 1.34 -8.33 -35.44
CA ASP E 81 0.64 -9.54 -35.14
C ASP E 81 1.65 -10.47 -34.56
N MET E 82 2.89 -10.40 -35.05
CA MET E 82 3.91 -11.30 -34.62
C MET E 82 4.17 -11.08 -33.16
N GLU E 83 4.20 -9.81 -32.70
CA GLU E 83 4.63 -9.55 -31.36
C GLU E 83 3.71 -10.28 -30.43
N LYS E 84 2.41 -10.23 -30.73
CA LYS E 84 1.42 -10.73 -29.82
C LYS E 84 1.59 -12.22 -29.66
N ILE E 85 1.93 -12.94 -30.74
CA ILE E 85 2.03 -14.37 -30.63
C ILE E 85 3.11 -14.69 -29.64
N TRP E 86 4.24 -13.97 -29.73
CA TRP E 86 5.35 -14.25 -28.85
C TRP E 86 4.89 -13.99 -27.46
N HIS E 87 4.07 -12.95 -27.27
CA HIS E 87 3.58 -12.65 -25.95
C HIS E 87 2.82 -13.83 -25.46
N HIS E 88 1.98 -14.42 -26.34
CA HIS E 88 1.11 -15.48 -25.94
C HIS E 88 1.93 -16.64 -25.49
N THR E 89 2.97 -17.01 -26.26
CA THR E 89 3.72 -18.17 -25.90
C THR E 89 4.35 -17.92 -24.56
N PHE E 90 5.03 -16.77 -24.41
CA PHE E 90 5.75 -16.57 -23.20
C PHE E 90 4.78 -16.59 -22.06
N TYR E 91 3.87 -15.60 -22.06
CA TYR E 91 3.06 -15.36 -20.91
C TYR E 91 1.98 -16.40 -20.77
N ASN E 92 1.18 -16.57 -21.83
CA ASN E 92 -0.01 -17.34 -21.64
C ASN E 92 0.30 -18.81 -21.51
N GLU E 93 0.96 -19.39 -22.53
CA GLU E 93 1.17 -20.81 -22.55
C GLU E 93 2.27 -21.23 -21.61
N LEU E 94 3.48 -20.69 -21.83
CA LEU E 94 4.65 -21.12 -21.12
C LEU E 94 4.65 -20.61 -19.71
N ARG E 95 4.07 -19.41 -19.51
CA ARG E 95 4.03 -18.81 -18.21
C ARG E 95 5.41 -18.74 -17.67
N VAL E 96 6.24 -17.93 -18.37
CA VAL E 96 7.62 -17.77 -18.04
C VAL E 96 7.87 -16.30 -18.12
N ALA E 97 9.00 -15.82 -17.57
CA ALA E 97 9.30 -14.43 -17.74
C ALA E 97 10.46 -14.35 -18.67
N PRO E 98 10.31 -13.61 -19.73
CA PRO E 98 11.24 -13.62 -20.81
C PRO E 98 12.54 -13.11 -20.31
N GLU E 99 12.51 -12.33 -19.22
CA GLU E 99 13.66 -11.64 -18.74
C GLU E 99 14.68 -12.67 -18.39
N GLU E 100 14.21 -13.74 -17.73
CA GLU E 100 15.05 -14.71 -17.10
C GLU E 100 15.78 -15.59 -18.08
N HIS E 101 15.20 -15.90 -19.27
CA HIS E 101 15.79 -16.94 -20.06
C HIS E 101 16.30 -16.41 -21.37
N PRO E 102 17.42 -16.94 -21.79
CA PRO E 102 17.85 -16.87 -23.16
C PRO E 102 16.84 -17.58 -24.03
N THR E 103 16.60 -17.06 -25.25
CA THR E 103 15.56 -17.60 -26.08
C THR E 103 16.16 -17.89 -27.43
N LEU E 104 15.77 -19.04 -28.02
CA LEU E 104 16.18 -19.45 -29.33
C LEU E 104 14.95 -19.45 -30.19
N LEU E 105 14.97 -18.65 -31.27
CA LEU E 105 13.89 -18.64 -32.23
C LEU E 105 14.45 -19.23 -33.48
N THR E 106 13.58 -19.83 -34.33
CA THR E 106 14.09 -20.41 -35.54
C THR E 106 13.42 -19.72 -36.69
N GLU E 107 14.04 -19.76 -37.88
CA GLU E 107 13.46 -19.05 -38.98
C GLU E 107 13.52 -19.91 -40.21
N ALA E 108 12.76 -19.47 -41.23
CA ALA E 108 12.53 -20.20 -42.45
C ALA E 108 13.69 -20.03 -43.37
N PRO E 109 13.73 -20.95 -44.29
CA PRO E 109 14.63 -20.91 -45.40
C PRO E 109 14.37 -19.65 -46.18
N LEU E 110 15.44 -19.00 -46.66
CA LEU E 110 15.37 -17.78 -47.41
C LEU E 110 14.67 -16.70 -46.63
N ASN E 111 14.91 -16.64 -45.31
CA ASN E 111 14.44 -15.53 -44.53
C ASN E 111 15.43 -14.42 -44.70
N PRO E 112 14.97 -13.21 -44.93
CA PRO E 112 15.84 -12.11 -45.25
C PRO E 112 16.65 -11.74 -44.06
N LYS E 113 17.80 -11.05 -44.23
CA LYS E 113 18.54 -10.61 -43.09
C LYS E 113 17.71 -9.61 -42.36
N ALA E 114 16.99 -8.76 -43.10
CA ALA E 114 16.25 -7.70 -42.48
C ALA E 114 15.26 -8.34 -41.56
N ASN E 115 14.67 -9.46 -42.01
CA ASN E 115 13.65 -10.13 -41.24
C ASN E 115 14.25 -10.60 -39.94
N ARG E 116 15.48 -11.16 -39.99
CA ARG E 116 16.09 -11.60 -38.77
C ARG E 116 16.20 -10.39 -37.91
N GLU E 117 16.63 -9.28 -38.54
CA GLU E 117 16.96 -8.09 -37.82
C GLU E 117 15.75 -7.57 -37.12
N LYS E 118 14.57 -7.60 -37.78
CA LYS E 118 13.40 -7.13 -37.10
C LYS E 118 13.17 -8.03 -35.93
N MET E 119 13.36 -9.35 -36.12
CA MET E 119 13.05 -10.29 -35.09
C MET E 119 13.88 -9.93 -33.91
N THR E 120 15.17 -9.67 -34.17
CA THR E 120 16.11 -9.57 -33.10
C THR E 120 15.71 -8.42 -32.24
N GLN E 121 15.37 -7.27 -32.87
CA GLN E 121 15.14 -6.10 -32.10
C GLN E 121 13.94 -6.31 -31.23
N ILE E 122 12.93 -7.02 -31.76
CA ILE E 122 11.74 -7.26 -30.99
C ILE E 122 12.10 -8.05 -29.78
N MET E 123 12.98 -9.06 -29.93
CA MET E 123 13.30 -9.87 -28.78
C MET E 123 13.87 -8.99 -27.72
N PHE E 124 14.94 -8.23 -28.07
CA PHE E 124 15.63 -7.50 -27.05
C PHE E 124 14.77 -6.39 -26.54
N GLU E 125 14.29 -5.52 -27.45
CA GLU E 125 13.65 -4.34 -26.98
C GLU E 125 12.32 -4.67 -26.37
N THR E 126 11.47 -5.44 -27.09
CA THR E 126 10.16 -5.68 -26.56
C THR E 126 10.22 -6.59 -25.36
N PHE E 127 10.77 -7.80 -25.56
CA PHE E 127 10.62 -8.90 -24.64
C PHE E 127 11.55 -8.84 -23.47
N ASN E 128 12.77 -8.28 -23.63
CA ASN E 128 13.75 -8.29 -22.57
C ASN E 128 14.26 -9.68 -22.31
N VAL E 129 14.53 -10.46 -23.37
CA VAL E 129 15.31 -11.66 -23.20
C VAL E 129 16.71 -11.23 -22.92
N PRO E 130 17.39 -11.89 -22.01
CA PRO E 130 18.80 -11.69 -21.83
C PRO E 130 19.53 -12.01 -23.08
N ALA E 131 19.17 -13.14 -23.73
CA ALA E 131 19.98 -13.72 -24.76
C ALA E 131 19.09 -14.04 -25.89
N MET E 132 19.65 -14.25 -27.09
CA MET E 132 18.76 -14.60 -28.15
C MET E 132 19.53 -15.29 -29.25
N TYR E 133 18.89 -16.29 -29.91
CA TYR E 133 19.49 -16.97 -31.01
C TYR E 133 18.44 -17.10 -32.06
N VAL E 134 18.86 -17.24 -33.33
CA VAL E 134 17.93 -17.50 -34.39
C VAL E 134 18.45 -18.68 -35.15
N ALA E 135 17.58 -19.70 -35.36
CA ALA E 135 18.06 -21.00 -35.72
C ALA E 135 17.44 -21.35 -37.04
N ILE E 136 18.17 -22.15 -37.84
CA ILE E 136 17.70 -22.44 -39.15
C ILE E 136 16.93 -23.71 -39.06
N GLN E 137 15.64 -23.64 -39.47
CA GLN E 137 14.67 -24.63 -39.07
C GLN E 137 15.08 -25.94 -39.63
N ALA E 138 15.49 -25.97 -40.91
CA ALA E 138 15.88 -27.19 -41.53
C ALA E 138 17.09 -27.69 -40.79
N VAL E 139 17.98 -26.75 -40.42
CA VAL E 139 19.21 -27.11 -39.76
C VAL E 139 18.88 -27.77 -38.46
N LEU E 140 17.89 -27.24 -37.73
CA LEU E 140 17.59 -27.80 -36.45
C LEU E 140 17.17 -29.21 -36.70
N SER E 141 16.38 -29.40 -37.76
CA SER E 141 15.86 -30.69 -38.08
C SER E 141 17.03 -31.59 -38.30
N LEU E 142 18.07 -31.06 -38.97
CA LEU E 142 19.21 -31.88 -39.28
C LEU E 142 19.82 -32.29 -37.98
N TYR E 143 19.86 -31.35 -37.03
CA TYR E 143 20.50 -31.57 -35.77
C TYR E 143 19.78 -32.70 -35.10
N ALA E 144 18.44 -32.67 -35.15
CA ALA E 144 17.66 -33.59 -34.39
C ALA E 144 17.96 -34.98 -34.87
N SER E 145 18.10 -35.14 -36.21
CA SER E 145 18.19 -36.45 -36.80
C SER E 145 19.38 -37.17 -36.26
N GLY E 146 20.59 -36.60 -36.45
CA GLY E 146 21.80 -37.25 -36.02
C GLY E 146 22.58 -37.81 -37.18
N ARG E 147 22.09 -37.71 -38.43
CA ARG E 147 22.79 -38.39 -39.50
C ARG E 147 23.69 -37.45 -40.24
N THR E 148 25.00 -37.80 -40.37
CA THR E 148 25.91 -37.02 -41.15
C THR E 148 25.68 -37.20 -42.63
N THR E 149 25.56 -38.45 -43.14
CA THR E 149 25.56 -38.59 -44.57
C THR E 149 24.16 -38.95 -44.94
N GLY E 150 23.87 -39.05 -46.25
CA GLY E 150 22.55 -39.43 -46.65
C GLY E 150 21.92 -38.21 -47.21
N ILE E 151 20.65 -38.36 -47.63
CA ILE E 151 19.93 -37.26 -48.21
C ILE E 151 18.56 -37.28 -47.61
N VAL E 152 17.98 -36.08 -47.39
CA VAL E 152 16.77 -36.03 -46.61
C VAL E 152 15.68 -35.46 -47.45
N LEU E 153 14.46 -35.97 -47.22
CA LEU E 153 13.27 -35.43 -47.82
C LEU E 153 12.44 -34.91 -46.70
N ASP E 154 12.30 -33.57 -46.60
CA ASP E 154 11.54 -32.96 -45.55
C ASP E 154 10.31 -32.42 -46.19
N SER E 155 9.14 -33.02 -45.93
CA SER E 155 7.99 -32.28 -46.36
C SER E 155 7.08 -32.09 -45.20
N GLY E 156 6.97 -30.81 -44.79
CA GLY E 156 6.09 -30.41 -43.74
C GLY E 156 4.96 -29.66 -44.38
N ASP E 157 4.57 -28.55 -43.73
CA ASP E 157 3.34 -27.85 -43.96
C ASP E 157 3.30 -27.30 -45.34
N GLY E 158 4.43 -26.81 -45.88
CA GLY E 158 4.21 -25.91 -46.97
C GLY E 158 5.44 -25.83 -47.82
N VAL E 159 6.50 -26.56 -47.48
CA VAL E 159 7.53 -26.73 -48.46
C VAL E 159 8.10 -28.11 -48.32
N THR E 160 8.64 -28.68 -49.43
CA THR E 160 9.21 -29.99 -49.35
C THR E 160 10.59 -29.92 -49.98
N HIS E 161 11.64 -30.29 -49.22
CA HIS E 161 12.97 -30.15 -49.74
C HIS E 161 13.62 -31.50 -49.79
N ASN E 162 14.52 -31.68 -50.79
CA ASN E 162 15.44 -32.78 -50.81
C ASN E 162 16.78 -32.17 -50.48
N VAL E 163 17.53 -32.76 -49.54
CA VAL E 163 18.75 -32.10 -49.14
C VAL E 163 19.82 -33.12 -48.88
N PRO E 164 20.82 -33.20 -49.73
CA PRO E 164 21.93 -34.08 -49.53
C PRO E 164 22.79 -33.57 -48.41
N ILE E 165 23.28 -34.45 -47.51
CA ILE E 165 24.28 -34.00 -46.58
C ILE E 165 25.46 -34.89 -46.70
N TYR E 166 26.66 -34.31 -46.77
CA TYR E 166 27.86 -35.09 -46.68
C TYR E 166 28.71 -34.46 -45.63
N GLU E 167 29.05 -35.24 -44.58
CA GLU E 167 29.82 -34.75 -43.49
C GLU E 167 29.27 -33.44 -43.01
N GLY E 168 27.94 -33.43 -42.72
CA GLY E 168 27.34 -32.40 -41.91
C GLY E 168 27.05 -31.19 -42.75
N TYR E 169 27.23 -31.31 -44.07
CA TYR E 169 27.24 -30.14 -44.90
C TYR E 169 26.08 -30.25 -45.83
N ALA E 170 25.22 -29.21 -45.86
CA ALA E 170 24.12 -29.31 -46.77
C ALA E 170 24.60 -28.70 -48.05
N LEU E 171 24.80 -29.54 -49.08
CA LEU E 171 25.39 -29.01 -50.28
C LEU E 171 24.36 -28.12 -50.88
N PRO E 172 24.67 -26.86 -50.88
CA PRO E 172 23.68 -25.84 -51.12
C PRO E 172 23.09 -26.00 -52.48
N HIS E 173 23.95 -26.33 -53.46
CA HIS E 173 23.56 -26.36 -54.84
C HIS E 173 22.61 -27.48 -55.04
N ALA E 174 22.81 -28.58 -54.31
CA ALA E 174 22.06 -29.79 -54.46
C ALA E 174 20.62 -29.51 -54.17
N ILE E 175 20.35 -28.64 -53.17
CA ILE E 175 19.08 -28.56 -52.51
C ILE E 175 18.00 -28.10 -53.44
N MET E 176 16.80 -28.71 -53.29
CA MET E 176 15.71 -28.58 -54.22
C MET E 176 14.56 -27.92 -53.50
N ARG E 177 13.66 -27.25 -54.26
CA ARG E 177 12.48 -26.66 -53.67
C ARG E 177 11.28 -27.24 -54.35
N LEU E 178 10.21 -27.50 -53.56
CA LEU E 178 8.89 -27.65 -54.08
C LEU E 178 8.02 -26.82 -53.19
N ASP E 179 7.12 -26.00 -53.77
CA ASP E 179 6.25 -25.23 -52.93
C ASP E 179 5.33 -26.20 -52.25
N LEU E 180 4.99 -27.31 -52.94
CA LEU E 180 3.96 -28.17 -52.46
C LEU E 180 4.40 -28.80 -51.18
N ALA E 181 3.42 -28.95 -50.27
CA ALA E 181 3.56 -29.63 -49.02
C ALA E 181 2.19 -30.09 -48.69
N GLY E 182 1.54 -29.52 -47.65
CA GLY E 182 0.39 -30.21 -47.17
C GLY E 182 -0.65 -29.19 -46.84
N ARG E 183 -0.26 -27.90 -46.83
CA ARG E 183 -1.26 -26.88 -46.86
C ARG E 183 -1.99 -27.05 -48.16
N ASP E 184 -1.22 -27.30 -49.24
CA ASP E 184 -1.77 -27.43 -50.55
C ASP E 184 -2.68 -28.61 -50.56
N LEU E 185 -2.25 -29.72 -49.92
CA LEU E 185 -3.02 -30.92 -49.95
C LEU E 185 -4.32 -30.64 -49.26
N THR E 186 -4.25 -29.87 -48.16
CA THR E 186 -5.43 -29.55 -47.44
C THR E 186 -6.34 -28.85 -48.40
N ASP E 187 -5.78 -27.91 -49.18
CA ASP E 187 -6.55 -27.13 -50.10
C ASP E 187 -7.11 -28.03 -51.17
N TYR E 188 -6.30 -28.99 -51.65
CA TYR E 188 -6.64 -29.85 -52.76
C TYR E 188 -7.84 -30.66 -52.36
N LEU E 189 -7.80 -31.19 -51.13
CA LEU E 189 -8.77 -32.12 -50.63
C LEU E 189 -10.09 -31.43 -50.58
N MET E 190 -10.09 -30.13 -50.24
CA MET E 190 -11.33 -29.41 -50.17
C MET E 190 -11.94 -29.50 -51.52
N LYS E 191 -11.10 -29.31 -52.54
CA LYS E 191 -11.62 -29.22 -53.86
C LYS E 191 -12.27 -30.51 -54.20
N ILE E 192 -11.56 -31.63 -53.96
CA ILE E 192 -12.01 -32.88 -54.48
C ILE E 192 -13.30 -33.27 -53.83
N LEU E 193 -13.44 -33.03 -52.52
CA LEU E 193 -14.63 -33.44 -51.83
C LEU E 193 -15.81 -32.71 -52.40
N THR E 194 -15.59 -31.45 -52.83
CA THR E 194 -16.68 -30.65 -53.31
C THR E 194 -17.28 -31.26 -54.53
N GLU E 195 -16.46 -31.90 -55.40
CA GLU E 195 -16.97 -32.30 -56.68
C GLU E 195 -18.10 -33.27 -56.50
N ARG E 196 -18.09 -34.03 -55.39
CA ARG E 196 -19.11 -34.99 -55.09
C ARG E 196 -20.43 -34.32 -54.82
N GLY E 197 -20.43 -33.03 -54.42
CA GLY E 197 -21.69 -32.43 -54.05
C GLY E 197 -21.69 -32.17 -52.57
N TYR E 198 -20.47 -32.19 -51.98
CA TYR E 198 -20.23 -31.73 -50.65
C TYR E 198 -19.66 -30.34 -50.78
N SER E 199 -19.80 -29.49 -49.74
CA SER E 199 -19.14 -28.22 -49.86
C SER E 199 -18.30 -27.99 -48.64
N PHE E 200 -17.02 -27.58 -48.84
CA PHE E 200 -16.25 -27.07 -47.74
C PHE E 200 -15.51 -25.87 -48.21
N VAL E 201 -16.17 -24.70 -48.31
CA VAL E 201 -15.38 -23.52 -48.57
C VAL E 201 -14.71 -23.00 -47.32
N THR E 202 -15.44 -22.95 -46.17
CA THR E 202 -15.17 -21.96 -45.16
C THR E 202 -13.96 -22.31 -44.36
N THR E 203 -13.66 -21.43 -43.36
CA THR E 203 -12.59 -21.60 -42.43
C THR E 203 -12.86 -22.76 -41.53
N ALA E 204 -14.09 -22.85 -40.99
CA ALA E 204 -14.38 -23.96 -40.12
C ALA E 204 -14.23 -25.17 -40.96
N GLU E 205 -14.78 -25.07 -42.18
CA GLU E 205 -14.84 -26.14 -43.10
C GLU E 205 -13.44 -26.47 -43.51
N ARG E 206 -12.52 -25.49 -43.44
CA ARG E 206 -11.16 -25.82 -43.74
C ARG E 206 -10.64 -26.80 -42.75
N GLU E 207 -10.89 -26.55 -41.44
CA GLU E 207 -10.26 -27.35 -40.45
C GLU E 207 -10.74 -28.76 -40.64
N ILE E 208 -12.02 -28.91 -40.98
CA ILE E 208 -12.65 -30.20 -41.03
C ILE E 208 -11.96 -31.06 -42.05
N VAL E 209 -11.68 -30.51 -43.24
CA VAL E 209 -11.07 -31.31 -44.26
C VAL E 209 -9.72 -31.75 -43.76
N ARG E 210 -9.02 -30.86 -43.02
CA ARG E 210 -7.72 -31.19 -42.55
C ARG E 210 -7.84 -32.40 -41.67
N ASP E 211 -8.88 -32.44 -40.84
CA ASP E 211 -9.04 -33.56 -39.95
C ASP E 211 -9.17 -34.79 -40.79
N ILE E 212 -9.98 -34.69 -41.86
CA ILE E 212 -10.26 -35.81 -42.70
C ILE E 212 -8.99 -36.24 -43.38
N LYS E 213 -8.15 -35.30 -43.95
CA LYS E 213 -6.86 -35.62 -44.55
C LYS E 213 -5.96 -36.40 -43.61
N GLU E 214 -5.81 -35.89 -42.40
CA GLU E 214 -4.91 -36.51 -41.42
C GLU E 214 -5.42 -37.85 -40.90
N LYS E 215 -6.75 -38.02 -40.74
CA LYS E 215 -7.16 -39.29 -40.25
C LYS E 215 -7.18 -40.31 -41.35
N LEU E 216 -7.88 -39.97 -42.46
CA LEU E 216 -8.15 -40.91 -43.52
C LEU E 216 -7.06 -41.11 -44.57
N CYS E 217 -6.32 -40.06 -45.00
CA CYS E 217 -5.64 -40.10 -46.28
C CYS E 217 -4.53 -41.12 -46.29
N TYR E 218 -4.31 -41.80 -47.45
CA TYR E 218 -3.20 -42.71 -47.57
C TYR E 218 -2.63 -42.69 -48.96
N VAL E 219 -1.36 -43.17 -49.11
CA VAL E 219 -0.66 -43.18 -50.37
C VAL E 219 -0.61 -44.59 -50.88
N ALA E 220 -0.83 -44.75 -52.21
CA ALA E 220 -1.10 -46.02 -52.82
C ALA E 220 0.17 -46.76 -53.12
N LEU E 221 0.05 -48.10 -53.24
CA LEU E 221 1.14 -48.93 -53.68
C LEU E 221 1.42 -48.57 -55.10
N ASP E 222 0.37 -48.49 -55.95
CA ASP E 222 0.54 -48.02 -57.29
C ASP E 222 -0.69 -47.23 -57.63
N PHE E 223 -0.49 -46.00 -58.12
CA PHE E 223 -1.55 -45.06 -58.35
C PHE E 223 -2.49 -45.64 -59.37
N GLU E 224 -1.93 -46.14 -60.48
CA GLU E 224 -2.74 -46.53 -61.59
C GLU E 224 -3.64 -47.65 -61.18
N ASN E 225 -3.09 -48.67 -60.49
CA ASN E 225 -3.87 -49.80 -60.12
C ASN E 225 -4.91 -49.37 -59.14
N GLU E 226 -4.53 -48.44 -58.24
CA GLU E 226 -5.39 -48.09 -57.14
C GLU E 226 -6.66 -47.52 -57.70
N MET E 227 -6.55 -46.71 -58.77
CA MET E 227 -7.75 -46.14 -59.32
C MET E 227 -8.59 -47.27 -59.81
N ALA E 228 -7.94 -48.28 -60.40
CA ALA E 228 -8.62 -49.36 -61.06
C ALA E 228 -9.43 -50.12 -60.06
N THR E 229 -8.87 -50.35 -58.87
CA THR E 229 -9.50 -51.19 -57.86
C THR E 229 -10.72 -50.51 -57.36
N ALA E 230 -10.74 -49.16 -57.38
CA ALA E 230 -11.70 -48.40 -56.64
C ALA E 230 -13.08 -48.82 -57.06
N ALA E 231 -13.26 -49.15 -58.36
CA ALA E 231 -14.61 -49.34 -58.83
C ALA E 231 -15.25 -50.45 -58.04
N SER E 232 -14.59 -51.61 -57.97
CA SER E 232 -15.05 -52.71 -57.17
C SER E 232 -14.55 -52.57 -55.76
N SER E 233 -13.89 -51.44 -55.43
CA SER E 233 -13.36 -51.35 -54.09
C SER E 233 -14.49 -51.07 -53.15
N SER E 234 -14.36 -51.60 -51.92
CA SER E 234 -15.47 -51.64 -51.01
C SER E 234 -15.01 -51.15 -49.68
N SER E 235 -13.67 -51.17 -49.48
CA SER E 235 -13.06 -50.58 -48.33
C SER E 235 -13.04 -49.09 -48.48
N LEU E 236 -13.04 -48.59 -49.74
CA LEU E 236 -12.57 -47.24 -50.00
C LEU E 236 -13.50 -46.22 -49.36
N GLU E 237 -14.76 -46.61 -49.19
CA GLU E 237 -15.94 -45.84 -48.88
C GLU E 237 -16.05 -45.34 -47.46
N LYS E 238 -15.09 -45.60 -46.52
CA LYS E 238 -15.24 -45.31 -45.10
C LYS E 238 -15.87 -43.96 -44.86
N SER E 239 -16.49 -43.81 -43.67
CA SER E 239 -17.39 -42.71 -43.41
C SER E 239 -16.80 -41.82 -42.35
N TYR E 240 -17.17 -40.52 -42.40
CA TYR E 240 -16.62 -39.52 -41.52
C TYR E 240 -17.78 -38.74 -40.99
N GLU E 241 -17.77 -38.39 -39.69
CA GLU E 241 -18.88 -37.64 -39.15
C GLU E 241 -18.49 -36.20 -39.13
N LEU E 242 -19.35 -35.34 -39.70
CA LEU E 242 -19.17 -33.92 -39.65
C LEU E 242 -19.67 -33.45 -38.33
N PRO E 243 -19.20 -32.34 -37.88
CA PRO E 243 -19.62 -31.75 -36.64
C PRO E 243 -21.08 -31.42 -36.73
N ASP E 244 -21.59 -31.22 -37.96
CA ASP E 244 -22.97 -30.83 -38.17
C ASP E 244 -23.84 -31.96 -37.77
N GLY E 245 -23.31 -33.18 -37.86
CA GLY E 245 -24.05 -34.35 -37.52
C GLY E 245 -24.15 -35.21 -38.75
N GLN E 246 -24.14 -34.57 -39.94
CA GLN E 246 -24.26 -35.30 -41.17
C GLN E 246 -22.99 -36.06 -41.39
N VAL E 247 -23.07 -37.09 -42.24
CA VAL E 247 -21.93 -37.95 -42.40
C VAL E 247 -21.57 -37.99 -43.86
N ILE E 248 -20.26 -37.85 -44.15
CA ILE E 248 -19.77 -37.93 -45.50
C ILE E 248 -19.14 -39.27 -45.65
N THR E 249 -19.06 -39.76 -46.89
CA THR E 249 -18.32 -40.96 -47.19
C THR E 249 -17.18 -40.54 -48.06
N ILE E 250 -15.98 -41.14 -47.84
CA ILE E 250 -14.81 -40.71 -48.54
C ILE E 250 -14.25 -41.86 -49.35
N GLY E 251 -14.77 -42.13 -50.57
CA GLY E 251 -14.27 -43.30 -51.22
C GLY E 251 -12.87 -43.19 -51.78
N ASN E 252 -12.72 -42.48 -52.92
CA ASN E 252 -11.49 -42.48 -53.66
C ASN E 252 -10.54 -41.44 -53.18
N GLU E 253 -11.10 -40.39 -52.56
CA GLU E 253 -10.39 -39.17 -52.29
C GLU E 253 -9.22 -39.48 -51.44
N ARG E 254 -9.31 -40.56 -50.63
CA ARG E 254 -8.35 -40.80 -49.61
C ARG E 254 -6.98 -40.84 -50.21
N PHE E 255 -6.76 -41.68 -51.24
CA PHE E 255 -5.49 -41.72 -51.91
C PHE E 255 -5.29 -40.59 -52.88
N ARG E 256 -6.37 -40.05 -53.46
CA ARG E 256 -6.27 -39.14 -54.57
C ARG E 256 -5.40 -38.01 -54.15
N CYS E 257 -5.63 -37.50 -52.93
CA CYS E 257 -5.03 -36.29 -52.44
C CYS E 257 -3.52 -36.42 -52.37
N PRO E 258 -2.98 -37.40 -51.70
CA PRO E 258 -1.55 -37.49 -51.51
C PRO E 258 -0.86 -37.82 -52.79
N GLU E 259 -1.61 -38.25 -53.82
CA GLU E 259 -1.00 -38.68 -55.04
C GLU E 259 -0.25 -37.52 -55.55
N THR E 260 -0.74 -36.32 -55.20
CA THR E 260 -0.27 -35.06 -55.71
C THR E 260 1.18 -34.90 -55.37
N LEU E 261 1.63 -35.39 -54.20
CA LEU E 261 3.01 -35.18 -53.85
C LEU E 261 3.82 -35.86 -54.90
N PHE E 262 3.45 -37.11 -55.24
CA PHE E 262 4.12 -37.81 -56.28
C PHE E 262 3.85 -37.13 -57.60
N GLN E 263 2.60 -36.69 -57.83
CA GLN E 263 2.30 -36.07 -59.09
C GLN E 263 1.79 -34.68 -58.85
N PRO E 264 2.64 -33.71 -58.95
CA PRO E 264 2.29 -32.34 -58.70
C PRO E 264 1.33 -31.85 -59.73
N SER E 265 1.19 -32.56 -60.86
CA SER E 265 0.39 -32.05 -61.94
C SER E 265 -1.01 -31.94 -61.45
N PHE E 266 -1.34 -32.66 -60.36
CA PHE E 266 -2.70 -32.65 -59.90
C PHE E 266 -3.09 -31.24 -59.57
N ILE E 267 -2.33 -30.55 -58.71
CA ILE E 267 -2.71 -29.21 -58.38
C ILE E 267 -2.51 -28.30 -59.54
N GLY E 268 -1.50 -28.56 -60.40
CA GLY E 268 -1.16 -27.57 -61.39
C GLY E 268 0.29 -27.22 -61.21
N MET E 269 1.00 -27.98 -60.35
CA MET E 269 2.42 -27.79 -60.28
C MET E 269 3.05 -28.50 -61.43
N GLU E 270 3.98 -27.78 -62.10
CA GLU E 270 4.85 -28.26 -63.12
C GLU E 270 5.85 -29.16 -62.48
N SER E 271 6.03 -28.98 -61.16
CA SER E 271 7.13 -29.49 -60.39
C SER E 271 7.29 -30.96 -60.62
N ALA E 272 8.56 -31.42 -60.55
CA ALA E 272 8.84 -32.83 -60.51
C ALA E 272 8.35 -33.31 -59.19
N GLY E 273 7.68 -34.48 -59.18
CA GLY E 273 7.11 -35.02 -57.99
C GLY E 273 8.24 -35.62 -57.21
N ILE E 274 7.96 -36.03 -55.96
CA ILE E 274 8.98 -36.07 -54.95
C ILE E 274 10.09 -36.96 -55.38
N HIS E 275 9.76 -38.14 -55.93
CA HIS E 275 10.80 -39.10 -56.20
C HIS E 275 11.78 -38.50 -57.15
N GLU E 276 11.31 -37.83 -58.21
CA GLU E 276 12.19 -37.38 -59.24
C GLU E 276 13.15 -36.38 -58.67
N THR E 277 12.65 -35.46 -57.83
CA THR E 277 13.48 -34.40 -57.33
C THR E 277 14.59 -35.02 -56.55
N THR E 278 14.27 -36.11 -55.82
CA THR E 278 15.24 -36.75 -54.98
C THR E 278 16.38 -37.13 -55.86
N TYR E 279 16.04 -37.81 -56.96
CA TYR E 279 16.99 -38.36 -57.89
C TYR E 279 17.74 -37.23 -58.48
N ASN E 280 17.02 -36.14 -58.82
CA ASN E 280 17.66 -35.02 -59.44
C ASN E 280 18.70 -34.52 -58.51
N SER E 281 18.41 -34.51 -57.19
CA SER E 281 19.31 -33.97 -56.22
C SER E 281 20.57 -34.78 -56.17
N ILE E 282 20.45 -36.12 -56.16
CA ILE E 282 21.59 -36.97 -55.96
C ILE E 282 22.53 -36.84 -57.12
N MET E 283 21.99 -36.85 -58.34
CA MET E 283 22.80 -36.82 -59.53
C MET E 283 23.52 -35.51 -59.55
N LYS E 284 22.89 -34.48 -58.95
CA LYS E 284 23.50 -33.20 -58.81
C LYS E 284 24.73 -33.32 -57.95
N CYS E 285 24.76 -34.30 -57.01
CA CYS E 285 25.94 -34.46 -56.20
C CYS E 285 26.93 -35.32 -56.93
N ASP E 286 28.15 -35.42 -56.39
CA ASP E 286 29.22 -36.11 -57.05
C ASP E 286 28.88 -37.56 -57.08
N ILE E 287 29.45 -38.29 -58.07
CA ILE E 287 29.03 -39.63 -58.34
C ILE E 287 29.32 -40.48 -57.14
N ASP E 288 30.50 -40.28 -56.53
CA ASP E 288 30.99 -41.20 -55.54
C ASP E 288 30.07 -41.19 -54.35
N ILE E 289 29.68 -40.00 -53.87
CA ILE E 289 28.95 -39.88 -52.64
C ILE E 289 27.61 -40.52 -52.79
N ARG E 290 27.09 -40.56 -54.02
CA ARG E 290 25.71 -40.90 -54.27
C ARG E 290 25.44 -42.23 -53.65
N LYS E 291 26.45 -43.12 -53.59
CA LYS E 291 26.23 -44.41 -53.02
C LYS E 291 25.73 -44.21 -51.62
N ASP E 292 26.39 -43.32 -50.86
CA ASP E 292 26.02 -43.09 -49.49
C ASP E 292 24.65 -42.48 -49.46
N LEU E 293 24.34 -41.57 -50.40
CA LEU E 293 23.09 -40.86 -50.35
C LEU E 293 21.99 -41.87 -50.46
N TYR E 294 22.14 -42.81 -51.40
CA TYR E 294 21.10 -43.73 -51.72
C TYR E 294 20.83 -44.54 -50.48
N ALA E 295 21.91 -44.99 -49.82
CA ALA E 295 21.78 -45.87 -48.70
C ALA E 295 21.03 -45.16 -47.63
N ASN E 296 21.36 -43.87 -47.41
CA ASN E 296 20.73 -43.19 -46.32
C ASN E 296 19.86 -42.11 -46.86
N ASN E 297 18.56 -42.39 -47.08
CA ASN E 297 17.72 -41.24 -47.21
C ASN E 297 16.43 -41.49 -46.51
N VAL E 298 15.85 -40.36 -46.08
CA VAL E 298 15.57 -40.19 -44.70
C VAL E 298 14.42 -39.25 -44.64
N MET E 299 13.31 -39.68 -43.98
CA MET E 299 12.11 -38.94 -44.13
C MET E 299 11.95 -38.06 -42.94
N SER E 300 11.35 -36.87 -43.15
CA SER E 300 11.13 -35.97 -42.06
C SER E 300 9.85 -35.24 -42.34
N GLY E 301 9.30 -34.59 -41.30
CA GLY E 301 8.30 -33.59 -41.53
C GLY E 301 6.94 -34.22 -41.40
N GLY E 302 5.94 -33.37 -41.18
CA GLY E 302 4.59 -33.90 -40.97
C GLY E 302 3.99 -34.63 -42.15
N THR E 303 4.31 -34.12 -43.35
CA THR E 303 3.75 -34.67 -44.59
C THR E 303 4.45 -35.94 -44.98
N THR E 304 5.48 -36.39 -44.23
CA THR E 304 6.02 -37.71 -44.48
C THR E 304 5.46 -38.75 -43.52
N MET E 305 4.40 -38.44 -42.75
CA MET E 305 3.83 -39.31 -41.79
C MET E 305 2.91 -40.37 -42.36
N TYR E 306 2.53 -40.28 -43.63
CA TYR E 306 1.61 -41.30 -44.17
C TYR E 306 2.14 -42.72 -44.11
N PRO E 307 1.40 -43.64 -43.59
CA PRO E 307 1.88 -44.99 -43.60
C PRO E 307 1.91 -45.39 -45.04
N GLY E 308 2.94 -46.16 -45.46
CA GLY E 308 3.03 -46.58 -46.83
C GLY E 308 3.97 -45.65 -47.54
N ILE E 309 4.38 -44.54 -46.89
CA ILE E 309 5.20 -43.61 -47.59
C ILE E 309 6.51 -44.23 -47.92
N ALA E 310 7.18 -44.88 -46.92
CA ALA E 310 8.52 -45.35 -47.09
C ALA E 310 8.55 -46.44 -48.10
N ASP E 311 7.61 -47.40 -47.99
CA ASP E 311 7.74 -48.60 -48.77
C ASP E 311 7.64 -48.22 -50.20
N ARG E 312 6.72 -47.28 -50.53
CA ARG E 312 6.58 -46.88 -51.89
C ARG E 312 7.84 -46.20 -52.31
N MET E 313 8.41 -45.33 -51.46
CA MET E 313 9.44 -44.43 -51.91
C MET E 313 10.58 -45.26 -52.41
N GLN E 314 10.91 -46.35 -51.69
CA GLN E 314 11.98 -47.18 -52.15
C GLN E 314 11.58 -47.79 -53.46
N LYS E 315 10.30 -48.19 -53.61
CA LYS E 315 9.91 -48.84 -54.81
C LYS E 315 10.18 -47.90 -55.95
N GLU E 316 9.79 -46.63 -55.76
CA GLU E 316 9.98 -45.66 -56.80
C GLU E 316 11.44 -45.43 -57.03
N ILE E 317 12.22 -45.26 -55.93
CA ILE E 317 13.59 -44.87 -56.07
C ILE E 317 14.35 -45.95 -56.76
N THR E 318 14.09 -47.21 -56.36
CA THR E 318 14.86 -48.30 -56.87
C THR E 318 14.67 -48.31 -58.35
N ALA E 319 13.44 -48.01 -58.81
CA ALA E 319 13.16 -48.06 -60.20
C ALA E 319 14.06 -47.07 -60.89
N LEU E 320 14.19 -45.86 -60.33
CA LEU E 320 14.99 -44.86 -60.97
C LEU E 320 16.45 -45.24 -60.95
N ALA E 321 16.97 -45.70 -59.79
CA ALA E 321 18.38 -45.85 -59.59
C ALA E 321 18.85 -47.18 -60.12
N PRO E 322 20.16 -47.31 -60.25
CA PRO E 322 20.79 -48.41 -60.96
C PRO E 322 20.64 -49.72 -60.25
N SER E 323 21.06 -50.80 -60.94
CA SER E 323 20.86 -52.17 -60.58
C SER E 323 21.39 -52.46 -59.20
N THR E 324 22.73 -52.58 -59.10
CA THR E 324 23.40 -53.22 -57.98
C THR E 324 23.26 -52.38 -56.75
N MET E 325 23.07 -51.06 -56.95
CA MET E 325 23.11 -50.04 -55.94
C MET E 325 22.08 -50.32 -54.87
N LYS E 326 22.49 -50.14 -53.58
CA LYS E 326 21.70 -50.49 -52.43
C LYS E 326 20.93 -49.29 -51.96
N ILE E 327 19.66 -49.50 -51.54
CA ILE E 327 18.82 -48.40 -51.19
C ILE E 327 18.19 -48.65 -49.85
N LYS E 328 18.18 -47.62 -48.97
CA LYS E 328 17.46 -47.74 -47.73
C LYS E 328 16.61 -46.52 -47.59
N ILE E 329 15.41 -46.66 -47.02
CA ILE E 329 14.61 -45.51 -46.71
C ILE E 329 14.36 -45.53 -45.23
N ILE E 330 14.65 -44.39 -44.56
CA ILE E 330 14.56 -44.36 -43.12
C ILE E 330 13.59 -43.29 -42.76
N ALA E 331 12.71 -43.57 -41.76
CA ALA E 331 11.90 -42.51 -41.25
C ALA E 331 11.89 -42.62 -39.75
N PRO E 332 12.10 -41.50 -39.11
CA PRO E 332 12.01 -41.36 -37.68
C PRO E 332 10.57 -41.42 -37.24
N PRO E 333 10.34 -42.02 -36.10
CA PRO E 333 9.00 -42.23 -35.58
C PRO E 333 8.20 -40.99 -35.31
N GLU E 334 8.77 -39.96 -34.65
CA GLU E 334 7.98 -38.77 -34.49
C GLU E 334 8.70 -37.69 -35.21
N ARG E 335 8.51 -37.70 -36.54
CA ARG E 335 9.24 -36.88 -37.46
C ARG E 335 8.85 -35.44 -37.33
N LYS E 336 7.54 -35.13 -37.05
CA LYS E 336 7.06 -33.79 -37.24
C LYS E 336 7.75 -32.89 -36.26
N TYR E 337 7.89 -33.37 -35.01
CA TYR E 337 8.53 -32.51 -34.01
C TYR E 337 10.05 -32.55 -34.15
N SER E 338 10.53 -33.00 -35.30
CA SER E 338 11.96 -33.09 -35.56
C SER E 338 12.61 -31.71 -35.55
N VAL E 339 11.85 -30.71 -35.97
CA VAL E 339 12.34 -29.33 -36.02
C VAL E 339 12.53 -28.77 -34.62
N TRP E 340 11.58 -29.04 -33.80
CA TRP E 340 11.64 -28.50 -32.48
C TRP E 340 12.78 -29.15 -31.76
N ILE E 341 12.92 -30.47 -31.91
CA ILE E 341 13.91 -31.20 -31.16
C ILE E 341 15.25 -30.64 -31.54
N GLY E 342 15.47 -30.45 -32.85
CA GLY E 342 16.78 -30.12 -33.31
C GLY E 342 17.16 -28.84 -32.67
N GLY E 343 16.20 -27.89 -32.60
CA GLY E 343 16.44 -26.65 -31.93
C GLY E 343 16.67 -26.94 -30.48
N SER E 344 15.89 -27.88 -29.94
CA SER E 344 15.92 -28.12 -28.53
C SER E 344 17.32 -28.47 -28.17
N ILE E 345 17.99 -29.25 -29.02
CA ILE E 345 19.33 -29.65 -28.70
C ILE E 345 20.25 -28.46 -28.72
N LEU E 346 20.27 -27.72 -29.84
CA LEU E 346 21.33 -26.78 -30.07
C LEU E 346 21.12 -25.53 -29.24
N ALA E 347 19.87 -25.19 -28.87
CA ALA E 347 19.71 -24.22 -27.83
C ALA E 347 20.33 -24.79 -26.59
N SER E 348 20.06 -26.08 -26.33
CA SER E 348 20.51 -26.78 -25.17
C SER E 348 21.95 -27.17 -25.32
N LEU E 349 22.72 -26.50 -26.20
CA LEU E 349 24.07 -26.95 -26.28
C LEU E 349 24.94 -26.10 -25.41
N SER E 350 25.34 -26.67 -24.26
CA SER E 350 26.10 -26.01 -23.24
C SER E 350 27.47 -25.73 -23.78
N THR E 351 28.06 -26.72 -24.46
CA THR E 351 29.41 -26.62 -24.92
C THR E 351 29.45 -25.48 -25.89
N PHE E 352 28.42 -25.40 -26.74
CA PHE E 352 28.26 -24.44 -27.79
C PHE E 352 27.81 -23.10 -27.31
N GLN E 353 27.45 -22.99 -26.01
CA GLN E 353 26.63 -21.93 -25.46
C GLN E 353 27.17 -20.60 -25.91
N GLN E 354 28.47 -20.50 -26.21
CA GLN E 354 29.06 -19.25 -26.60
C GLN E 354 28.32 -18.72 -27.81
N MET E 355 27.70 -19.59 -28.62
CA MET E 355 27.06 -19.18 -29.84
C MET E 355 25.99 -18.16 -29.54
N TRP E 356 25.24 -18.33 -28.43
CA TRP E 356 24.04 -17.57 -28.18
C TRP E 356 24.35 -16.11 -28.31
N ILE E 357 23.34 -15.32 -28.73
CA ILE E 357 23.57 -13.93 -28.99
C ILE E 357 23.13 -13.14 -27.80
N THR E 358 23.90 -12.08 -27.51
CA THR E 358 23.77 -11.38 -26.26
C THR E 358 23.21 -10.03 -26.51
N LYS E 359 22.70 -9.43 -25.43
CA LYS E 359 22.16 -8.11 -25.43
C LYS E 359 23.27 -7.18 -25.81
N GLN E 360 24.48 -7.42 -25.27
CA GLN E 360 25.58 -6.55 -25.54
C GLN E 360 25.90 -6.63 -27.00
N GLU E 361 25.88 -7.85 -27.57
CA GLU E 361 26.23 -7.98 -28.95
C GLU E 361 25.24 -7.21 -29.76
N TYR E 362 23.96 -7.31 -29.35
CA TYR E 362 22.88 -6.64 -30.05
C TYR E 362 23.16 -5.18 -29.98
N ASP E 363 23.53 -4.68 -28.79
CA ASP E 363 23.76 -3.27 -28.71
C ASP E 363 24.92 -2.93 -29.62
N GLU E 364 26.04 -3.66 -29.49
CA GLU E 364 27.22 -3.20 -30.16
C GLU E 364 27.06 -3.29 -31.64
N ALA E 365 26.91 -4.54 -32.16
CA ALA E 365 26.78 -4.79 -33.57
C ALA E 365 25.43 -4.35 -34.06
N GLY E 366 24.39 -4.58 -33.24
CA GLY E 366 23.04 -4.55 -33.73
C GLY E 366 22.53 -5.97 -33.77
N PRO E 367 21.30 -6.10 -34.15
CA PRO E 367 20.64 -7.37 -34.26
C PRO E 367 21.39 -8.15 -35.29
N SER E 368 22.10 -7.42 -36.16
CA SER E 368 22.69 -7.94 -37.36
C SER E 368 23.67 -8.97 -36.92
N ILE E 369 24.10 -8.86 -35.65
CA ILE E 369 25.16 -9.65 -35.12
C ILE E 369 24.73 -11.07 -35.25
N VAL E 370 23.45 -11.36 -34.93
CA VAL E 370 22.93 -12.69 -34.96
C VAL E 370 22.99 -13.17 -36.37
N HIS E 371 22.70 -12.25 -37.33
CA HIS E 371 22.74 -12.60 -38.72
C HIS E 371 24.15 -12.87 -39.17
N ARG E 372 25.10 -11.96 -38.86
CA ARG E 372 26.31 -12.05 -39.61
C ARG E 372 27.37 -12.66 -38.76
N LYS E 373 27.99 -13.73 -39.30
CA LYS E 373 28.92 -14.55 -38.58
C LYS E 373 28.23 -15.14 -37.40
N CYS E 374 26.94 -15.48 -37.55
CA CYS E 374 26.38 -16.48 -36.69
C CYS E 374 24.92 -16.60 -37.02
N PHE E 375 24.17 -17.26 -36.12
CA PHE E 375 22.78 -17.46 -36.34
C PHE E 375 22.03 -16.65 -35.31
PB ADP F . -46.01 -10.57 -26.77
O1B ADP F . -46.93 -9.46 -26.37
O2B ADP F . -44.70 -10.32 -26.12
O3B ADP F . -45.97 -10.90 -28.28
PA ADP F . -46.26 -12.65 -24.71
O1A ADP F . -46.43 -11.70 -23.59
O2A ADP F . -45.01 -13.42 -24.70
O3A ADP F . -46.52 -11.91 -26.08
O5' ADP F . -47.42 -13.77 -24.66
C5' ADP F . -48.82 -13.31 -24.62
C4' ADP F . -49.64 -14.41 -25.29
O4' ADP F . -49.41 -15.64 -24.55
C3' ADP F . -51.16 -14.10 -25.23
O3' ADP F . -51.72 -14.55 -26.49
C2' ADP F . -51.63 -15.04 -24.12
O2' ADP F . -53.00 -15.45 -24.26
C1' ADP F . -50.64 -16.18 -24.18
N9 ADP F . -50.53 -16.97 -22.97
C8 ADP F . -50.23 -16.56 -21.70
N7 ADP F . -50.23 -17.48 -20.78
C5 ADP F . -50.52 -18.57 -21.49
C6 ADP F . -50.67 -19.88 -21.07
N6 ADP F . -50.52 -20.26 -19.79
N1 ADP F . -50.97 -20.76 -22.01
C2 ADP F . -51.14 -20.40 -23.35
N3 ADP F . -51.03 -19.16 -23.83
C4 ADP F . -50.71 -18.33 -22.82
PB ADP G . 6.22 -27.00 -41.32
O1B ADP G . 5.37 -26.03 -40.59
O2B ADP G . 7.45 -27.21 -40.55
O3B ADP G . 6.42 -26.71 -42.84
PA ADP G . 5.50 -29.67 -40.34
O1A ADP G . 5.30 -29.22 -38.93
O2A ADP G . 6.67 -30.55 -40.54
O3A ADP G . 5.49 -28.41 -41.29
O5' ADP G . 4.26 -30.54 -40.83
C5' ADP G . 2.92 -29.94 -40.70
C4' ADP G . 2.07 -30.56 -41.82
O4' ADP G . 2.09 -32.01 -41.63
C3' ADP G . 0.59 -30.09 -41.75
O3' ADP G . 0.16 -29.93 -43.13
C2' ADP G . -0.09 -31.33 -41.16
O2' ADP G . -1.48 -31.45 -41.55
C1' ADP G . 0.78 -32.46 -41.60
N9 ADP G . 0.67 -33.69 -40.82
C8 ADP G . 0.84 -33.85 -39.48
N7 ADP G . 0.64 -35.05 -39.01
C5 ADP G . 0.34 -35.72 -40.12
C6 ADP G . 0.01 -37.06 -40.30
N6 ADP G . -0.04 -37.93 -39.28
N1 ADP G . -0.26 -37.43 -41.53
C2 ADP G . -0.22 -36.55 -42.61
N3 ADP G . 0.07 -35.27 -42.53
C4 ADP G . 0.34 -34.95 -41.25
#